data_2H2B
# 
_entry.id   2H2B 
# 
_audit_conform.dict_name       mmcif_pdbx.dic 
_audit_conform.dict_version    5.377 
_audit_conform.dict_location   http://mmcif.pdb.org/dictionaries/ascii/mmcif_pdbx.dic 
# 
loop_
_database_2.database_id 
_database_2.database_code 
_database_2.pdbx_database_accession 
_database_2.pdbx_DOI 
PDB   2H2B         pdb_00002h2b 10.2210/pdb2h2b/pdb 
RCSB  RCSB037840   ?            ?                   
WWPDB D_1000037840 ?            ?                   
# 
loop_
_pdbx_database_related.db_name 
_pdbx_database_related.db_id 
_pdbx_database_related.details 
_pdbx_database_related.content_type 
PDB 2H2C . unspecified 
PDB 2H3L . unspecified 
PDB 2H3M . unspecified 
# 
_pdbx_database_status.entry_id                        2H2B 
_pdbx_database_status.deposit_site                    RCSB 
_pdbx_database_status.process_site                    RCSB 
_pdbx_database_status.recvd_initial_deposition_date   2006-05-18 
_pdbx_database_status.status_code                     REL 
_pdbx_database_status.status_code_sf                  REL 
_pdbx_database_status.status_code_mr                  ? 
_pdbx_database_status.SG_entry                        ? 
_pdbx_database_status.pdb_format_compatible           Y 
_pdbx_database_status.status_code_cs                  ? 
_pdbx_database_status.methods_development_category    ? 
_pdbx_database_status.status_code_nmr_data            ? 
# 
loop_
_audit_author.name 
_audit_author.pdbx_ordinal 
'Appleton, B.A.' 1 
'Zhang, Y.'      2 
'Wu, P.'         3 
'Yin, J.P.'      4 
'Hunziker, W.'   5 
'Skelton, N.J.'  6 
'Sidhu, S.S.'    7 
'Wiesmann, C.'   8 
# 
loop_
_citation.id 
_citation.title 
_citation.journal_abbrev 
_citation.journal_volume 
_citation.page_first 
_citation.page_last 
_citation.year 
_citation.journal_id_ASTM 
_citation.country 
_citation.journal_id_ISSN 
_citation.journal_id_CSD 
_citation.book_publisher 
_citation.pdbx_database_id_PubMed 
_citation.pdbx_database_id_DOI 
primary 
;Comparative structural analysis of the Erbin PDZ domain and the first PDZ domain of ZO-1. Insights into determinants of PDZ domain specificity.
;
J.Biol.Chem. 281 22312 22320 2006 JBCHA3 US 0021-9258 0071 ? 16737969 10.1074/jbc.M602901200 
1       'Convergent and Divergent Ligand Specificity Amongst the PDZ Domains of the LAP and ZO Families' J.Biol.Chem. 281 22299 
22311 2006 JBCHA3 US 0021-9258 0071 ? 16737968 10.1074/jbc.M602902200 
# 
loop_
_citation_author.citation_id 
_citation_author.name 
_citation_author.ordinal 
_citation_author.identifier_ORCID 
primary 'Appleton, B.A.' 1  ? 
primary 'Zhang, Y.'      2  ? 
primary 'Wu, P.'         3  ? 
primary 'Yin, J.P.'      4  ? 
primary 'Hunziker, W.'   5  ? 
primary 'Skelton, N.J.'  6  ? 
primary 'Sidhu, S.S.'    7  ? 
primary 'Wiesmann, C.'   8  ? 
1       'Zhang, Y.'      9  ? 
1       'Yeh, S.'        10 ? 
1       'Appleton, B.A.' 11 ? 
1       'Held, H.A.'     12 ? 
1       'Kausalya, J.P.' 13 ? 
1       'Phua, D.C.Y.'   14 ? 
1       'Wong, W.L.'     15 ? 
1       'Lasky, L.A.'    16 ? 
1       'Wiesmann, C.'   17 ? 
1       'Hunziker, W.'   18 ? 
1       'Sidhu, S.S.'    19 ? 
# 
_cell.entry_id           2H2B 
_cell.length_a           52.425 
_cell.length_b           52.425 
_cell.length_c           92.932 
_cell.angle_alpha        90.00 
_cell.angle_beta         90.00 
_cell.angle_gamma        90.00 
_cell.Z_PDB              8 
_cell.pdbx_unique_axis   ? 
_cell.length_a_esd       ? 
_cell.length_b_esd       ? 
_cell.length_c_esd       ? 
_cell.angle_alpha_esd    ? 
_cell.angle_beta_esd     ? 
_cell.angle_gamma_esd    ? 
# 
_symmetry.entry_id                         2H2B 
_symmetry.space_group_name_H-M             'P 41 21 2' 
_symmetry.pdbx_full_space_group_name_H-M   ? 
_symmetry.cell_setting                     ? 
_symmetry.Int_Tables_number                92 
_symmetry.space_group_name_Hall            ? 
# 
loop_
_entity.id 
_entity.type 
_entity.src_method 
_entity.pdbx_description 
_entity.formula_weight 
_entity.pdbx_number_of_molecules 
_entity.pdbx_ec 
_entity.pdbx_mutation 
_entity.pdbx_fragment 
_entity.details 
1 polymer     man 'Tight junction protein ZO-1' 11716.234 1   ? ? 'First PDZ domain' ? 
2 non-polymer syn 'ACETIC ACID'                 60.052    1   ? ? ?                  ? 
3 water       nat water                         18.015    109 ? ? ?                  ? 
# 
_entity_name_com.entity_id   1 
_entity_name_com.name        'Zonula occludens 1 protein, Zona occludens 1 protein, Tight junction protein 1' 
# 
_entity_poly.entity_id                      1 
_entity_poly.type                           'polypeptide(L)' 
_entity_poly.nstd_linkage                   no 
_entity_poly.nstd_monomer                   no 
_entity_poly.pdbx_seq_one_letter_code       
;GSHMIWEQHTVTLHRAPGFGFGIAISGGRDNPHFQSGETSIVISDVLKGGPAEGQLQENDRVAMVNGVSMDNVEHAFAVQ
QLRKSGKNAKITIRRKKGGGWRRTTYL
;
_entity_poly.pdbx_seq_one_letter_code_can   
;GSHMIWEQHTVTLHRAPGFGFGIAISGGRDNPHFQSGETSIVISDVLKGGPAEGQLQENDRVAMVNGVSMDNVEHAFAVQ
QLRKSGKNAKITIRRKKGGGWRRTTYL
;
_entity_poly.pdbx_strand_id                 A 
_entity_poly.pdbx_target_identifier         ? 
# 
loop_
_entity_poly_seq.entity_id 
_entity_poly_seq.num 
_entity_poly_seq.mon_id 
_entity_poly_seq.hetero 
1 1   GLY n 
1 2   SER n 
1 3   HIS n 
1 4   MET n 
1 5   ILE n 
1 6   TRP n 
1 7   GLU n 
1 8   GLN n 
1 9   HIS n 
1 10  THR n 
1 11  VAL n 
1 12  THR n 
1 13  LEU n 
1 14  HIS n 
1 15  ARG n 
1 16  ALA n 
1 17  PRO n 
1 18  GLY n 
1 19  PHE n 
1 20  GLY n 
1 21  PHE n 
1 22  GLY n 
1 23  ILE n 
1 24  ALA n 
1 25  ILE n 
1 26  SER n 
1 27  GLY n 
1 28  GLY n 
1 29  ARG n 
1 30  ASP n 
1 31  ASN n 
1 32  PRO n 
1 33  HIS n 
1 34  PHE n 
1 35  GLN n 
1 36  SER n 
1 37  GLY n 
1 38  GLU n 
1 39  THR n 
1 40  SER n 
1 41  ILE n 
1 42  VAL n 
1 43  ILE n 
1 44  SER n 
1 45  ASP n 
1 46  VAL n 
1 47  LEU n 
1 48  LYS n 
1 49  GLY n 
1 50  GLY n 
1 51  PRO n 
1 52  ALA n 
1 53  GLU n 
1 54  GLY n 
1 55  GLN n 
1 56  LEU n 
1 57  GLN n 
1 58  GLU n 
1 59  ASN n 
1 60  ASP n 
1 61  ARG n 
1 62  VAL n 
1 63  ALA n 
1 64  MET n 
1 65  VAL n 
1 66  ASN n 
1 67  GLY n 
1 68  VAL n 
1 69  SER n 
1 70  MET n 
1 71  ASP n 
1 72  ASN n 
1 73  VAL n 
1 74  GLU n 
1 75  HIS n 
1 76  ALA n 
1 77  PHE n 
1 78  ALA n 
1 79  VAL n 
1 80  GLN n 
1 81  GLN n 
1 82  LEU n 
1 83  ARG n 
1 84  LYS n 
1 85  SER n 
1 86  GLY n 
1 87  LYS n 
1 88  ASN n 
1 89  ALA n 
1 90  LYS n 
1 91  ILE n 
1 92  THR n 
1 93  ILE n 
1 94  ARG n 
1 95  ARG n 
1 96  LYS n 
1 97  LYS n 
1 98  GLY n 
1 99  GLY n 
1 100 GLY n 
1 101 TRP n 
1 102 ARG n 
1 103 ARG n 
1 104 THR n 
1 105 THR n 
1 106 TYR n 
1 107 LEU n 
# 
_entity_src_gen.entity_id                          1 
_entity_src_gen.pdbx_src_id                        1 
_entity_src_gen.pdbx_alt_source_flag               sample 
_entity_src_gen.pdbx_seq_type                      ? 
_entity_src_gen.pdbx_beg_seq_num                   ? 
_entity_src_gen.pdbx_end_seq_num                   ? 
_entity_src_gen.gene_src_common_name               human 
_entity_src_gen.gene_src_genus                     Homo 
_entity_src_gen.pdbx_gene_src_gene                 'ZO1 (TJP1)' 
_entity_src_gen.gene_src_species                   ? 
_entity_src_gen.gene_src_strain                    ? 
_entity_src_gen.gene_src_tissue                    ? 
_entity_src_gen.gene_src_tissue_fraction           ? 
_entity_src_gen.gene_src_details                   ? 
_entity_src_gen.pdbx_gene_src_fragment             ? 
_entity_src_gen.pdbx_gene_src_scientific_name      'Homo sapiens' 
_entity_src_gen.pdbx_gene_src_ncbi_taxonomy_id     9606 
_entity_src_gen.pdbx_gene_src_variant              ? 
_entity_src_gen.pdbx_gene_src_cell_line            ? 
_entity_src_gen.pdbx_gene_src_atcc                 ? 
_entity_src_gen.pdbx_gene_src_organ                ? 
_entity_src_gen.pdbx_gene_src_organelle            ? 
_entity_src_gen.pdbx_gene_src_cell                 ? 
_entity_src_gen.pdbx_gene_src_cellular_location    ? 
_entity_src_gen.host_org_common_name               ? 
_entity_src_gen.pdbx_host_org_scientific_name      'Escherichia coli BL21(DE3)' 
_entity_src_gen.pdbx_host_org_ncbi_taxonomy_id     469008 
_entity_src_gen.host_org_genus                     Escherichia 
_entity_src_gen.pdbx_host_org_gene                 ? 
_entity_src_gen.pdbx_host_org_organ                ? 
_entity_src_gen.host_org_species                   'Escherichia coli' 
_entity_src_gen.pdbx_host_org_tissue               ? 
_entity_src_gen.pdbx_host_org_tissue_fraction      ? 
_entity_src_gen.pdbx_host_org_strain               'BL21(DE3)' 
_entity_src_gen.pdbx_host_org_variant              ? 
_entity_src_gen.pdbx_host_org_cell_line            ? 
_entity_src_gen.pdbx_host_org_atcc                 ? 
_entity_src_gen.pdbx_host_org_culture_collection   ? 
_entity_src_gen.pdbx_host_org_cell                 ? 
_entity_src_gen.pdbx_host_org_organelle            ? 
_entity_src_gen.pdbx_host_org_cellular_location    ? 
_entity_src_gen.pdbx_host_org_vector_type          plasmid 
_entity_src_gen.pdbx_host_org_vector               ? 
_entity_src_gen.host_org_details                   ? 
_entity_src_gen.expression_system_id               ? 
_entity_src_gen.plasmid_name                       pET22d 
_entity_src_gen.plasmid_details                    ? 
_entity_src_gen.pdbx_description                   ? 
# 
_struct_ref.id                         1 
_struct_ref.db_name                    UNP 
_struct_ref.db_code                    ZO1_HUMAN 
_struct_ref.pdbx_db_accession          Q07157 
_struct_ref.entity_id                  1 
_struct_ref.pdbx_seq_one_letter_code   
;IWEQHTVTLHRAPGFGFGIAISGGRDNPHFQSGETSIVISDVLKGGPAEGQLQENDRVAMVNGVSMDNVEHAFAVQQLRK
SGKNAKITIRRKK
;
_struct_ref.pdbx_align_begin           18 
_struct_ref.pdbx_db_isoform            ? 
# 
_struct_ref_seq.align_id                      1 
_struct_ref_seq.ref_id                        1 
_struct_ref_seq.pdbx_PDB_id_code              2H2B 
_struct_ref_seq.pdbx_strand_id                A 
_struct_ref_seq.seq_align_beg                 5 
_struct_ref_seq.pdbx_seq_align_beg_ins_code   ? 
_struct_ref_seq.seq_align_end                 97 
_struct_ref_seq.pdbx_seq_align_end_ins_code   ? 
_struct_ref_seq.pdbx_db_accession             Q07157 
_struct_ref_seq.db_align_beg                  18 
_struct_ref_seq.pdbx_db_align_beg_ins_code    ? 
_struct_ref_seq.db_align_end                  110 
_struct_ref_seq.pdbx_db_align_end_ins_code    ? 
_struct_ref_seq.pdbx_auth_seq_align_beg       18 
_struct_ref_seq.pdbx_auth_seq_align_end       110 
# 
loop_
_struct_ref_seq_dif.align_id 
_struct_ref_seq_dif.pdbx_pdb_id_code 
_struct_ref_seq_dif.mon_id 
_struct_ref_seq_dif.pdbx_pdb_strand_id 
_struct_ref_seq_dif.seq_num 
_struct_ref_seq_dif.pdbx_pdb_ins_code 
_struct_ref_seq_dif.pdbx_seq_db_name 
_struct_ref_seq_dif.pdbx_seq_db_accession_code 
_struct_ref_seq_dif.db_mon_id 
_struct_ref_seq_dif.pdbx_seq_db_seq_num 
_struct_ref_seq_dif.details 
_struct_ref_seq_dif.pdbx_auth_seq_num 
_struct_ref_seq_dif.pdbx_ordinal 
1 2H2B GLY A 1   ? UNP Q07157 ? ? 'cloning artifact' 14  1  
1 2H2B SER A 2   ? UNP Q07157 ? ? 'cloning artifact' 15  2  
1 2H2B HIS A 3   ? UNP Q07157 ? ? 'cloning artifact' 16  3  
1 2H2B MET A 4   ? UNP Q07157 ? ? 'cloning artifact' 17  4  
1 2H2B GLY A 98  ? UNP Q07157 ? ? linker             111 5  
1 2H2B GLY A 99  ? UNP Q07157 ? ? linker             112 6  
1 2H2B GLY A 100 ? UNP Q07157 ? ? linker             113 7  
1 2H2B TRP A 101 ? UNP Q07157 ? ? 'SEE REMARK 999'   114 8  
1 2H2B ARG A 102 ? UNP Q07157 ? ? 'SEE REMARK 999'   115 9  
1 2H2B ARG A 103 ? UNP Q07157 ? ? 'SEE REMARK 999'   116 10 
1 2H2B THR A 104 ? UNP Q07157 ? ? 'SEE REMARK 999'   117 11 
1 2H2B THR A 105 ? UNP Q07157 ? ? 'SEE REMARK 999'   118 12 
1 2H2B TYR A 106 ? UNP Q07157 ? ? 'SEE REMARK 999'   119 13 
1 2H2B LEU A 107 ? UNP Q07157 ? ? 'SEE REMARK 999'   120 14 
# 
loop_
_chem_comp.id 
_chem_comp.type 
_chem_comp.mon_nstd_flag 
_chem_comp.name 
_chem_comp.pdbx_synonyms 
_chem_comp.formula 
_chem_comp.formula_weight 
ACY non-polymer         . 'ACETIC ACID'   ? 'C2 H4 O2'       60.052  
ALA 'L-peptide linking' y ALANINE         ? 'C3 H7 N O2'     89.093  
ARG 'L-peptide linking' y ARGININE        ? 'C6 H15 N4 O2 1' 175.209 
ASN 'L-peptide linking' y ASPARAGINE      ? 'C4 H8 N2 O3'    132.118 
ASP 'L-peptide linking' y 'ASPARTIC ACID' ? 'C4 H7 N O4'     133.103 
GLN 'L-peptide linking' y GLUTAMINE       ? 'C5 H10 N2 O3'   146.144 
GLU 'L-peptide linking' y 'GLUTAMIC ACID' ? 'C5 H9 N O4'     147.129 
GLY 'peptide linking'   y GLYCINE         ? 'C2 H5 N O2'     75.067  
HIS 'L-peptide linking' y HISTIDINE       ? 'C6 H10 N3 O2 1' 156.162 
HOH non-polymer         . WATER           ? 'H2 O'           18.015  
ILE 'L-peptide linking' y ISOLEUCINE      ? 'C6 H13 N O2'    131.173 
LEU 'L-peptide linking' y LEUCINE         ? 'C6 H13 N O2'    131.173 
LYS 'L-peptide linking' y LYSINE          ? 'C6 H15 N2 O2 1' 147.195 
MET 'L-peptide linking' y METHIONINE      ? 'C5 H11 N O2 S'  149.211 
PHE 'L-peptide linking' y PHENYLALANINE   ? 'C9 H11 N O2'    165.189 
PRO 'L-peptide linking' y PROLINE         ? 'C5 H9 N O2'     115.130 
SER 'L-peptide linking' y SERINE          ? 'C3 H7 N O3'     105.093 
THR 'L-peptide linking' y THREONINE       ? 'C4 H9 N O3'     119.119 
TRP 'L-peptide linking' y TRYPTOPHAN      ? 'C11 H12 N2 O2'  204.225 
TYR 'L-peptide linking' y TYROSINE        ? 'C9 H11 N O3'    181.189 
VAL 'L-peptide linking' y VALINE          ? 'C5 H11 N O2'    117.146 
# 
_exptl.crystals_number   1 
_exptl.entry_id          2H2B 
_exptl.method            'X-RAY DIFFRACTION' 
# 
_exptl_crystal.id                    1 
_exptl_crystal.density_meas          ? 
_exptl_crystal.density_Matthews      2.72 
_exptl_crystal.density_percent_sol   54.85 
_exptl_crystal.description           ? 
_exptl_crystal.F_000                 ? 
_exptl_crystal.preparation           ? 
# 
_exptl_crystal_grow.crystal_id      1 
_exptl_crystal_grow.method          'VAPOR DIFFUSION, SITTING DROP' 
_exptl_crystal_grow.pH              4.6 
_exptl_crystal_grow.temp            292 
_exptl_crystal_grow.pdbx_details    
;0.1 M Sodium Acetate, 0.2 M Ammonium Sulfate, 30% PEG 2000 Monomethyl Ether, pH 4.6, VAPOR DIFFUSION, SITTING DROP, temperature 292K
;
_exptl_crystal_grow.temp_details    ? 
_exptl_crystal_grow.pdbx_pH_range   . 
# 
_diffrn.id                     1 
_diffrn.ambient_temp           100 
_diffrn.ambient_temp_details   ? 
_diffrn.crystal_id             1 
# 
_diffrn_detector.diffrn_id              1 
_diffrn_detector.detector               CCD 
_diffrn_detector.type                   'ADSC QUANTUM 210' 
_diffrn_detector.pdbx_collection_date   2004-09-26 
_diffrn_detector.details                ? 
# 
_diffrn_radiation.diffrn_id                        1 
_diffrn_radiation.pdbx_diffrn_protocol             'SINGLE WAVELENGTH' 
_diffrn_radiation.monochromator                    ? 
_diffrn_radiation.wavelength_id                    1 
_diffrn_radiation.pdbx_monochromatic_or_laue_m_l   M 
_diffrn_radiation.pdbx_scattering_type             x-ray 
# 
_diffrn_radiation_wavelength.id           1 
_diffrn_radiation_wavelength.wavelength   1.00 
_diffrn_radiation_wavelength.wt           1.0 
# 
_diffrn_source.diffrn_id                   1 
_diffrn_source.source                      SYNCHROTRON 
_diffrn_source.type                        'ALS BEAMLINE 5.0.1' 
_diffrn_source.pdbx_wavelength_list        1.00 
_diffrn_source.pdbx_wavelength             ? 
_diffrn_source.pdbx_synchrotron_site       ALS 
_diffrn_source.pdbx_synchrotron_beamline   5.0.1 
# 
_reflns.entry_id                     2H2B 
_reflns.d_resolution_high            1.610 
_reflns.d_resolution_low             50.000 
_reflns.number_obs                   17606 
_reflns.pdbx_Rmerge_I_obs            ? 
_reflns.pdbx_netI_over_sigmaI        31.9 
_reflns.pdbx_chi_squared             1.024 
_reflns.pdbx_redundancy              7.300 
_reflns.percent_possible_obs         99.600 
_reflns.observed_criterion_sigma_F   ? 
_reflns.observed_criterion_sigma_I   ? 
_reflns.number_all                   ? 
_reflns.pdbx_Rsym_value              0.052 
_reflns.B_iso_Wilson_estimate        ? 
_reflns.R_free_details               ? 
_reflns.limit_h_max                  ? 
_reflns.limit_h_min                  ? 
_reflns.limit_k_max                  ? 
_reflns.limit_k_min                  ? 
_reflns.limit_l_max                  ? 
_reflns.limit_l_min                  ? 
_reflns.observed_criterion_F_max     ? 
_reflns.observed_criterion_F_min     ? 
_reflns.pdbx_scaling_rejects         ? 
_reflns.pdbx_ordinal                 1 
_reflns.pdbx_diffrn_id               1 
# 
loop_
_reflns_shell.d_res_high 
_reflns_shell.d_res_low 
_reflns_shell.number_measured_obs 
_reflns_shell.number_measured_all 
_reflns_shell.number_unique_obs 
_reflns_shell.Rmerge_I_obs 
_reflns_shell.meanI_over_sigI_obs 
_reflns_shell.pdbx_Rsym_value 
_reflns_shell.pdbx_chi_squared 
_reflns_shell.pdbx_redundancy 
_reflns_shell.percent_possible_obs 
_reflns_shell.number_unique_all 
_reflns_shell.percent_possible_all 
_reflns_shell.pdbx_ordinal 
_reflns_shell.pdbx_diffrn_id 
1.61 1.67  ? ? ? ?     3.7 0.401 0.880 5.80 ? 1690 98.40  1  1 
1.67 1.73  ? ? ? 0.292 ?   ?     1.003 6.70 ? 1725 100.00 2  1 
1.73 1.81  ? ? ? 0.217 ?   ?     1.086 7.70 ? 1728 100.00 3  1 
1.81 1.91  ? ? ? 0.166 ?   ?     1.072 7.70 ? 1733 100.00 4  1 
1.91 2.03  ? ? ? 0.114 ?   ?     1.058 7.70 ? 1742 100.00 5  1 
2.03 2.19  ? ? ? 0.085 ?   ?     1.084 7.60 ? 1742 100.00 6  1 
2.19 2.40  ? ? ? 0.074 ?   ?     1.020 7.50 ? 1761 100.00 7  1 
2.40 2.75  ? ? ? 0.058 ?   ?     1.015 7.50 ? 1769 99.80  8  1 
2.75 3.47  ? ? ? 0.046 ?   ?     1.006 7.30 ? 1808 100.00 9  1 
3.47 50.00 ? ? ? 0.034 ?   ?     0.971 6.90 ? 1908 97.90  10 1 
# 
_refine.entry_id                                 2H2B 
_refine.ls_d_res_high                            1.600 
_refine.ls_d_res_low                             30.000 
_refine.pdbx_ls_sigma_F                          0.00 
_refine.ls_percent_reflns_obs                    99.350 
_refine.ls_number_reflns_obs                     17538 
_refine.pdbx_ls_cross_valid_method               THROUGHOUT 
_refine.pdbx_R_Free_selection_details            RANDOM 
_refine.details                                  'HYDROGENS HAVE BEEN ADDED IN THE RIDING POSITIONS' 
_refine.ls_R_factor_all                          0.205 
_refine.ls_R_factor_R_work                       0.203 
_refine.ls_R_factor_R_free                       0.232 
_refine.ls_percent_reflns_R_free                 5.100 
_refine.ls_number_reflns_R_free                  898 
_refine.B_iso_mean                               27.636 
_refine.aniso_B[1][1]                            -0.100 
_refine.aniso_B[2][2]                            -0.100 
_refine.aniso_B[3][3]                            0.200 
_refine.aniso_B[1][2]                            0.000 
_refine.aniso_B[1][3]                            0.000 
_refine.aniso_B[2][3]                            0.000 
_refine.correlation_coeff_Fo_to_Fc               0.952 
_refine.correlation_coeff_Fo_to_Fc_free          0.942 
_refine.pdbx_overall_ESU_R                       0.090 
_refine.pdbx_overall_ESU_R_Free                  0.090 
_refine.overall_SU_ML                            0.051 
_refine.overall_SU_B                             2.734 
_refine.solvent_model_details                    'BABINET MODEL WITH MASK' 
_refine.pdbx_solvent_vdw_probe_radii             1.200 
_refine.pdbx_solvent_ion_probe_radii             0.800 
_refine.pdbx_solvent_shrinkage_radii             0.800 
_refine.pdbx_stereochemistry_target_values       'MAXIMUM LIKELIHOOD' 
_refine.pdbx_ls_sigma_I                          ? 
_refine.ls_number_reflns_all                     17664 
_refine.ls_R_factor_obs                          0.205 
_refine.ls_redundancy_reflns_obs                 ? 
_refine.pdbx_data_cutoff_high_absF               ? 
_refine.pdbx_data_cutoff_low_absF                ? 
_refine.ls_number_parameters                     ? 
_refine.ls_number_restraints                     ? 
_refine.ls_R_factor_R_free_error                 ? 
_refine.ls_R_factor_R_free_error_details         ? 
_refine.pdbx_method_to_determine_struct          'MOLECULAR REPLACEMENT' 
_refine.pdbx_starting_model                      'PDB Entry: 2H3M' 
_refine.pdbx_stereochem_target_val_spec_case     ? 
_refine.solvent_model_param_bsol                 ? 
_refine.solvent_model_param_ksol                 ? 
_refine.occupancy_max                            ? 
_refine.occupancy_min                            ? 
_refine.pdbx_isotropic_thermal_model             ? 
_refine.B_iso_min                                ? 
_refine.B_iso_max                                ? 
_refine.overall_SU_R_Cruickshank_DPI             ? 
_refine.overall_SU_R_free                        ? 
_refine.pdbx_data_cutoff_high_rms_absF           ? 
_refine.ls_wR_factor_R_free                      ? 
_refine.ls_wR_factor_R_work                      ? 
_refine.overall_FOM_free_R_set                   ? 
_refine.overall_FOM_work_R_set                   ? 
_refine.pdbx_refine_id                           'X-RAY DIFFRACTION' 
_refine.pdbx_TLS_residual_ADP_flag               'LIKELY RESIDUAL' 
_refine.pdbx_diffrn_id                           1 
_refine.pdbx_overall_phase_error                 ? 
_refine.pdbx_overall_SU_R_free_Cruickshank_DPI   ? 
_refine.pdbx_overall_SU_R_Blow_DPI               ? 
_refine.pdbx_overall_SU_R_free_Blow_DPI          ? 
# 
_refine_hist.pdbx_refine_id                   'X-RAY DIFFRACTION' 
_refine_hist.cycle_id                         LAST 
_refine_hist.pdbx_number_atoms_protein        824 
_refine_hist.pdbx_number_atoms_nucleic_acid   0 
_refine_hist.pdbx_number_atoms_ligand         4 
_refine_hist.number_atoms_solvent             109 
_refine_hist.number_atoms_total               937 
_refine_hist.d_res_high                       1.600 
_refine_hist.d_res_low                        30.000 
# 
loop_
_refine_ls_restr.type 
_refine_ls_restr.number 
_refine_ls_restr.dev_ideal 
_refine_ls_restr.dev_ideal_target 
_refine_ls_restr.weight 
_refine_ls_restr.pdbx_refine_id 
_refine_ls_restr.pdbx_restraint_function 
r_bond_refined_d         843  0.012  0.021  ? 'X-RAY DIFFRACTION' ? 
r_angle_refined_deg      1132 1.358  1.923  ? 'X-RAY DIFFRACTION' ? 
r_dihedral_angle_1_deg   106  5.983  5.000  ? 'X-RAY DIFFRACTION' ? 
r_dihedral_angle_2_deg   40   29.276 23.000 ? 'X-RAY DIFFRACTION' ? 
r_dihedral_angle_3_deg   145  11.458 15.000 ? 'X-RAY DIFFRACTION' ? 
r_dihedral_angle_4_deg   8    19.697 15.000 ? 'X-RAY DIFFRACTION' ? 
r_chiral_restr           118  0.102  0.200  ? 'X-RAY DIFFRACTION' ? 
r_gen_planes_refined     650  0.005  0.020  ? 'X-RAY DIFFRACTION' ? 
r_nbd_refined            321  0.188  0.200  ? 'X-RAY DIFFRACTION' ? 
r_nbtor_refined          569  0.302  0.200  ? 'X-RAY DIFFRACTION' ? 
r_xyhbond_nbd_refined    61   0.112  0.200  ? 'X-RAY DIFFRACTION' ? 
r_symmetry_vdw_refined   38   0.215  0.200  ? 'X-RAY DIFFRACTION' ? 
r_symmetry_hbond_refined 10   0.273  0.200  ? 'X-RAY DIFFRACTION' ? 
r_mcbond_it              542  1.181  1.500  ? 'X-RAY DIFFRACTION' ? 
r_mcangle_it             835  1.642  2.000  ? 'X-RAY DIFFRACTION' ? 
r_scbond_it              339  2.503  3.000  ? 'X-RAY DIFFRACTION' ? 
r_scangle_it             297  4.049  4.500  ? 'X-RAY DIFFRACTION' ? 
# 
_refine_ls_shell.d_res_high                       1.604 
_refine_ls_shell.d_res_low                        1.646 
_refine_ls_shell.pdbx_total_number_of_bins_used   20 
_refine_ls_shell.percent_reflns_obs               95.000 
_refine_ls_shell.number_reflns_R_work             1143 
_refine_ls_shell.R_factor_all                     ? 
_refine_ls_shell.R_factor_R_work                  0.184 
_refine_ls_shell.R_factor_R_free                  0.242 
_refine_ls_shell.percent_reflns_R_free            ? 
_refine_ls_shell.number_reflns_R_free             73 
_refine_ls_shell.R_factor_R_free_error            ? 
_refine_ls_shell.number_reflns_all                ? 
_refine_ls_shell.number_reflns_obs                1216 
_refine_ls_shell.redundancy_reflns_obs            ? 
_refine_ls_shell.pdbx_refine_id                   'X-RAY DIFFRACTION' 
# 
_struct.entry_id                  2H2B 
_struct.title                     'Crystal Structure of ZO-1 PDZ1 Bound to a Phage-Derived Ligand (WRRTTYL)' 
_struct.pdbx_model_details        ? 
_struct.pdbx_CASP_flag            ? 
_struct.pdbx_model_type_details   ? 
# 
_struct_keywords.entry_id        2H2B 
_struct_keywords.text            'PDZ Domain, Phage Derived High Affinity Ligand, CELL ADHESION' 
_struct_keywords.pdbx_keywords   'CELL ADHESION' 
# 
loop_
_struct_asym.id 
_struct_asym.pdbx_blank_PDB_chainid_flag 
_struct_asym.pdbx_modified 
_struct_asym.entity_id 
_struct_asym.details 
A N N 1 ? 
B N N 2 ? 
C N N 3 ? 
# 
_struct_biol.id   1 
# 
_struct_conf.conf_type_id            HELX_P 
_struct_conf.id                      HELX_P1 
_struct_conf.pdbx_PDB_helix_id       1 
_struct_conf.beg_label_comp_id       GLU 
_struct_conf.beg_label_asym_id       A 
_struct_conf.beg_label_seq_id        74 
_struct_conf.pdbx_beg_PDB_ins_code   ? 
_struct_conf.end_label_comp_id       LYS 
_struct_conf.end_label_asym_id       A 
_struct_conf.end_label_seq_id        84 
_struct_conf.pdbx_end_PDB_ins_code   ? 
_struct_conf.beg_auth_comp_id        GLU 
_struct_conf.beg_auth_asym_id        A 
_struct_conf.beg_auth_seq_id         87 
_struct_conf.end_auth_comp_id        LYS 
_struct_conf.end_auth_asym_id        A 
_struct_conf.end_auth_seq_id         97 
_struct_conf.pdbx_PDB_helix_class    1 
_struct_conf.details                 ? 
_struct_conf.pdbx_PDB_helix_length   11 
# 
_struct_conf_type.id          HELX_P 
_struct_conf_type.criteria    ? 
_struct_conf_type.reference   ? 
# 
loop_
_struct_sheet.id 
_struct_sheet.type 
_struct_sheet.number_strands 
_struct_sheet.details 
A ? 5 ? 
B ? 4 ? 
# 
loop_
_struct_sheet_order.sheet_id 
_struct_sheet_order.range_id_1 
_struct_sheet_order.range_id_2 
_struct_sheet_order.offset 
_struct_sheet_order.sense 
A 1 2 ? anti-parallel 
A 2 3 ? anti-parallel 
A 3 4 ? anti-parallel 
A 4 5 ? anti-parallel 
B 1 2 ? anti-parallel 
B 2 3 ? anti-parallel 
B 3 4 ? anti-parallel 
# 
loop_
_struct_sheet_range.sheet_id 
_struct_sheet_range.id 
_struct_sheet_range.beg_label_comp_id 
_struct_sheet_range.beg_label_asym_id 
_struct_sheet_range.beg_label_seq_id 
_struct_sheet_range.pdbx_beg_PDB_ins_code 
_struct_sheet_range.end_label_comp_id 
_struct_sheet_range.end_label_asym_id 
_struct_sheet_range.end_label_seq_id 
_struct_sheet_range.pdbx_end_PDB_ins_code 
_struct_sheet_range.beg_auth_comp_id 
_struct_sheet_range.beg_auth_asym_id 
_struct_sheet_range.beg_auth_seq_id 
_struct_sheet_range.end_auth_comp_id 
_struct_sheet_range.end_auth_asym_id 
_struct_sheet_range.end_auth_seq_id 
A 1 TRP A 6  ? HIS A 14 ? TRP A 19  HIS A 27  
A 2 ASN A 88 ? LYS A 96 ? ASN A 101 LYS A 109 
A 3 ARG A 61 ? VAL A 65 ? ARG A 74  VAL A 78  
A 4 ILE A 41 ? VAL A 46 ? ILE A 54  VAL A 59  
A 5 ILE A 23 ? GLY A 27 ? ILE A 36  GLY A 40  
B 1 TRP A 6  ? HIS A 14 ? TRP A 19  HIS A 27  
B 2 ASN A 88 ? LYS A 96 ? ASN A 101 LYS A 109 
B 3 ARG A 61 ? VAL A 65 ? ARG A 74  VAL A 78  
B 4 VAL A 68 ? SER A 69 ? VAL A 81  SER A 82  
# 
loop_
_pdbx_struct_sheet_hbond.sheet_id 
_pdbx_struct_sheet_hbond.range_id_1 
_pdbx_struct_sheet_hbond.range_id_2 
_pdbx_struct_sheet_hbond.range_1_label_atom_id 
_pdbx_struct_sheet_hbond.range_1_label_comp_id 
_pdbx_struct_sheet_hbond.range_1_label_asym_id 
_pdbx_struct_sheet_hbond.range_1_label_seq_id 
_pdbx_struct_sheet_hbond.range_1_PDB_ins_code 
_pdbx_struct_sheet_hbond.range_1_auth_atom_id 
_pdbx_struct_sheet_hbond.range_1_auth_comp_id 
_pdbx_struct_sheet_hbond.range_1_auth_asym_id 
_pdbx_struct_sheet_hbond.range_1_auth_seq_id 
_pdbx_struct_sheet_hbond.range_2_label_atom_id 
_pdbx_struct_sheet_hbond.range_2_label_comp_id 
_pdbx_struct_sheet_hbond.range_2_label_asym_id 
_pdbx_struct_sheet_hbond.range_2_label_seq_id 
_pdbx_struct_sheet_hbond.range_2_PDB_ins_code 
_pdbx_struct_sheet_hbond.range_2_auth_atom_id 
_pdbx_struct_sheet_hbond.range_2_auth_comp_id 
_pdbx_struct_sheet_hbond.range_2_auth_asym_id 
_pdbx_struct_sheet_hbond.range_2_auth_seq_id 
A 1 2 N GLU A 7  ? N GLU A 20  O ARG A 95 ? O ARG A 108 
A 2 3 O THR A 92 ? O THR A 105 N ALA A 63 ? N ALA A 76  
A 3 4 O VAL A 62 ? O VAL A 75  N ILE A 41 ? N ILE A 54  
A 4 5 O VAL A 42 ? O VAL A 55  N SER A 26 ? N SER A 39  
B 1 2 N GLU A 7  ? N GLU A 20  O ARG A 95 ? O ARG A 108 
B 2 3 O THR A 92 ? O THR A 105 N ALA A 63 ? N ALA A 76  
B 3 4 N VAL A 65 ? N VAL A 78  O VAL A 68 ? O VAL A 81  
# 
_struct_site.id                   AC1 
_struct_site.pdbx_evidence_code   Software 
_struct_site.pdbx_auth_asym_id    A 
_struct_site.pdbx_auth_comp_id    ACY 
_struct_site.pdbx_auth_seq_id     201 
_struct_site.pdbx_auth_ins_code   ? 
_struct_site.pdbx_num_residues    4 
_struct_site.details              'BINDING SITE FOR RESIDUE ACY A 201' 
# 
loop_
_struct_site_gen.id 
_struct_site_gen.site_id 
_struct_site_gen.pdbx_num_res 
_struct_site_gen.label_comp_id 
_struct_site_gen.label_asym_id 
_struct_site_gen.label_seq_id 
_struct_site_gen.pdbx_auth_ins_code 
_struct_site_gen.auth_comp_id 
_struct_site_gen.auth_asym_id 
_struct_site_gen.auth_seq_id 
_struct_site_gen.label_atom_id 
_struct_site_gen.label_alt_id 
_struct_site_gen.symmetry 
_struct_site_gen.details 
1 AC1 4 LYS A 48 ? LYS A 61  . ? 7_555 ? 
2 AC1 4 ASN A 72 ? ASN A 85  . ? 6_554 ? 
3 AC1 4 ASN A 72 ? ASN A 85  . ? 3_555 ? 
4 AC1 4 HOH C .  ? HOH A 308 . ? 3_555 ? 
# 
_atom_sites.entry_id                    2H2B 
_atom_sites.fract_transf_matrix[1][1]   -0.01061427 
_atom_sites.fract_transf_matrix[1][2]   -0.00988175 
_atom_sites.fract_transf_matrix[1][3]   -0.01239128 
_atom_sites.fract_transf_matrix[2][1]   -0.01521135 
_atom_sites.fract_transf_matrix[2][2]   0.01053948 
_atom_sites.fract_transf_matrix[2][3]   0.00462492 
_atom_sites.fract_transf_matrix[3][1]   0.00251077 
_atom_sites.fract_transf_matrix[3][2]   0.00702636 
_atom_sites.fract_transf_matrix[3][3]   -0.00775406 
_atom_sites.fract_transf_vector[1]      0.132229 
_atom_sites.fract_transf_vector[2]      0.280347 
_atom_sites.fract_transf_vector[3]      -0.124180 
# 
loop_
_atom_type.symbol 
C 
N 
O 
S 
# 
loop_
_atom_site.group_PDB 
_atom_site.id 
_atom_site.type_symbol 
_atom_site.label_atom_id 
_atom_site.label_alt_id 
_atom_site.label_comp_id 
_atom_site.label_asym_id 
_atom_site.label_entity_id 
_atom_site.label_seq_id 
_atom_site.pdbx_PDB_ins_code 
_atom_site.Cartn_x 
_atom_site.Cartn_y 
_atom_site.Cartn_z 
_atom_site.occupancy 
_atom_site.B_iso_or_equiv 
_atom_site.pdbx_formal_charge 
_atom_site.auth_seq_id 
_atom_site.auth_comp_id 
_atom_site.auth_asym_id 
_atom_site.auth_atom_id 
_atom_site.pdbx_PDB_model_num 
ATOM   1   N N   . GLY A 1 1   ? 18.891  1.766   -3.883  1.00 35.63 ? 14  GLY A N   1 
ATOM   2   C CA  . GLY A 1 1   ? 19.937  2.811   -3.685  1.00 34.48 ? 14  GLY A CA  1 
ATOM   3   C C   . GLY A 1 1   ? 20.092  3.170   -2.215  1.00 34.18 ? 14  GLY A C   1 
ATOM   4   O O   . GLY A 1 1   ? 19.451  2.559   -1.345  1.00 34.67 ? 14  GLY A O   1 
ATOM   5   N N   . SER A 1 2   ? 20.922  4.181   -1.956  1.00 33.26 ? 15  SER A N   1 
ATOM   6   C CA  . SER A 1 2   ? 21.272  4.611   -0.592  1.00 32.81 ? 15  SER A CA  1 
ATOM   7   C C   . SER A 1 2   ? 20.778  6.021   -0.257  1.00 31.66 ? 15  SER A C   1 
ATOM   8   O O   . SER A 1 2   ? 21.163  6.584   0.781   1.00 30.55 ? 15  SER A O   1 
ATOM   9   C CB  . SER A 1 2   ? 22.795  4.598   -0.397  1.00 33.35 ? 15  SER A CB  1 
ATOM   10  O OG  . SER A 1 2   ? 23.337  3.291   -0.318  1.00 36.56 ? 15  SER A OG  1 
ATOM   11  N N   . HIS A 1 3   ? 19.962  6.601   -1.138  1.00 30.37 ? 16  HIS A N   1 
ATOM   12  C CA  . HIS A 1 3   ? 19.568  8.011   -1.023  1.00 28.88 ? 16  HIS A CA  1 
ATOM   13  C C   . HIS A 1 3   ? 18.063  8.207   -1.085  1.00 28.53 ? 16  HIS A C   1 
ATOM   14  O O   . HIS A 1 3   ? 17.586  9.324   -1.326  1.00 27.16 ? 16  HIS A O   1 
ATOM   15  C CB  . HIS A 1 3   ? 20.270  8.861   -2.093  1.00 28.82 ? 16  HIS A CB  1 
ATOM   16  C CG  . HIS A 1 3   ? 21.738  9.030   -1.854  1.00 27.63 ? 16  HIS A CG  1 
ATOM   17  N ND1 . HIS A 1 3   ? 22.299  10.234  -1.486  1.00 25.54 ? 16  HIS A ND1 1 
ATOM   18  C CD2 . HIS A 1 3   ? 22.768  8.153   -1.950  1.00 29.23 ? 16  HIS A CD2 1 
ATOM   19  C CE1 . HIS A 1 3   ? 23.606  10.090  -1.356  1.00 27.10 ? 16  HIS A CE1 1 
ATOM   20  N NE2 . HIS A 1 3   ? 23.915  8.835   -1.625  1.00 27.87 ? 16  HIS A NE2 1 
ATOM   21  N N   . MET A 1 4   ? 17.309  7.126   -0.878  1.00 28.18 ? 17  MET A N   1 
ATOM   22  C CA  . MET A 1 4   ? 15.867  7.206   -0.956  1.00 30.02 ? 17  MET A CA  1 
ATOM   23  C C   . MET A 1 4   ? 15.308  7.962   0.242   1.00 27.55 ? 17  MET A C   1 
ATOM   24  O O   . MET A 1 4   ? 15.781  7.773   1.369   1.00 27.29 ? 17  MET A O   1 
ATOM   25  C CB  . MET A 1 4   ? 15.228  5.803   -1.013  1.00 30.33 ? 17  MET A CB  1 
ATOM   26  C CG  . MET A 1 4   ? 15.555  5.027   -2.289  1.00 33.76 ? 17  MET A CG  1 
ATOM   27  S SD  . MET A 1 4   ? 14.376  3.696   -2.593  1.00 39.09 ? 17  MET A SD  1 
ATOM   28  C CE  . MET A 1 4   ? 15.100  2.357   -1.633  1.00 38.79 ? 17  MET A CE  1 
ATOM   29  N N   . ILE A 1 5   ? 14.313  8.810   -0.028  1.00 25.50 ? 18  ILE A N   1 
ATOM   30  C CA  . ILE A 1 5   ? 13.556  9.523   1.012   1.00 23.31 ? 18  ILE A CA  1 
ATOM   31  C C   . ILE A 1 5   ? 12.069  9.181   0.913   1.00 22.25 ? 18  ILE A C   1 
ATOM   32  O O   . ILE A 1 5   ? 11.457  9.253   -0.176  1.00 22.42 ? 18  ILE A O   1 
ATOM   33  C CB  . ILE A 1 5   ? 13.782  11.056  0.923   1.00 23.49 ? 18  ILE A CB  1 
ATOM   34  C CG1 . ILE A 1 5   ? 15.269  11.369  1.123   1.00 22.84 ? 18  ILE A CG1 1 
ATOM   35  C CG2 . ILE A 1 5   ? 12.942  11.777  1.998   1.00 21.94 ? 18  ILE A CG2 1 
ATOM   36  C CD1 . ILE A 1 5   ? 15.625  12.828  0.981   1.00 23.83 ? 18  ILE A CD1 1 
ATOM   37  N N   . TRP A 1 6   ? 11.487  8.770   2.041   1.00 21.08 ? 19  TRP A N   1 
ATOM   38  C CA  . TRP A 1 6   ? 10.077  8.337   2.097   1.00 21.44 ? 19  TRP A CA  1 
ATOM   39  C C   . TRP A 1 6   ? 9.317   9.196   3.088   1.00 21.61 ? 19  TRP A C   1 
ATOM   40  O O   . TRP A 1 6   ? 9.849   9.522   4.164   1.00 22.95 ? 19  TRP A O   1 
ATOM   41  C CB  . TRP A 1 6   ? 9.976   6.885   2.593   1.00 22.47 ? 19  TRP A CB  1 
ATOM   42  C CG  . TRP A 1 6   ? 10.737  5.876   1.780   1.00 24.18 ? 19  TRP A CG  1 
ATOM   43  C CD1 . TRP A 1 6   ? 12.075  5.582   1.875   1.00 27.30 ? 19  TRP A CD1 1 
ATOM   44  C CD2 . TRP A 1 6   ? 10.196  4.978   0.797   1.00 23.95 ? 19  TRP A CD2 1 
ATOM   45  N NE1 . TRP A 1 6   ? 12.408  4.578   0.983   1.00 29.69 ? 19  TRP A NE1 1 
ATOM   46  C CE2 . TRP A 1 6   ? 11.269  4.181   0.326   1.00 28.59 ? 19  TRP A CE2 1 
ATOM   47  C CE3 . TRP A 1 6   ? 8.910   4.752   0.291   1.00 25.89 ? 19  TRP A CE3 1 
ATOM   48  C CZ2 . TRP A 1 6   ? 11.090  3.190   -0.649  1.00 28.72 ? 19  TRP A CZ2 1 
ATOM   49  C CZ3 . TRP A 1 6   ? 8.728   3.750   -0.687  1.00 26.60 ? 19  TRP A CZ3 1 
ATOM   50  C CH2 . TRP A 1 6   ? 9.829   3.003   -1.150  1.00 27.12 ? 19  TRP A CH2 1 
ATOM   51  N N   . GLU A 1 7   ? 8.061   9.499   2.781   1.00 19.98 ? 20  GLU A N   1 
ATOM   52  C CA  . GLU A 1 7   ? 7.196   10.241  3.687   1.00 20.39 ? 20  GLU A CA  1 
ATOM   53  C C   . GLU A 1 7   ? 6.107   9.318   4.233   1.00 20.17 ? 20  GLU A C   1 
ATOM   54  O O   . GLU A 1 7   ? 5.481   8.563   3.479   1.00 21.51 ? 20  GLU A O   1 
ATOM   55  C CB  . GLU A 1 7   ? 6.601   11.445  2.950   1.00 21.07 ? 20  GLU A CB  1 
ATOM   56  C CG  . GLU A 1 7   ? 7.732   12.379  2.510   1.00 22.10 ? 20  GLU A CG  1 
ATOM   57  C CD  . GLU A 1 7   ? 7.306   13.643  1.785   1.00 27.64 ? 20  GLU A CD  1 
ATOM   58  O OE1 . GLU A 1 7   ? 6.340   13.602  0.980   1.00 31.36 ? 20  GLU A OE1 1 
ATOM   59  O OE2 . GLU A 1 7   ? 7.991   14.677  1.983   1.00 26.80 ? 20  GLU A OE2 1 
ATOM   60  N N   . GLN A 1 8   ? 5.937   9.333   5.547   1.00 19.90 ? 21  GLN A N   1 
ATOM   61  C CA  . GLN A 1 8   ? 4.909   8.516   6.176   1.00 20.53 ? 21  GLN A CA  1 
ATOM   62  C C   . GLN A 1 8   ? 3.529   9.155   6.053   1.00 22.26 ? 21  GLN A C   1 
ATOM   63  O O   . GLN A 1 8   ? 3.389   10.380  6.187   1.00 23.05 ? 21  GLN A O   1 
ATOM   64  C CB  . GLN A 1 8   ? 5.261   8.347   7.644   1.00 21.30 ? 21  GLN A CB  1 
ATOM   65  C CG  . GLN A 1 8   ? 4.323   7.390   8.370   1.00 22.31 ? 21  GLN A CG  1 
ATOM   66  C CD  . GLN A 1 8   ? 4.729   7.258   9.813   1.00 22.12 ? 21  GLN A CD  1 
ATOM   67  O OE1 . GLN A 1 8   ? 5.668   6.527   10.144  1.00 23.02 ? 21  GLN A OE1 1 
ATOM   68  N NE2 . GLN A 1 8   ? 4.040   7.980   10.684  1.00 24.80 ? 21  GLN A NE2 1 
ATOM   69  N N   . HIS A 1 9   ? 2.512   8.318   5.836   1.00 21.32 ? 22  HIS A N   1 
ATOM   70  C CA  . HIS A 1 9   ? 1.112   8.779   5.796   1.00 21.71 ? 22  HIS A CA  1 
ATOM   71  C C   . HIS A 1 9   ? 0.288   7.757   6.554   1.00 22.52 ? 22  HIS A C   1 
ATOM   72  O O   . HIS A 1 9   ? 0.559   6.556   6.479   1.00 22.28 ? 22  HIS A O   1 
ATOM   73  C CB  . HIS A 1 9   ? 0.608   8.884   4.354   1.00 23.20 ? 22  HIS A CB  1 
ATOM   74  C CG  . HIS A 1 9   ? 1.338   9.908   3.531   1.00 23.27 ? 22  HIS A CG  1 
ATOM   75  N ND1 . HIS A 1 9   ? 0.935   11.226  3.470   1.00 29.03 ? 22  HIS A ND1 1 
ATOM   76  C CD2 . HIS A 1 9   ? 2.437   9.815   2.744   1.00 24.53 ? 22  HIS A CD2 1 
ATOM   77  C CE1 . HIS A 1 9   ? 1.757   11.902  2.684   1.00 28.17 ? 22  HIS A CE1 1 
ATOM   78  N NE2 . HIS A 1 9   ? 2.682   11.072  2.232   1.00 27.38 ? 22  HIS A NE2 1 
ATOM   79  N N   . THR A 1 10  ? -0.722  8.232   7.263   1.00 22.80 ? 23  THR A N   1 
ATOM   80  C CA  . THR A 1 10  ? -1.676  7.333   7.919   1.00 24.65 ? 23  THR A CA  1 
ATOM   81  C C   . THR A 1 10  ? -3.068  7.641   7.361   1.00 25.15 ? 23  THR A C   1 
ATOM   82  O O   . THR A 1 10  ? -3.460  8.824   7.192   1.00 25.87 ? 23  THR A O   1 
ATOM   83  C CB  . THR A 1 10  ? -1.676  7.510   9.455   1.00 25.29 ? 23  THR A CB  1 
ATOM   84  O OG1 . THR A 1 10  ? -2.022  8.862   9.791   1.00 32.75 ? 23  THR A OG1 1 
ATOM   85  C CG2 . THR A 1 10  ? -0.299  7.200   10.014  1.00 23.96 ? 23  THR A CG2 1 
ATOM   86  N N   . VAL A 1 11  ? -3.801  6.577   7.041   1.00 24.34 ? 24  VAL A N   1 
ATOM   87  C CA  . VAL A 1 11  ? -5.144  6.722   6.506   1.00 25.05 ? 24  VAL A CA  1 
ATOM   88  C C   . VAL A 1 11  ? -6.045  5.750   7.223   1.00 24.66 ? 24  VAL A C   1 
ATOM   89  O O   . VAL A 1 11  ? -5.581  4.762   7.768   1.00 24.56 ? 24  VAL A O   1 
ATOM   90  C CB  . VAL A 1 11  ? -5.208  6.439   4.984   1.00 26.30 ? 24  VAL A CB  1 
ATOM   91  C CG1 . VAL A 1 11  ? -4.219  7.335   4.229   1.00 28.08 ? 24  VAL A CG1 1 
ATOM   92  C CG2 . VAL A 1 11  ? -4.936  4.979   4.683   1.00 27.37 ? 24  VAL A CG2 1 
ATOM   93  N N   . THR A 1 12  ? -7.342  6.029   7.238   1.00 24.72 ? 25  THR A N   1 
ATOM   94  C CA  . THR A 1 12  ? -8.291  5.040   7.724   1.00 25.40 ? 25  THR A CA  1 
ATOM   95  C C   . THR A 1 12  ? -9.235  4.718   6.587   1.00 24.79 ? 25  THR A C   1 
ATOM   96  O O   . THR A 1 12  ? -9.999  5.597   6.121   1.00 26.01 ? 25  THR A O   1 
ATOM   97  C CB  . THR A 1 12  ? -9.084  5.542   8.941   1.00 26.42 ? 25  THR A CB  1 
ATOM   98  O OG1 . THR A 1 12  ? -8.170  5.961   9.976   1.00 29.80 ? 25  THR A OG1 1 
ATOM   99  C CG2 . THR A 1 12  ? -10.028 4.445   9.457   1.00 27.01 ? 25  THR A CG2 1 
ATOM   100 N N   . LEU A 1 13  ? -9.157  3.483   6.114   1.00 24.16 ? 26  LEU A N   1 
ATOM   101 C CA  . LEU A 1 13  ? -9.946  3.057   4.967   1.00 23.48 ? 26  LEU A CA  1 
ATOM   102 C C   . LEU A 1 13  ? -11.262 2.439   5.418   1.00 24.22 ? 26  LEU A C   1 
ATOM   103 O O   . LEU A 1 13  ? -11.338 1.829   6.482   1.00 24.52 ? 26  LEU A O   1 
ATOM   104 C CB  . LEU A 1 13  ? -9.179  2.059   4.110   1.00 23.19 ? 26  LEU A CB  1 
ATOM   105 C CG  . LEU A 1 13  ? -7.890  2.532   3.391   1.00 23.02 ? 26  LEU A CG  1 
ATOM   106 C CD1 . LEU A 1 13  ? -7.481  1.407   2.436   1.00 26.40 ? 26  LEU A CD1 1 
ATOM   107 C CD2 . LEU A 1 13  ? -8.072  3.853   2.653   1.00 24.98 ? 26  LEU A CD2 1 
ATOM   108 N N   . HIS A 1 14  ? -12.292 2.598   4.600   1.00 24.86 ? 27  HIS A N   1 
ATOM   109 C CA  . HIS A 1 14  ? -13.594 1.973   4.883   1.00 26.39 ? 27  HIS A CA  1 
ATOM   110 C C   . HIS A 1 14  ? -13.985 1.109   3.720   1.00 26.77 ? 27  HIS A C   1 
ATOM   111 O O   . HIS A 1 14  ? -13.655 1.433   2.582   1.00 28.40 ? 27  HIS A O   1 
ATOM   112 C CB  . HIS A 1 14  ? -14.663 3.038   5.129   1.00 27.18 ? 27  HIS A CB  1 
ATOM   113 C CG  . HIS A 1 14  ? -14.208 4.114   6.058   1.00 30.91 ? 27  HIS A CG  1 
ATOM   114 N ND1 . HIS A 1 14  ? -14.058 3.909   7.413   1.00 34.04 ? 27  HIS A ND1 1 
ATOM   115 C CD2 . HIS A 1 14  ? -13.822 5.390   5.822   1.00 34.06 ? 27  HIS A CD2 1 
ATOM   116 C CE1 . HIS A 1 14  ? -13.626 5.023   7.978   1.00 34.38 ? 27  HIS A CE1 1 
ATOM   117 N NE2 . HIS A 1 14  ? -13.468 5.933   7.035   1.00 35.63 ? 27  HIS A NE2 1 
ATOM   118 N N   . ARG A 1 15  ? -14.644 -0.008  3.996   1.00 26.27 ? 28  ARG A N   1 
ATOM   119 C CA  . ARG A 1 15  ? -15.076 -0.899  2.925   1.00 26.25 ? 28  ARG A CA  1 
ATOM   120 C C   . ARG A 1 15  ? -16.244 -0.274  2.180   1.00 26.52 ? 28  ARG A C   1 
ATOM   121 O O   . ARG A 1 15  ? -17.018 0.491   2.770   1.00 27.33 ? 28  ARG A O   1 
ATOM   122 C CB  . ARG A 1 15  ? -15.518 -2.253  3.492   1.00 26.54 ? 28  ARG A CB  1 
ATOM   123 C CG  . ARG A 1 15  ? -14.418 -2.997  4.254   1.00 27.09 ? 28  ARG A CG  1 
ATOM   124 C CD  . ARG A 1 15  ? -14.997 -4.263  4.912   1.00 27.08 ? 28  ARG A CD  1 
ATOM   125 N NE  . ARG A 1 15  ? -13.977 -5.060  5.605   1.00 29.88 ? 28  ARG A NE  1 
ATOM   126 C CZ  . ARG A 1 15  ? -13.198 -5.949  5.000   1.00 29.89 ? 28  ARG A CZ  1 
ATOM   127 N NH1 . ARG A 1 15  ? -13.322 -6.163  3.691   1.00 30.10 ? 28  ARG A NH1 1 
ATOM   128 N NH2 . ARG A 1 15  ? -12.302 -6.629  5.714   1.00 30.50 ? 28  ARG A NH2 1 
ATOM   129 N N   . ALA A 1 16  ? -16.358 -0.601  0.901   1.00 26.33 ? 29  ALA A N   1 
ATOM   130 C CA  . ALA A 1 16  ? -17.543 -0.243  0.093   1.00 26.92 ? 29  ALA A CA  1 
ATOM   131 C C   . ALA A 1 16  ? -18.028 -1.466  -0.685  1.00 27.73 ? 29  ALA A C   1 
ATOM   132 O O   . ALA A 1 16  ? -17.234 -2.353  -1.008  1.00 27.90 ? 29  ALA A O   1 
ATOM   133 C CB  . ALA A 1 16  ? -17.203 0.889   -0.852  1.00 27.22 ? 29  ALA A CB  1 
ATOM   134 N N   . PRO A 1 17  ? -19.345 -1.535  -0.983  1.00 27.87 ? 30  PRO A N   1 
ATOM   135 C CA  . PRO A 1 17  ? -19.844 -2.676  -1.759  1.00 28.58 ? 30  PRO A CA  1 
ATOM   136 C C   . PRO A 1 17  ? -19.162 -2.798  -3.120  1.00 29.17 ? 30  PRO A C   1 
ATOM   137 O O   . PRO A 1 17  ? -18.959 -1.788  -3.794  1.00 30.04 ? 30  PRO A O   1 
ATOM   138 C CB  . PRO A 1 17  ? -21.329 -2.338  -1.960  1.00 28.41 ? 30  PRO A CB  1 
ATOM   139 C CG  . PRO A 1 17  ? -21.667 -1.401  -0.832  1.00 27.62 ? 30  PRO A CG  1 
ATOM   140 C CD  . PRO A 1 17  ? -20.416 -0.586  -0.624  1.00 27.96 ? 30  PRO A CD  1 
ATOM   141 N N   . GLY A 1 18  ? -18.784 -4.019  -3.492  1.00 29.67 ? 31  GLY A N   1 
ATOM   142 C CA  . GLY A 1 18  ? -18.168 -4.294  -4.797  1.00 30.37 ? 31  GLY A CA  1 
ATOM   143 C C   . GLY A 1 18  ? -16.740 -3.806  -4.962  1.00 30.65 ? 31  GLY A C   1 
ATOM   144 O O   . GLY A 1 18  ? -16.151 -3.928  -6.041  1.00 33.10 ? 31  GLY A O   1 
ATOM   145 N N   . PHE A 1 19  ? -16.188 -3.221  -3.916  1.00 28.68 ? 32  PHE A N   1 
ATOM   146 C CA  . PHE A 1 19  ? -14.756 -2.896  -3.913  1.00 27.09 ? 32  PHE A CA  1 
ATOM   147 C C   . PHE A 1 19  ? -14.020 -3.536  -2.764  1.00 26.97 ? 32  PHE A C   1 
ATOM   148 O O   . PHE A 1 19  ? -12.816 -3.804  -2.864  1.00 27.18 ? 32  PHE A O   1 
ATOM   149 C CB  . PHE A 1 19  ? -14.569 -1.394  -3.757  1.00 27.20 ? 32  PHE A CB  1 
ATOM   150 C CG  . PHE A 1 19  ? -14.976 -0.594  -4.958  1.00 26.78 ? 32  PHE A CG  1 
ATOM   151 C CD1 . PHE A 1 19  ? -14.121 -0.487  -6.062  1.00 27.85 ? 32  PHE A CD1 1 
ATOM   152 C CD2 . PHE A 1 19  ? -16.186 0.095   -4.977  1.00 27.96 ? 32  PHE A CD2 1 
ATOM   153 C CE1 . PHE A 1 19  ? -14.469 0.292   -7.167  1.00 28.35 ? 32  PHE A CE1 1 
ATOM   154 C CE2 . PHE A 1 19  ? -16.541 0.877   -6.076  1.00 29.60 ? 32  PHE A CE2 1 
ATOM   155 C CZ  . PHE A 1 19  ? -15.685 0.972   -7.179  1.00 28.63 ? 32  PHE A CZ  1 
ATOM   156 N N   . GLY A 1 20  ? -14.709 -3.750  -1.648  1.00 25.95 ? 33  GLY A N   1 
ATOM   157 C CA  . GLY A 1 20  ? -13.989 -4.010  -0.396  1.00 25.05 ? 33  GLY A CA  1 
ATOM   158 C C   . GLY A 1 20  ? -13.241 -2.739  -0.023  1.00 24.28 ? 33  GLY A C   1 
ATOM   159 O O   . GLY A 1 20  ? -13.812 -1.644  -0.069  1.00 24.50 ? 33  GLY A O   1 
ATOM   160 N N   . PHE A 1 21  ? -11.959 -2.865  0.323   1.00 22.86 ? 34  PHE A N   1 
ATOM   161 C CA  . PHE A 1 21  ? -11.140 -1.669  0.572   1.00 22.43 ? 34  PHE A CA  1 
ATOM   162 C C   . PHE A 1 21  ? -10.698 -1.043  -0.748  1.00 22.81 ? 34  PHE A C   1 
ATOM   163 O O   . PHE A 1 21  ? -10.210 0.083   -0.767  1.00 24.83 ? 34  PHE A O   1 
ATOM   164 C CB  . PHE A 1 21  ? -9.920  -2.000  1.462   1.00 22.88 ? 34  PHE A CB  1 
ATOM   165 C CG  . PHE A 1 21  ? -10.291 -2.320  2.902   1.00 21.76 ? 34  PHE A CG  1 
ATOM   166 C CD1 . PHE A 1 21  ? -10.813 -1.319  3.733   1.00 21.75 ? 34  PHE A CD1 1 
ATOM   167 C CD2 . PHE A 1 21  ? -10.133 -3.601  3.416   1.00 23.21 ? 34  PHE A CD2 1 
ATOM   168 C CE1 . PHE A 1 21  ? -11.190 -1.605  5.071   1.00 23.84 ? 34  PHE A CE1 1 
ATOM   169 C CE2 . PHE A 1 21  ? -10.485 -3.877  4.748   1.00 23.34 ? 34  PHE A CE2 1 
ATOM   170 C CZ  . PHE A 1 21  ? -11.007 -2.882  5.568   1.00 21.32 ? 34  PHE A CZ  1 
ATOM   171 N N   . GLY A 1 22  ? -10.823 -1.768  -1.851  1.00 22.21 ? 35  GLY A N   1 
ATOM   172 C CA  . GLY A 1 22  ? -10.469 -1.196  -3.158  1.00 22.38 ? 35  GLY A CA  1 
ATOM   173 C C   . GLY A 1 22  ? -8.975  -1.072  -3.424  1.00 22.78 ? 35  GLY A C   1 
ATOM   174 O O   . GLY A 1 22  ? -8.528  -0.169  -4.142  1.00 23.54 ? 35  GLY A O   1 
ATOM   175 N N   . ILE A 1 23  ? -8.202  -2.020  -2.899  1.00 22.11 ? 36  ILE A N   1 
ATOM   176 C CA  . ILE A 1 23  ? -6.752  -2.032  -3.091  1.00 22.07 ? 36  ILE A CA  1 
ATOM   177 C C   . ILE A 1 23  ? -6.283  -3.435  -3.447  1.00 22.69 ? 36  ILE A C   1 
ATOM   178 O O   . ILE A 1 23  ? -6.999  -4.424  -3.206  1.00 23.60 ? 36  ILE A O   1 
ATOM   179 C CB  . ILE A 1 23  ? -6.002  -1.579  -1.815  1.00 21.99 ? 36  ILE A CB  1 
ATOM   180 C CG1 . ILE A 1 23  ? -6.309  -2.525  -0.636  1.00 22.65 ? 36  ILE A CG1 1 
ATOM   181 C CG2 . ILE A 1 23  ? -6.316  -0.073  -1.524  1.00 23.54 ? 36  ILE A CG2 1 
ATOM   182 C CD1 . ILE A 1 23  ? -5.605  -2.117  0.671   1.00 24.38 ? 36  ILE A CD1 1 
ATOM   183 N N   . ALA A 1 24  ? -5.095  -3.515  -4.031  1.00 21.68 ? 37  ALA A N   1 
ATOM   184 C CA  . ALA A 1 24  ? -4.381  -4.785  -4.118  1.00 21.10 ? 37  ALA A CA  1 
ATOM   185 C C   . ALA A 1 24  ? -3.088  -4.710  -3.344  1.00 22.01 ? 37  ALA A C   1 
ATOM   186 O O   . ALA A 1 24  ? -2.418  -3.677  -3.331  1.00 20.99 ? 37  ALA A O   1 
ATOM   187 C CB  . ALA A 1 24  ? -4.087  -5.115  -5.577  1.00 22.17 ? 37  ALA A CB  1 
ATOM   188 N N   . ILE A 1 25  ? -2.757  -5.811  -2.689  1.00 21.23 ? 38  ILE A N   1 
ATOM   189 C CA  . ILE A 1 25  ? -1.453  -5.881  -2.036  1.00 22.20 ? 38  ILE A CA  1 
ATOM   190 C C   . ILE A 1 25  ? -0.587  -6.980  -2.614  1.00 21.74 ? 38  ILE A C   1 
ATOM   191 O O   . ILE A 1 25  ? -1.061  -8.086  -2.922  1.00 21.96 ? 38  ILE A O   1 
ATOM   192 C CB  . ILE A 1 25  ? -1.496  -5.950  -0.520  1.00 24.39 ? 38  ILE A CB  1 
ATOM   193 C CG1 . ILE A 1 25  ? -2.320  -7.136  -0.073  1.00 24.72 ? 38  ILE A CG1 1 
ATOM   194 C CG2 . ILE A 1 25  ? -2.055  -4.610  0.108   1.00 25.00 ? 38  ILE A CG2 1 
ATOM   195 C CD1 . ILE A 1 25  ? -1.926  -7.559  1.368   1.00 29.92 ? 38  ILE A CD1 1 
ATOM   196 N N   . SER A 1 26  ? 0.696   -6.645  -2.741  1.00 21.77 ? 39  SER A N   1 
ATOM   197 C CA  . SER A 1 26  ? 1.691   -7.595  -3.183  1.00 21.26 ? 39  SER A CA  1 
ATOM   198 C C   . SER A 1 26  ? 2.851   -7.604  -2.199  1.00 21.55 ? 39  SER A C   1 
ATOM   199 O O   . SER A 1 26  ? 2.804   -6.920  -1.179  1.00 21.48 ? 39  SER A O   1 
ATOM   200 C CB  . SER A 1 26  ? 2.144   -7.198  -4.575  1.00 21.44 ? 39  SER A CB  1 
ATOM   201 O OG  . SER A 1 26  ? 1.016   -7.116  -5.475  1.00 22.37 ? 39  SER A OG  1 
ATOM   202 N N   . GLY A 1 27  ? 3.884   -8.394  -2.479  1.00 21.71 ? 40  GLY A N   1 
ATOM   203 C CA  . GLY A 1 27  ? 5.022   -8.439  -1.559  1.00 21.69 ? 40  GLY A CA  1 
ATOM   204 C C   . GLY A 1 27  ? 4.858   -9.389  -0.397  1.00 21.67 ? 40  GLY A C   1 
ATOM   205 O O   . GLY A 1 27  ? 3.903   -10.205 -0.353  1.00 22.09 ? 40  GLY A O   1 
ATOM   206 N N   . GLY A 1 28  ? 5.820   -9.298  0.537   1.00 22.49 ? 41  GLY A N   1 
ATOM   207 C CA  . GLY A 1 28  ? 5.908   -10.218 1.666   1.00 23.11 ? 41  GLY A CA  1 
ATOM   208 C C   . GLY A 1 28  ? 7.223   -10.961 1.629   1.00 24.05 ? 41  GLY A C   1 
ATOM   209 O O   . GLY A 1 28  ? 7.853   -11.040 0.579   1.00 23.83 ? 41  GLY A O   1 
ATOM   210 N N   . ARG A 1 29  ? 7.623   -11.531 2.759   1.00 23.80 ? 42  ARG A N   1 
ATOM   211 C CA  . ARG A 1 29  ? 8.912   -12.225 2.855   1.00 26.27 ? 42  ARG A CA  1 
ATOM   212 C C   . ARG A 1 29  ? 8.966   -13.446 1.934   1.00 26.65 ? 42  ARG A C   1 
ATOM   213 O O   . ARG A 1 29  ? 10.043  -13.817 1.436   1.00 28.29 ? 42  ARG A O   1 
ATOM   214 C CB  . ARG A 1 29  ? 9.270   -12.523 4.328   1.00 25.91 ? 42  ARG A CB  1 
ATOM   215 C CG  . ARG A 1 29  ? 8.405   -13.558 5.046   1.00 28.09 ? 42  ARG A CG  1 
ATOM   216 C CD  . ARG A 1 29  ? 8.871   -13.771 6.519   1.00 30.11 ? 42  ARG A CD  1 
ATOM   217 N NE  . ARG A 1 29  ? 8.156   -14.859 7.190   1.00 38.70 ? 42  ARG A NE  1 
ATOM   218 C CZ  . ARG A 1 29  ? 7.587   -14.783 8.397   1.00 40.21 ? 42  ARG A CZ  1 
ATOM   219 N NH1 . ARG A 1 29  ? 7.628   -13.663 9.111   1.00 41.23 ? 42  ARG A NH1 1 
ATOM   220 N NH2 . ARG A 1 29  ? 6.974   -15.849 8.902   1.00 42.38 ? 42  ARG A NH2 1 
ATOM   221 N N   . ASP A 1 30  ? 7.805   -14.047 1.692   1.00 26.36 ? 43  ASP A N   1 
ATOM   222 C CA  . ASP A 1 30  ? 7.683   -15.235 0.856   1.00 27.33 ? 43  ASP A CA  1 
ATOM   223 C C   . ASP A 1 30  ? 7.262   -14.901 -0.567  1.00 26.64 ? 43  ASP A C   1 
ATOM   224 O O   . ASP A 1 30  ? 6.985   -15.800 -1.369  1.00 27.74 ? 43  ASP A O   1 
ATOM   225 C CB  . ASP A 1 30  ? 6.677   -16.205 1.482   1.00 27.57 ? 43  ASP A CB  1 
ATOM   226 C CG  . ASP A 1 30  ? 5.283   -15.606 1.640   1.00 28.83 ? 43  ASP A CG  1 
ATOM   227 O OD1 . ASP A 1 30  ? 5.133   -14.368 1.797   1.00 26.71 ? 43  ASP A OD1 1 
ATOM   228 O OD2 . ASP A 1 30  ? 4.323   -16.414 1.615   1.00 35.76 ? 43  ASP A OD2 1 
ATOM   229 N N   . ASN A 1 31  ? 7.213   -13.607 -0.877  1.00 25.66 ? 44  ASN A N   1 
ATOM   230 C CA  . ASN A 1 31  ? 6.666   -13.124 -2.145  1.00 25.75 ? 44  ASN A CA  1 
ATOM   231 C C   . ASN A 1 31  ? 7.431   -11.877 -2.575  1.00 26.40 ? 44  ASN A C   1 
ATOM   232 O O   . ASN A 1 31  ? 6.862   -10.811 -2.739  1.00 25.48 ? 44  ASN A O   1 
ATOM   233 C CB  . ASN A 1 31  ? 5.158   -12.840 -1.953  1.00 24.97 ? 44  ASN A CB  1 
ATOM   234 C CG  . ASN A 1 31  ? 4.473   -12.364 -3.207  1.00 25.80 ? 44  ASN A CG  1 
ATOM   235 O OD1 . ASN A 1 31  ? 4.748   -12.854 -4.307  1.00 24.81 ? 44  ASN A OD1 1 
ATOM   236 N ND2 . ASN A 1 31  ? 3.533   -11.418 -3.045  1.00 23.06 ? 44  ASN A ND2 1 
ATOM   237 N N   . PRO A 1 32  ? 8.755   -11.977 -2.711  1.00 27.72 ? 45  PRO A N   1 
ATOM   238 C CA  . PRO A 1 32  ? 9.523   -10.746 -2.921  1.00 28.90 ? 45  PRO A CA  1 
ATOM   239 C C   . PRO A 1 32  ? 9.325   -10.154 -4.323  1.00 29.61 ? 45  PRO A C   1 
ATOM   240 O O   . PRO A 1 32  ? 8.908   -10.865 -5.250  1.00 29.98 ? 45  PRO A O   1 
ATOM   241 C CB  . PRO A 1 32  ? 10.968  -11.229 -2.763  1.00 29.09 ? 45  PRO A CB  1 
ATOM   242 C CG  . PRO A 1 32  ? 10.902  -12.610 -3.316  1.00 30.26 ? 45  PRO A CG  1 
ATOM   243 C CD  . PRO A 1 32  ? 9.619   -13.168 -2.754  1.00 28.22 ? 45  PRO A CD  1 
ATOM   244 N N   . HIS A 1 33  ? 9.606   -8.859  -4.468  1.00 31.33 ? 46  HIS A N   1 
ATOM   245 C CA  . HIS A 1 33  ? 9.576   -8.172  -5.763  1.00 33.15 ? 46  HIS A CA  1 
ATOM   246 C C   . HIS A 1 33  ? 10.615  -8.862  -6.647  1.00 33.84 ? 46  HIS A C   1 
ATOM   247 O O   . HIS A 1 33  ? 11.718  -9.134  -6.186  1.00 34.39 ? 46  HIS A O   1 
ATOM   248 C CB  . HIS A 1 33  ? 9.962   -6.707  -5.577  1.00 33.68 ? 46  HIS A CB  1 
ATOM   249 C CG  . HIS A 1 33  ? 9.554   -5.815  -6.707  1.00 37.02 ? 46  HIS A CG  1 
ATOM   250 N ND1 . HIS A 1 33  ? 10.056  -5.950  -7.985  1.00 39.93 ? 46  HIS A ND1 1 
ATOM   251 C CD2 . HIS A 1 33  ? 8.723   -4.745  -6.740  1.00 38.36 ? 46  HIS A CD2 1 
ATOM   252 C CE1 . HIS A 1 33  ? 9.520   -5.028  -8.765  1.00 40.68 ? 46  HIS A CE1 1 
ATOM   253 N NE2 . HIS A 1 33  ? 8.706   -4.285  -8.033  1.00 40.79 ? 46  HIS A NE2 1 
ATOM   254 N N   . PHE A 1 34  ? 10.262  -9.147  -7.895  1.00 35.14 ? 47  PHE A N   1 
ATOM   255 C CA  . PHE A 1 34  ? 11.097  -10.026 -8.719  1.00 37.17 ? 47  PHE A CA  1 
ATOM   256 C C   . PHE A 1 34  ? 12.566  -9.642  -8.886  1.00 38.67 ? 47  PHE A C   1 
ATOM   257 O O   . PHE A 1 34  ? 13.463  -10.485 -8.730  1.00 39.70 ? 47  PHE A O   1 
ATOM   258 C CB  . PHE A 1 34  ? 10.444  -10.294 -10.078 1.00 36.73 ? 47  PHE A CB  1 
ATOM   259 C CG  . PHE A 1 34  ? 9.400   -11.370 -10.037 1.00 37.02 ? 47  PHE A CG  1 
ATOM   260 C CD1 . PHE A 1 34  ? 9.643   -12.569 -9.363  1.00 38.18 ? 47  PHE A CD1 1 
ATOM   261 C CD2 . PHE A 1 34  ? 8.181   -11.201 -10.680 1.00 37.74 ? 47  PHE A CD2 1 
ATOM   262 C CE1 . PHE A 1 34  ? 8.672   -13.570 -9.328  1.00 38.05 ? 47  PHE A CE1 1 
ATOM   263 C CE2 . PHE A 1 34  ? 7.220   -12.203 -10.657 1.00 37.49 ? 47  PHE A CE2 1 
ATOM   264 C CZ  . PHE A 1 34  ? 7.462   -13.379 -9.974  1.00 37.35 ? 47  PHE A CZ  1 
ATOM   265 N N   . GLN A 1 35  ? 12.831  -8.387  -9.209  1.00 39.83 ? 48  GLN A N   1 
ATOM   266 C CA  . GLN A 1 35  ? 14.196  -8.034  -9.603  1.00 39.78 ? 48  GLN A CA  1 
ATOM   267 C C   . GLN A 1 35  ? 15.037  -7.540  -8.431  1.00 39.42 ? 48  GLN A C   1 
ATOM   268 O O   . GLN A 1 35  ? 16.230  -7.836  -8.347  1.00 39.61 ? 48  GLN A O   1 
ATOM   269 C CB  . GLN A 1 35  ? 14.187  -7.024  -10.754 1.00 40.54 ? 48  GLN A CB  1 
ATOM   270 C CG  . GLN A 1 35  ? 13.452  -7.517  -12.016 1.00 42.27 ? 48  GLN A CG  1 
ATOM   271 C CD  . GLN A 1 35  ? 14.184  -8.638  -12.758 1.00 45.63 ? 48  GLN A CD  1 
ATOM   272 O OE1 . GLN A 1 35  ? 13.559  -9.585  -13.238 1.00 48.03 ? 48  GLN A OE1 1 
ATOM   273 N NE2 . GLN A 1 35  ? 15.505  -8.519  -12.874 1.00 46.41 ? 48  GLN A NE2 1 
ATOM   274 N N   . SER A 1 36  ? 14.411  -6.791  -7.526  1.00 38.61 ? 49  SER A N   1 
ATOM   275 C CA  . SER A 1 36  ? 15.110  -6.204  -6.380  1.00 37.51 ? 49  SER A CA  1 
ATOM   276 C C   . SER A 1 36  ? 15.177  -7.110  -5.150  1.00 37.08 ? 49  SER A C   1 
ATOM   277 O O   . SER A 1 36  ? 16.044  -6.932  -4.285  1.00 37.79 ? 49  SER A O   1 
ATOM   278 C CB  . SER A 1 36  ? 14.426  -4.900  -5.992  1.00 38.29 ? 49  SER A CB  1 
ATOM   279 O OG  . SER A 1 36  ? 13.130  -5.177  -5.476  1.00 37.98 ? 49  SER A OG  1 
ATOM   280 N N   . GLY A 1 37  ? 14.247  -8.059  -5.054  1.00 35.95 ? 50  GLY A N   1 
ATOM   281 C CA  . GLY A 1 37  ? 14.176  -8.933  -3.889  1.00 34.57 ? 50  GLY A CA  1 
ATOM   282 C C   . GLY A 1 37  ? 13.499  -8.309  -2.677  1.00 33.25 ? 50  GLY A C   1 
ATOM   283 O O   . GLY A 1 37  ? 13.428  -8.942  -1.622  1.00 33.79 ? 50  GLY A O   1 
ATOM   284 N N   . GLU A 1 38  ? 12.984  -7.082  -2.836  1.00 32.69 ? 51  GLU A N   1 
ATOM   285 C CA  . GLU A 1 38  ? 12.315  -6.342  -1.745  1.00 31.93 ? 51  GLU A CA  1 
ATOM   286 C C   . GLU A 1 38  ? 11.108  -7.108  -1.195  1.00 30.14 ? 51  GLU A C   1 
ATOM   287 O O   . GLU A 1 38  ? 10.250  -7.556  -1.963  1.00 29.24 ? 51  GLU A O   1 
ATOM   288 C CB  . GLU A 1 38  ? 11.902  -4.930  -2.207  1.00 31.98 ? 51  GLU A CB  1 
ATOM   289 C CG  . GLU A 1 38  ? 11.291  -4.067  -1.082  1.00 33.69 ? 51  GLU A CG  1 
ATOM   290 C CD  . GLU A 1 38  ? 10.769  -2.720  -1.556  1.00 34.97 ? 51  GLU A CD  1 
ATOM   291 O OE1 . GLU A 1 38  ? 11.127  -2.267  -2.670  1.00 39.41 ? 51  GLU A OE1 1 
ATOM   292 O OE2 . GLU A 1 38  ? 9.990   -2.101  -0.796  1.00 37.34 ? 51  GLU A OE2 1 
ATOM   293 N N   . THR A 1 39  ? 11.041  -7.245  0.133   1.00 28.00 ? 52  THR A N   1 
ATOM   294 C CA  . THR A 1 39  ? 10.013  -8.084  0.769   1.00 26.99 ? 52  THR A CA  1 
ATOM   295 C C   . THR A 1 39  ? 8.867   -7.273  1.355   1.00 25.39 ? 52  THR A C   1 
ATOM   296 O O   . THR A 1 39  ? 7.931   -7.850  1.913   1.00 24.52 ? 52  THR A O   1 
ATOM   297 C CB  . THR A 1 39  ? 10.562  -8.965  1.901   1.00 27.41 ? 52  THR A CB  1 
ATOM   298 O OG1 . THR A 1 39  ? 11.194  -8.136  2.893   1.00 28.90 ? 52  THR A OG1 1 
ATOM   299 C CG2 . THR A 1 39  ? 11.557  -10.019 1.337   1.00 30.32 ? 52  THR A CG2 1 
ATOM   300 N N   . SER A 1 40  ? 8.935   -5.942  1.227   1.00 24.41 ? 53  SER A N   1 
ATOM   301 C CA  . SER A 1 40  ? 7.875   -5.082  1.754   1.00 23.74 ? 53  SER A CA  1 
ATOM   302 C C   . SER A 1 40  ? 6.531   -5.493  1.208   1.00 22.80 ? 53  SER A C   1 
ATOM   303 O O   . SER A 1 40  ? 6.428   -5.971  0.055   1.00 24.20 ? 53  SER A O   1 
ATOM   304 C CB  . SER A 1 40  ? 8.106   -3.614  1.385   1.00 25.37 ? 53  SER A CB  1 
ATOM   305 O OG  . SER A 1 40  ? 9.347   -3.189  1.911   1.00 28.21 ? 53  SER A OG  1 
ATOM   306 N N   . ILE A 1 41  ? 5.511   -5.294  2.039   1.00 21.58 ? 54  ILE A N   1 
ATOM   307 C CA  . ILE A 1 41  ? 4.131   -5.326  1.540   1.00 20.75 ? 54  ILE A CA  1 
ATOM   308 C C   . ILE A 1 41  ? 3.911   -4.014  0.802   1.00 21.51 ? 54  ILE A C   1 
ATOM   309 O O   . ILE A 1 41  ? 4.263   -2.951  1.308   1.00 21.72 ? 54  ILE A O   1 
ATOM   310 C CB  . ILE A 1 41  ? 3.128   -5.507  2.713   1.00 20.89 ? 54  ILE A CB  1 
ATOM   311 C CG1 . ILE A 1 41  ? 3.365   -6.840  3.454   1.00 20.74 ? 54  ILE A CG1 1 
ATOM   312 C CG2 . ILE A 1 41  ? 1.683   -5.431  2.242   1.00 22.15 ? 54  ILE A CG2 1 
ATOM   313 C CD1 . ILE A 1 41  ? 3.122   -8.127  2.583   1.00 23.91 ? 54  ILE A CD1 1 
ATOM   314 N N   . VAL A 1 42  ? 3.313   -4.074  -0.387  1.00 20.95 ? 55  VAL A N   1 
ATOM   315 C CA  . VAL A 1 42  ? 3.199   -2.892  -1.268  1.00 21.88 ? 55  VAL A CA  1 
ATOM   316 C C   . VAL A 1 42  ? 1.776   -2.807  -1.790  1.00 21.44 ? 55  VAL A C   1 
ATOM   317 O O   . VAL A 1 42  ? 1.151   -3.831  -2.129  1.00 22.06 ? 55  VAL A O   1 
ATOM   318 C CB  . VAL A 1 42  ? 4.180   -2.987  -2.444  1.00 21.83 ? 55  VAL A CB  1 
ATOM   319 C CG1 . VAL A 1 42  ? 4.014   -1.830  -3.400  1.00 23.26 ? 55  VAL A CG1 1 
ATOM   320 C CG2 . VAL A 1 42  ? 5.638   -3.035  -1.898  1.00 24.29 ? 55  VAL A CG2 1 
ATOM   321 N N   . ILE A 1 43  ? 1.239   -1.588  -1.842  1.00 20.99 ? 56  ILE A N   1 
ATOM   322 C CA  . ILE A 1 43  ? -0.041  -1.376  -2.516  1.00 21.52 ? 56  ILE A CA  1 
ATOM   323 C C   . ILE A 1 43  ? 0.270   -1.410  -4.003  1.00 21.85 ? 56  ILE A C   1 
ATOM   324 O O   . ILE A 1 43  ? 0.861   -0.472  -4.531  1.00 22.73 ? 56  ILE A O   1 
ATOM   325 C CB  . ILE A 1 43  ? -0.592  0.021   -2.151  1.00 21.38 ? 56  ILE A CB  1 
ATOM   326 C CG1 . ILE A 1 43  ? -0.700  0.176   -0.627  1.00 23.38 ? 56  ILE A CG1 1 
ATOM   327 C CG2 . ILE A 1 43  ? -1.913  0.352   -2.899  1.00 24.10 ? 56  ILE A CG2 1 
ATOM   328 C CD1 . ILE A 1 43  ? -1.712  -0.807  0.027   1.00 25.23 ? 56  ILE A CD1 1 
ATOM   329 N N   . SER A 1 44  ? -0.156  -2.468  -4.684  1.00 20.79 ? 57  SER A N   1 
ATOM   330 C CA  . SER A 1 44  ? 0.185   -2.591  -6.114  1.00 22.78 ? 57  SER A CA  1 
ATOM   331 C C   . SER A 1 44  ? -0.913  -2.111  -7.074  1.00 23.10 ? 57  SER A C   1 
ATOM   332 O O   . SER A 1 44  ? -0.674  -1.989  -8.301  1.00 25.40 ? 57  SER A O   1 
ATOM   333 C CB  . SER A 1 44  ? 0.588   -4.029  -6.438  1.00 23.59 ? 57  SER A CB  1 
ATOM   334 O OG  . SER A 1 44  ? -0.477  -4.902  -6.095  1.00 24.19 ? 57  SER A OG  1 
ATOM   335 N N   . ASP A 1 45  ? -2.101  -1.825  -6.533  1.00 21.91 ? 58  ASP A N   1 
ATOM   336 C CA  . ASP A 1 45  ? -3.171  -1.230  -7.330  1.00 21.22 ? 58  ASP A CA  1 
ATOM   337 C C   . ASP A 1 45  ? -4.146  -0.533  -6.387  1.00 21.07 ? 58  ASP A C   1 
ATOM   338 O O   . ASP A 1 45  ? -4.301  -0.941  -5.217  1.00 21.35 ? 58  ASP A O   1 
ATOM   339 C CB  . ASP A 1 45  ? -3.883  -2.327  -8.124  1.00 21.63 ? 58  ASP A CB  1 
ATOM   340 C CG  . ASP A 1 45  ? -4.636  -1.781  -9.345  1.00 22.46 ? 58  ASP A CG  1 
ATOM   341 O OD1 . ASP A 1 45  ? -4.597  -0.548  -9.647  1.00 24.80 ? 58  ASP A OD1 1 
ATOM   342 O OD2 . ASP A 1 45  ? -5.286  -2.615  -10.038 1.00 24.74 ? 58  ASP A OD2 1 
ATOM   343 N N   . VAL A 1 46  ? -4.776  0.530   -6.887  1.00 21.57 ? 59  VAL A N   1 
ATOM   344 C CA  . VAL A 1 46  ? -5.842  1.238   -6.186  1.00 21.06 ? 59  VAL A CA  1 
ATOM   345 C C   . VAL A 1 46  ? -6.979  1.369   -7.181  1.00 21.31 ? 59  VAL A C   1 
ATOM   346 O O   . VAL A 1 46  ? -6.802  1.950   -8.269  1.00 22.48 ? 59  VAL A O   1 
ATOM   347 C CB  . VAL A 1 46  ? -5.386  2.650   -5.690  1.00 20.89 ? 59  VAL A CB  1 
ATOM   348 C CG1 . VAL A 1 46  ? -6.536  3.386   -5.017  1.00 21.57 ? 59  VAL A CG1 1 
ATOM   349 C CG2 . VAL A 1 46  ? -4.215  2.565   -4.719  1.00 22.34 ? 59  VAL A CG2 1 
ATOM   350 N N   . LEU A 1 47  ? -8.147  0.839   -6.823  1.00 21.79 ? 60  LEU A N   1 
ATOM   351 C CA  . LEU A 1 47  ? -9.240  0.773   -7.810  1.00 22.28 ? 60  LEU A CA  1 
ATOM   352 C C   . LEU A 1 47  ? -9.905  2.138   -8.017  1.00 22.80 ? 60  LEU A C   1 
ATOM   353 O O   . LEU A 1 47  ? -10.331 2.780   -7.059  1.00 22.76 ? 60  LEU A O   1 
ATOM   354 C CB  . LEU A 1 47  ? -10.283 -0.293  -7.424  1.00 22.37 ? 60  LEU A CB  1 
ATOM   355 C CG  . LEU A 1 47  ? -9.754  -1.739  -7.487  1.00 24.95 ? 60  LEU A CG  1 
ATOM   356 C CD1 . LEU A 1 47  ? -10.868 -2.729  -7.155  1.00 26.46 ? 60  LEU A CD1 1 
ATOM   357 C CD2 . LEU A 1 47  ? -9.113  -2.062  -8.845  1.00 26.79 ? 60  LEU A CD2 1 
ATOM   358 N N   . LYS A 1 48  ? -9.993  2.553   -9.274  1.00 22.26 ? 61  LYS A N   1 
ATOM   359 C CA  . LYS A 1 48  ? -10.727 3.771   -9.647  1.00 23.30 ? 61  LYS A CA  1 
ATOM   360 C C   . LYS A 1 48  ? -12.189 3.731   -9.196  1.00 23.82 ? 61  LYS A C   1 
ATOM   361 O O   . LYS A 1 48  ? -12.924 2.744   -9.455  1.00 24.91 ? 61  LYS A O   1 
ATOM   362 C CB  . LYS A 1 48  ? -10.661 3.965   -11.166 1.00 23.14 ? 61  LYS A CB  1 
ATOM   363 C CG  . LYS A 1 48  ? -11.413 5.233   -11.668 1.00 22.76 ? 61  LYS A CG  1 
ATOM   364 C CD  . LYS A 1 48  ? -11.647 5.187   -13.142 1.00 25.27 ? 61  LYS A CD  1 
ATOM   365 C CE  . LYS A 1 48  ? -12.328 6.467   -13.600 1.00 26.33 ? 61  LYS A CE  1 
ATOM   366 N NZ  . LYS A 1 48  ? -13.823 6.330   -13.635 1.00 27.73 ? 61  LYS A NZ  1 
ATOM   367 N N   . GLY A 1 49  ? -12.610 4.802   -8.526  1.00 24.68 ? 62  GLY A N   1 
ATOM   368 C CA  . GLY A 1 49  ? -13.982 4.918   -8.064  1.00 25.95 ? 62  GLY A CA  1 
ATOM   369 C C   . GLY A 1 49  ? -14.171 4.230   -6.736  1.00 27.25 ? 62  GLY A C   1 
ATOM   370 O O   . GLY A 1 49  ? -15.254 4.320   -6.159  1.00 28.85 ? 62  GLY A O   1 
ATOM   371 N N   . GLY A 1 50  ? -13.121 3.540   -6.273  1.00 27.13 ? 63  GLY A N   1 
ATOM   372 C CA  . GLY A 1 50  ? -13.108 2.837   -4.989  1.00 26.52 ? 63  GLY A CA  1 
ATOM   373 C C   . GLY A 1 50  ? -12.782 3.696   -3.783  1.00 26.64 ? 63  GLY A C   1 
ATOM   374 O O   . GLY A 1 50  ? -12.353 4.843   -3.924  1.00 26.83 ? 63  GLY A O   1 
ATOM   375 N N   . PRO A 1 51  ? -13.011 3.154   -2.581  1.00 26.30 ? 64  PRO A N   1 
ATOM   376 C CA  . PRO A 1 51  ? -12.868 3.940   -1.362  1.00 27.14 ? 64  PRO A CA  1 
ATOM   377 C C   . PRO A 1 51  ? -11.430 4.328   -0.956  1.00 26.41 ? 64  PRO A C   1 
ATOM   378 O O   . PRO A 1 51  ? -11.260 5.205   -0.094  1.00 27.84 ? 64  PRO A O   1 
ATOM   379 C CB  . PRO A 1 51  ? -13.593 3.072   -0.310  1.00 28.56 ? 64  PRO A CB  1 
ATOM   380 C CG  . PRO A 1 51  ? -13.491 1.682   -0.824  1.00 26.69 ? 64  PRO A CG  1 
ATOM   381 C CD  . PRO A 1 51  ? -13.522 1.791   -2.321  1.00 27.00 ? 64  PRO A CD  1 
ATOM   382 N N   . ALA A 1 52  ? -10.403 3.748   -1.598  1.00 24.44 ? 65  ALA A N   1 
ATOM   383 C CA  . ALA A 1 52  ? -9.016  4.112   -1.297  1.00 23.41 ? 65  ALA A CA  1 
ATOM   384 C C   . ALA A 1 52  ? -8.442  5.150   -2.259  1.00 22.23 ? 65  ALA A C   1 
ATOM   385 O O   . ALA A 1 52  ? -7.318  5.621   -2.047  1.00 22.61 ? 65  ALA A O   1 
ATOM   386 C CB  . ALA A 1 52  ? -8.099  2.868   -1.290  1.00 23.50 ? 65  ALA A CB  1 
ATOM   387 N N   . GLU A 1 53  ? -9.202  5.489   -3.307  1.00 21.79 ? 66  GLU A N   1 
ATOM   388 C CA  . GLU A 1 53  ? -8.671  6.418   -4.287  1.00 21.72 ? 66  GLU A CA  1 
ATOM   389 C C   . GLU A 1 53  ? -8.527  7.787   -3.627  1.00 22.24 ? 66  GLU A C   1 
ATOM   390 O O   . GLU A 1 53  ? -9.437  8.265   -2.935  1.00 23.99 ? 66  GLU A O   1 
ATOM   391 C CB  . GLU A 1 53  ? -9.551  6.443   -5.539  1.00 21.46 ? 66  GLU A CB  1 
ATOM   392 C CG  . GLU A 1 53  ? -8.945  7.255   -6.655  1.00 22.59 ? 66  GLU A CG  1 
ATOM   393 C CD  . GLU A 1 53  ? -9.813  7.402   -7.868  1.00 22.53 ? 66  GLU A CD  1 
ATOM   394 O OE1 . GLU A 1 53  ? -11.023 7.118   -7.805  1.00 23.06 ? 66  GLU A OE1 1 
ATOM   395 O OE2 . GLU A 1 53  ? -9.265  7.855   -8.898  1.00 23.31 ? 66  GLU A OE2 1 
ATOM   396 N N   . GLY A 1 54  ? -7.361  8.394   -3.812  1.00 22.58 ? 67  GLY A N   1 
ATOM   397 C CA  . GLY A 1 54  ? -7.018  9.687   -3.163  1.00 22.52 ? 67  GLY A CA  1 
ATOM   398 C C   . GLY A 1 54  ? -6.569  9.553   -1.720  1.00 23.93 ? 67  GLY A C   1 
ATOM   399 O O   . GLY A 1 54  ? -6.252  10.558  -1.070  1.00 24.91 ? 67  GLY A O   1 
ATOM   400 N N   . GLN A 1 55  ? -6.506  8.308   -1.229  1.00 24.18 ? 68  GLN A N   1 
ATOM   401 C CA  . GLN A 1 55  ? -5.961  8.025   0.105   1.00 24.51 ? 68  GLN A CA  1 
ATOM   402 C C   . GLN A 1 55  ? -4.608  7.297   -0.005  1.00 24.28 ? 68  GLN A C   1 
ATOM   403 O O   . GLN A 1 55  ? -3.581  7.768   0.509   1.00 25.40 ? 68  GLN A O   1 
ATOM   404 C CB  . GLN A 1 55  ? -6.936  7.156   0.894   1.00 25.03 ? 68  GLN A CB  1 
ATOM   405 C CG  . GLN A 1 55  ? -8.275  7.846   1.205   1.00 28.04 ? 68  GLN A CG  1 
ATOM   406 C CD  . GLN A 1 55  ? -8.074  9.084   2.015   1.00 31.38 ? 68  GLN A CD  1 
ATOM   407 O OE1 . GLN A 1 55  ? -7.423  9.063   3.060   1.00 34.58 ? 68  GLN A OE1 1 
ATOM   408 N NE2 . GLN A 1 55  ? -8.620  10.196  1.532   1.00 33.95 ? 68  GLN A NE2 1 
ATOM   409 N N   . LEU A 1 56  ? -4.632  6.151   -0.671  1.00 23.43 ? 69  LEU A N   1 
ATOM   410 C CA  . LEU A 1 56  ? -3.412  5.375   -0.931  1.00 23.58 ? 69  LEU A CA  1 
ATOM   411 C C   . LEU A 1 56  ? -3.040  5.483   -2.408  1.00 23.58 ? 69  LEU A C   1 
ATOM   412 O O   . LEU A 1 56  ? -3.894  5.789   -3.266  1.00 24.35 ? 69  LEU A O   1 
ATOM   413 C CB  . LEU A 1 56  ? -3.612  3.904   -0.525  1.00 23.87 ? 69  LEU A CB  1 
ATOM   414 C CG  . LEU A 1 56  ? -3.809  3.671   0.974   1.00 23.62 ? 69  LEU A CG  1 
ATOM   415 C CD1 . LEU A 1 56  ? -3.913  2.177   1.288   1.00 25.96 ? 69  LEU A CD1 1 
ATOM   416 C CD2 . LEU A 1 56  ? -2.660  4.301   1.789   1.00 27.96 ? 69  LEU A CD2 1 
ATOM   417 N N   . GLN A 1 57  ? -1.775  5.226   -2.711  1.00 24.71 ? 70  GLN A N   1 
ATOM   418 C CA  . GLN A 1 57  ? -1.258  5.322   -4.076  1.00 23.61 ? 70  GLN A CA  1 
ATOM   419 C C   . GLN A 1 57  ? -0.496  4.065   -4.422  1.00 23.85 ? 70  GLN A C   1 
ATOM   420 O O   . GLN A 1 57  ? 0.148   3.459   -3.541  1.00 23.10 ? 70  GLN A O   1 
ATOM   421 C CB  . GLN A 1 57  ? -0.360  6.554   -4.257  1.00 25.06 ? 70  GLN A CB  1 
ATOM   422 C CG  . GLN A 1 57  ? -1.113  7.853   -4.140  1.00 26.96 ? 70  GLN A CG  1 
ATOM   423 C CD  . GLN A 1 57  ? -0.208  9.056   -4.285  1.00 30.80 ? 70  GLN A CD  1 
ATOM   424 O OE1 . GLN A 1 57  ? 0.779   9.016   -5.028  1.00 32.70 ? 70  GLN A OE1 1 
ATOM   425 N NE2 . GLN A 1 57  ? -0.526  10.129  -3.558  1.00 31.77 ? 70  GLN A NE2 1 
ATOM   426 N N   . GLU A 1 58  ? -0.563  3.661   -5.692  1.00 23.61 ? 71  GLU A N   1 
ATOM   427 C CA  . GLU A 1 58  ? 0.255   2.556   -6.170  1.00 24.56 ? 71  GLU A CA  1 
ATOM   428 C C   . GLU A 1 58  ? 1.728   2.819   -5.785  1.00 24.32 ? 71  GLU A C   1 
ATOM   429 O O   . GLU A 1 58  ? 2.236   3.975   -5.884  1.00 24.60 ? 71  GLU A O   1 
ATOM   430 C CB  . GLU A 1 58  ? 0.074   2.387   -7.691  1.00 24.69 ? 71  GLU A CB  1 
ATOM   431 C CG  . GLU A 1 58  ? 0.838   1.232   -8.281  1.00 27.34 ? 71  GLU A CG  1 
ATOM   432 C CD  . GLU A 1 58  ? 0.441   0.947   -9.718  1.00 30.08 ? 71  GLU A CD  1 
ATOM   433 O OE1 . GLU A 1 58  ? -0.614  1.470   -10.164 1.00 34.85 ? 71  GLU A OE1 1 
ATOM   434 O OE2 . GLU A 1 58  ? 1.190   0.195   -10.383 1.00 32.86 ? 71  GLU A OE2 1 
ATOM   435 N N   . ASN A 1 59  ? 2.357   1.753   -5.294  1.00 23.06 ? 72  ASN A N   1 
ATOM   436 C CA  . ASN A 1 59  ? 3.753   1.716   -4.859  1.00 23.11 ? 72  ASN A CA  1 
ATOM   437 C C   . ASN A 1 59  ? 3.959   2.196   -3.441  1.00 21.33 ? 72  ASN A C   1 
ATOM   438 O O   . ASN A 1 59  ? 5.104   2.221   -2.987  1.00 22.57 ? 72  ASN A O   1 
ATOM   439 C CB  . ASN A 1 59  ? 4.682   2.443   -5.836  1.00 23.71 ? 72  ASN A CB  1 
ATOM   440 C CG  . ASN A 1 59  ? 4.621   1.837   -7.238  1.00 27.57 ? 72  ASN A CG  1 
ATOM   441 O OD1 . ASN A 1 59  ? 4.585   0.611   -7.389  1.00 33.43 ? 72  ASN A OD1 1 
ATOM   442 N ND2 . ASN A 1 59  ? 4.614   2.679   -8.239  1.00 33.06 ? 72  ASN A ND2 1 
ATOM   443 N N   . ASP A 1 60  ? 2.883   2.557   -2.726  1.00 20.71 ? 73  ASP A N   1 
ATOM   444 C CA  . ASP A 1 60  ? 3.051   2.812   -1.269  1.00 20.47 ? 73  ASP A CA  1 
ATOM   445 C C   . ASP A 1 60  ? 3.539   1.540   -0.586  1.00 20.60 ? 73  ASP A C   1 
ATOM   446 O O   . ASP A 1 60  ? 3.034   0.444   -0.871  1.00 22.17 ? 73  ASP A O   1 
ATOM   447 C CB  . ASP A 1 60  ? 1.727   3.234   -0.632  1.00 20.45 ? 73  ASP A CB  1 
ATOM   448 C CG  . ASP A 1 60  ? 1.288   4.657   -0.986  1.00 21.72 ? 73  ASP A CG  1 
ATOM   449 O OD1 . ASP A 1 60  ? 2.077   5.443   -1.581  1.00 22.10 ? 73  ASP A OD1 1 
ATOM   450 O OD2 . ASP A 1 60  ? 0.140   5.009   -0.603  1.00 22.94 ? 73  ASP A OD2 1 
ATOM   451 N N   . ARG A 1 61  ? 4.505   1.693   0.322   1.00 19.66 ? 74  ARG A N   1 
ATOM   452 C CA  . ARG A 1 61  ? 4.977   0.562   1.112   1.00 20.60 ? 74  ARG A CA  1 
ATOM   453 C C   . ARG A 1 61  ? 4.146   0.541   2.377   1.00 21.59 ? 74  ARG A C   1 
ATOM   454 O O   . ARG A 1 61  ? 3.984   1.553   3.047   1.00 22.33 ? 74  ARG A O   1 
ATOM   455 C CB  . ARG A 1 61  ? 6.452   0.739   1.453   1.00 20.93 ? 74  ARG A CB  1 
ATOM   456 C CG  . ARG A 1 61  ? 7.406   0.093   0.441   1.00 25.08 ? 74  ARG A CG  1 
ATOM   457 C CD  . ARG A 1 61  ? 7.204   0.489   -0.994  1.00 31.45 ? 74  ARG A CD  1 
ATOM   458 N NE  . ARG A 1 61  ? 8.255   -0.088  -1.851  1.00 35.63 ? 74  ARG A NE  1 
ATOM   459 C CZ  . ARG A 1 61  ? 8.324   0.099   -3.163  1.00 37.88 ? 74  ARG A CZ  1 
ATOM   460 N NH1 . ARG A 1 61  ? 7.417   0.852   -3.783  1.00 33.67 ? 74  ARG A NH1 1 
ATOM   461 N NH2 . ARG A 1 61  ? 9.305   -0.461  -3.856  1.00 39.75 ? 74  ARG A NH2 1 
ATOM   462 N N   . VAL A 1 62  ? 3.602   -0.619  2.727   1.00 20.62 ? 75  VAL A N   1 
ATOM   463 C CA  . VAL A 1 62  ? 2.738   -0.697  3.917   1.00 20.84 ? 75  VAL A CA  1 
ATOM   464 C C   . VAL A 1 62  ? 3.544   -1.005  5.146   1.00 21.34 ? 75  VAL A C   1 
ATOM   465 O O   . VAL A 1 62  ? 4.232   -2.055  5.206   1.00 21.52 ? 75  VAL A O   1 
ATOM   466 C CB  . VAL A 1 62  ? 1.680   -1.789  3.716   1.00 20.68 ? 75  VAL A CB  1 
ATOM   467 C CG1 . VAL A 1 62  ? 0.752   -1.904  4.918   1.00 22.29 ? 75  VAL A CG1 1 
ATOM   468 C CG2 . VAL A 1 62  ? 0.875   -1.543  2.444   1.00 20.58 ? 75  VAL A CG2 1 
ATOM   469 N N   . ALA A 1 63  ? 3.500   -0.097  6.132   1.00 19.99 ? 76  ALA A N   1 
ATOM   470 C CA  . ALA A 1 63  ? 4.260   -0.301  7.325   1.00 20.12 ? 76  ALA A CA  1 
ATOM   471 C C   . ALA A 1 63  ? 3.494   -0.972  8.444   1.00 20.38 ? 76  ALA A C   1 
ATOM   472 O O   . ALA A 1 63  ? 4.059   -1.797  9.180   1.00 21.00 ? 76  ALA A O   1 
ATOM   473 C CB  . ALA A 1 63  ? 4.812   1.059   7.779   1.00 20.83 ? 76  ALA A CB  1 
ATOM   474 N N   . MET A 1 64  ? 2.231   -0.581  8.615   1.00 21.76 ? 77  MET A N   1 
ATOM   475 C CA  . MET A 1 64  ? 1.392   -1.133  9.716   1.00 23.43 ? 77  MET A CA  1 
ATOM   476 C C   . MET A 1 64  ? -0.048  -1.242  9.246   1.00 23.08 ? 77  MET A C   1 
ATOM   477 O O   . MET A 1 64  ? -0.497  -0.406  8.463   1.00 20.69 ? 77  MET A O   1 
ATOM   478 C CB  . MET A 1 64  ? 1.360   -0.228  10.996  1.00 24.14 ? 77  MET A CB  1 
ATOM   479 C CG  . MET A 1 64  ? 2.615   0.426   11.493  1.00 29.94 ? 77  MET A CG  1 
ATOM   480 S SD  . MET A 1 64  ? 2.584   0.340   13.308  1.00 34.32 ? 77  MET A SD  1 
ATOM   481 C CE  . MET A 1 64  ? 2.647   -1.410  13.326  1.00 34.06 ? 77  MET A CE  1 
ATOM   482 N N   . VAL A 1 65  ? -0.759  -2.256  9.743   1.00 21.00 ? 78  VAL A N   1 
ATOM   483 C CA  . VAL A 1 65  ? -2.229  -2.354  9.572   1.00 20.31 ? 78  VAL A CA  1 
ATOM   484 C C   . VAL A 1 65  ? -2.817  -2.552  10.963  1.00 20.58 ? 78  VAL A C   1 
ATOM   485 O O   . VAL A 1 65  ? -2.472  -3.515  11.647  1.00 20.02 ? 78  VAL A O   1 
ATOM   486 C CB  . VAL A 1 65  ? -2.630  -3.522  8.660   1.00 20.94 ? 78  VAL A CB  1 
ATOM   487 C CG1 . VAL A 1 65  ? -4.144  -3.631  8.582   1.00 22.10 ? 78  VAL A CG1 1 
ATOM   488 C CG2 . VAL A 1 65  ? -2.090  -3.304  7.236   1.00 21.93 ? 78  VAL A CG2 1 
ATOM   489 N N   . ASN A 1 66  ? -3.676  -1.625  11.388  1.00 20.47 ? 79  ASN A N   1 
ATOM   490 C CA  . ASN A 1 66  ? -4.306  -1.709  12.708  1.00 21.03 ? 79  ASN A CA  1 
ATOM   491 C C   . ASN A 1 66  ? -3.289  -1.979  13.823  1.00 21.42 ? 79  ASN A C   1 
ATOM   492 O O   . ASN A 1 66  ? -3.528  -2.798  14.707  1.00 23.02 ? 79  ASN A O   1 
ATOM   493 C CB  . ASN A 1 66  ? -5.442  -2.724  12.698  1.00 21.55 ? 79  ASN A CB  1 
ATOM   494 C CG  . ASN A 1 66  ? -6.607  -2.282  11.816  1.00 21.47 ? 79  ASN A CG  1 
ATOM   495 O OD1 . ASN A 1 66  ? -6.943  -1.096  11.766  1.00 23.94 ? 79  ASN A OD1 1 
ATOM   496 N ND2 . ASN A 1 66  ? -7.221  -3.236  11.132  1.00 23.54 ? 79  ASN A ND2 1 
ATOM   497 N N   . GLY A 1 67  ? -2.161  -1.281  13.752  1.00 22.43 ? 80  GLY A N   1 
ATOM   498 C CA  . GLY A 1 67  ? -1.138  -1.355  14.814  1.00 22.21 ? 80  GLY A CA  1 
ATOM   499 C C   . GLY A 1 67  ? -0.228  -2.586  14.744  1.00 21.74 ? 80  GLY A C   1 
ATOM   500 O O   . GLY A 1 67  ? 0.603   -2.814  15.666  1.00 22.91 ? 80  GLY A O   1 
ATOM   501 N N   . VAL A 1 68  ? -0.378  -3.382  13.685  1.00 20.54 ? 81  VAL A N   1 
ATOM   502 C CA  . VAL A 1 68  ? 0.440   -4.584  13.508  1.00 19.73 ? 81  VAL A CA  1 
ATOM   503 C C   . VAL A 1 68  ? 1.456   -4.362  12.378  1.00 19.75 ? 81  VAL A C   1 
ATOM   504 O O   . VAL A 1 68  ? 1.077   -3.950  11.253  1.00 20.04 ? 81  VAL A O   1 
ATOM   505 C CB  . VAL A 1 68  ? -0.449  -5.835  13.189  1.00 19.67 ? 81  VAL A CB  1 
ATOM   506 C CG1 . VAL A 1 68  ? 0.434   -7.062  12.888  1.00 20.58 ? 81  VAL A CG1 1 
ATOM   507 C CG2 . VAL A 1 68  ? -1.396  -6.137  14.358  1.00 18.61 ? 81  VAL A CG2 1 
ATOM   508 N N   . SER A 1 69  ? 2.733   -4.635  12.676  1.00 19.32 ? 82  SER A N   1 
ATOM   509 C CA  . SER A 1 69  ? 3.806   -4.368  11.702  1.00 19.65 ? 82  SER A CA  1 
ATOM   510 C C   . SER A 1 69  ? 3.737   -5.309  10.507  1.00 20.90 ? 82  SER A C   1 
ATOM   511 O O   . SER A 1 69  ? 3.504   -6.510  10.658  1.00 21.34 ? 82  SER A O   1 
ATOM   512 C CB  . SER A 1 69  ? 5.195   -4.463  12.392  1.00 20.79 ? 82  SER A CB  1 
ATOM   513 O OG  . SER A 1 69  ? 6.236   -4.401  11.400  1.00 21.71 ? 82  SER A OG  1 
ATOM   514 N N   . MET A 1 70  ? 3.961   -4.716  9.343   1.00 21.14 ? 83  MET A N   1 
ATOM   515 C CA  . MET A 1 70  ? 4.039   -5.463  8.079   1.00 22.11 ? 83  MET A CA  1 
ATOM   516 C C   . MET A 1 70  ? 5.480   -5.617  7.598   1.00 22.82 ? 83  MET A C   1 
ATOM   517 O O   . MET A 1 70  ? 5.704   -6.023  6.449   1.00 23.49 ? 83  MET A O   1 
ATOM   518 C CB  . MET A 1 70  ? 3.195   -4.769  6.999   1.00 23.61 ? 83  MET A CB  1 
ATOM   519 C CG  . MET A 1 70  ? 1.697   -4.726  7.304   1.00 24.84 ? 83  MET A CG  1 
ATOM   520 S SD  . MET A 1 70  ? 0.902   -6.337  7.277   1.00 25.79 ? 83  MET A SD  1 
ATOM   521 C CE  . MET A 1 70  ? 0.669   -6.681  9.007   1.00 28.38 ? 83  MET A CE  1 
ATOM   522 N N   . ASP A 1 71  ? 6.447   -5.285  8.443   1.00 23.24 ? 84  ASP A N   1 
ATOM   523 C CA  . ASP A 1 71  ? 7.858   -5.505  8.085   1.00 24.48 ? 84  ASP A CA  1 
ATOM   524 C C   . ASP A 1 71  ? 8.191   -6.994  8.184   1.00 24.15 ? 84  ASP A C   1 
ATOM   525 O O   . ASP A 1 71  ? 7.927   -7.618  9.216   1.00 24.63 ? 84  ASP A O   1 
ATOM   526 C CB  . ASP A 1 71  ? 8.775   -4.716  9.026   1.00 25.34 ? 84  ASP A CB  1 
ATOM   527 C CG  . ASP A 1 71  ? 10.245  -4.812  8.631   1.00 27.81 ? 84  ASP A CG  1 
ATOM   528 O OD1 . ASP A 1 71  ? 10.528  -4.754  7.412   1.00 33.48 ? 84  ASP A OD1 1 
ATOM   529 O OD2 . ASP A 1 71  ? 11.108  -4.907  9.538   1.00 32.74 ? 84  ASP A OD2 1 
ATOM   530 N N   . ASN A 1 72  ? 8.754   -7.581  7.128   1.00 24.38 ? 85  ASN A N   1 
ATOM   531 C CA  . ASN A 1 72  ? 9.137   -9.001  7.173   1.00 23.66 ? 85  ASN A CA  1 
ATOM   532 C C   . ASN A 1 72  ? 8.013   -9.963  7.633   1.00 23.28 ? 85  ASN A C   1 
ATOM   533 O O   . ASN A 1 72  ? 8.167   -10.693 8.652   1.00 24.35 ? 85  ASN A O   1 
ATOM   534 C CB  . ASN A 1 72  ? 10.384  -9.231  8.052   1.00 23.84 ? 85  ASN A CB  1 
ATOM   535 C CG  . ASN A 1 72  ? 10.917  -10.645 7.920   1.00 25.79 ? 85  ASN A CG  1 
ATOM   536 O OD1 . ASN A 1 72  ? 11.037  -11.160 6.804   1.00 28.68 ? 85  ASN A OD1 1 
ATOM   537 N ND2 . ASN A 1 72  ? 11.210  -11.288 9.047   1.00 28.29 ? 85  ASN A ND2 1 
ATOM   538 N N   . VAL A 1 73  ? 6.896   -9.936  6.898   1.00 21.87 ? 86  VAL A N   1 
ATOM   539 C CA  . VAL A 1 73  ? 5.765   -10.815 7.170   1.00 22.23 ? 86  VAL A CA  1 
ATOM   540 C C   . VAL A 1 73  ? 5.432   -11.632 5.942   1.00 21.87 ? 86  VAL A C   1 
ATOM   541 O O   . VAL A 1 73  ? 5.746   -11.218 4.830   1.00 22.91 ? 86  VAL A O   1 
ATOM   542 C CB  . VAL A 1 73  ? 4.494   -10.046 7.677   1.00 21.57 ? 86  VAL A CB  1 
ATOM   543 C CG1 . VAL A 1 73  ? 4.865   -9.239  8.944   1.00 20.95 ? 86  VAL A CG1 1 
ATOM   544 C CG2 . VAL A 1 73  ? 3.891   -9.143  6.601   1.00 22.57 ? 86  VAL A CG2 1 
ATOM   545 N N   . GLU A 1 74  ? 4.778   -12.778 6.143   1.00 22.36 ? 87  GLU A N   1 
ATOM   546 C CA  . GLU A 1 74  ? 4.237   -13.543 5.006   1.00 23.04 ? 87  GLU A CA  1 
ATOM   547 C C   . GLU A 1 74  ? 3.116   -12.760 4.314   1.00 22.90 ? 87  GLU A C   1 
ATOM   548 O O   . GLU A 1 74  ? 2.359   -12.031 4.962   1.00 22.53 ? 87  GLU A O   1 
ATOM   549 C CB  . GLU A 1 74  ? 3.674   -14.892 5.490   1.00 24.66 ? 87  GLU A CB  1 
ATOM   550 C CG  . GLU A 1 74  ? 4.568   -15.748 6.364   1.00 29.72 ? 87  GLU A CG  1 
ATOM   551 C CD  . GLU A 1 74  ? 5.641   -16.507 5.621   1.00 36.55 ? 87  GLU A CD  1 
ATOM   552 O OE1 . GLU A 1 74  ? 6.240   -15.961 4.674   1.00 41.43 ? 87  GLU A OE1 1 
ATOM   553 O OE2 . GLU A 1 74  ? 5.909   -17.664 6.004   1.00 40.26 ? 87  GLU A OE2 1 
ATOM   554 N N   . HIS A 1 75  ? 2.993   -12.913 2.997   1.00 22.02 ? 88  HIS A N   1 
ATOM   555 C CA  . HIS A 1 75  ? 1.921   -12.257 2.265   1.00 21.73 ? 88  HIS A CA  1 
ATOM   556 C C   . HIS A 1 75  ? 0.557   -12.594 2.885   1.00 21.86 ? 88  HIS A C   1 
ATOM   557 O O   . HIS A 1 75  ? -0.290  -11.708 3.047   1.00 22.10 ? 88  HIS A O   1 
ATOM   558 C CB  . HIS A 1 75  ? 1.967   -12.718 0.798   1.00 22.65 ? 88  HIS A CB  1 
ATOM   559 C CG  . HIS A 1 75  ? 0.915   -12.092 -0.071  1.00 21.92 ? 88  HIS A CG  1 
ATOM   560 N ND1 . HIS A 1 75  ? 1.002   -10.800 -0.529  1.00 24.13 ? 88  HIS A ND1 1 
ATOM   561 C CD2 . HIS A 1 75  ? -0.263  -12.572 -0.527  1.00 21.75 ? 88  HIS A CD2 1 
ATOM   562 C CE1 . HIS A 1 75  ? -0.065  -10.516 -1.264  1.00 22.95 ? 88  HIS A CE1 1 
ATOM   563 N NE2 . HIS A 1 75  ? -0.846  -11.578 -1.283  1.00 22.87 ? 88  HIS A NE2 1 
ATOM   564 N N   . ALA A 1 76  ? 0.344   -13.857 3.240   1.00 21.57 ? 89  ALA A N   1 
ATOM   565 C CA  . ALA A 1 76  ? -0.957  -14.294 3.808   1.00 22.14 ? 89  ALA A CA  1 
ATOM   566 C C   . ALA A 1 76  ? -1.257  -13.621 5.137   1.00 22.07 ? 89  ALA A C   1 
ATOM   567 O O   . ALA A 1 76  ? -2.436  -13.414 5.480   1.00 23.52 ? 89  ALA A O   1 
ATOM   568 C CB  . ALA A 1 76  ? -1.028  -15.819 3.971   1.00 22.73 ? 89  ALA A CB  1 
ATOM   569 N N   . PHE A 1 77  ? -0.205  -13.262 5.861   1.00 22.13 ? 90  PHE A N   1 
ATOM   570 C CA  . PHE A 1 77  ? -0.375  -12.593 7.165   1.00 22.47 ? 90  PHE A CA  1 
ATOM   571 C C   . PHE A 1 77  ? -0.888  -11.179 6.947   1.00 23.01 ? 90  PHE A C   1 
ATOM   572 O O   . PHE A 1 77  ? -1.778  -10.710 7.686   1.00 23.16 ? 90  PHE A O   1 
ATOM   573 C CB  . PHE A 1 77  ? 0.947   -12.610 7.941   1.00 22.18 ? 90  PHE A CB  1 
ATOM   574 C CG  . PHE A 1 77  ? 0.893   -11.943 9.292   1.00 22.72 ? 90  PHE A CG  1 
ATOM   575 C CD1 . PHE A 1 77  ? 0.466   -12.650 10.418  1.00 23.69 ? 90  PHE A CD1 1 
ATOM   576 C CD2 . PHE A 1 77  ? 1.283   -10.610 9.434   1.00 20.71 ? 90  PHE A CD2 1 
ATOM   577 C CE1 . PHE A 1 77  ? 0.445   -12.038 11.677  1.00 24.67 ? 90  PHE A CE1 1 
ATOM   578 C CE2 . PHE A 1 77  ? 1.276   -9.989  10.700  1.00 23.23 ? 90  PHE A CE2 1 
ATOM   579 C CZ  . PHE A 1 77  ? 0.856   -10.716 11.804  1.00 22.64 ? 90  PHE A CZ  1 
ATOM   580 N N   . ALA A 1 78  ? -0.368  -10.512 5.914   1.00 21.65 ? 91  ALA A N   1 
ATOM   581 C CA  . ALA A 1 78  ? -0.840  -9.157  5.586   1.00 21.75 ? 91  ALA A CA  1 
ATOM   582 C C   . ALA A 1 78  ? -2.294  -9.208  5.115   1.00 22.48 ? 91  ALA A C   1 
ATOM   583 O O   . ALA A 1 78  ? -3.135  -8.378  5.520   1.00 22.96 ? 91  ALA A O   1 
ATOM   584 C CB  . ALA A 1 78  ? 0.054   -8.506  4.536   1.00 22.34 ? 91  ALA A CB  1 
ATOM   585 N N   . VAL A 1 79  ? -2.597  -10.184 4.263   1.00 22.24 ? 92  VAL A N   1 
ATOM   586 C CA  . VAL A 1 79  ? -3.969  -10.360 3.787   1.00 22.31 ? 92  VAL A CA  1 
ATOM   587 C C   . VAL A 1 79  ? -4.908  -10.599 4.976   1.00 22.84 ? 92  VAL A C   1 
ATOM   588 O O   . VAL A 1 79  ? -5.970  -9.977  5.040   1.00 23.00 ? 92  VAL A O   1 
ATOM   589 C CB  . VAL A 1 79  ? -4.077  -11.520 2.763   1.00 22.06 ? 92  VAL A CB  1 
ATOM   590 C CG1 . VAL A 1 79  ? -5.574  -11.851 2.463   1.00 23.58 ? 92  VAL A CG1 1 
ATOM   591 C CG2 . VAL A 1 79  ? -3.303  -11.158 1.480   1.00 23.16 ? 92  VAL A CG2 1 
ATOM   592 N N   . GLN A 1 80  ? -4.491  -11.450 5.920   1.00 23.22 ? 93  GLN A N   1 
ATOM   593 C CA  . GLN A 1 80  ? -5.321  -11.785 7.083   1.00 24.23 ? 93  GLN A CA  1 
ATOM   594 C C   . GLN A 1 80  ? -5.594  -10.552 7.955   1.00 24.11 ? 93  GLN A C   1 
ATOM   595 O O   . GLN A 1 80  ? -6.716  -10.394 8.461   1.00 23.95 ? 93  GLN A O   1 
ATOM   596 C CB  . GLN A 1 80  ? -4.718  -12.935 7.889   1.00 25.15 ? 93  GLN A CB  1 
ATOM   597 C CG  . GLN A 1 80  ? -5.459  -13.241 9.205   1.00 27.81 ? 93  GLN A CG  1 
ATOM   598 C CD  . GLN A 1 80  ? -6.935  -13.542 9.039   1.00 29.30 ? 93  GLN A CD  1 
ATOM   599 O OE1 . GLN A 1 80  ? -7.413  -13.919 7.957   1.00 33.40 ? 93  GLN A OE1 1 
ATOM   600 N NE2 . GLN A 1 80  ? -7.679  -13.395 10.135  1.00 33.23 ? 93  GLN A NE2 1 
ATOM   601 N N   . GLN A 1 81  ? -4.610  -9.654  8.088   1.00 24.15 ? 94  GLN A N   1 
ATOM   602 C CA  . GLN A 1 81  ? -4.843  -8.442  8.877   1.00 24.26 ? 94  GLN A CA  1 
ATOM   603 C C   . GLN A 1 81  ? -5.928  -7.592  8.301   1.00 24.30 ? 94  GLN A C   1 
ATOM   604 O O   . GLN A 1 81  ? -6.713  -6.995  9.023   1.00 25.28 ? 94  GLN A O   1 
ATOM   605 C CB  . GLN A 1 81  ? -3.599  -7.553  8.977   1.00 25.75 ? 94  GLN A CB  1 
ATOM   606 C CG  . GLN A 1 81  ? -2.412  -8.223  9.560   1.00 26.27 ? 94  GLN A CG  1 
ATOM   607 C CD  . GLN A 1 81  ? -2.753  -9.007  10.803  1.00 28.86 ? 94  GLN A CD  1 
ATOM   608 O OE1 . GLN A 1 81  ? -3.129  -8.433  11.839  1.00 26.83 ? 94  GLN A OE1 1 
ATOM   609 N NE2 . GLN A 1 81  ? -2.642  -10.335 10.709  1.00 33.07 ? 94  GLN A NE2 1 
ATOM   610 N N   . LEU A 1 82  ? -5.976  -7.498  6.971   1.00 24.35 ? 95  LEU A N   1 
ATOM   611 C CA  . LEU A 1 82  ? -7.057  -6.733  6.342   1.00 25.26 ? 95  LEU A CA  1 
ATOM   612 C C   . LEU A 1 82  ? -8.381  -7.503  6.358   1.00 25.56 ? 95  LEU A C   1 
ATOM   613 O O   . LEU A 1 82  ? -9.439  -6.922  6.623   1.00 26.93 ? 95  LEU A O   1 
ATOM   614 C CB  . LEU A 1 82  ? -6.622  -6.336  4.917   1.00 25.71 ? 95  LEU A CB  1 
ATOM   615 C CG  . LEU A 1 82  ? -5.472  -5.328  4.898   1.00 27.47 ? 95  LEU A CG  1 
ATOM   616 C CD1 . LEU A 1 82  ? -4.642  -5.388  3.590   1.00 30.26 ? 95  LEU A CD1 1 
ATOM   617 C CD2 . LEU A 1 82  ? -6.005  -3.911  5.152   1.00 28.45 ? 95  LEU A CD2 1 
ATOM   618 N N   . ARG A 1 83  ? -8.343  -8.813  6.090   1.00 25.68 ? 96  ARG A N   1 
ATOM   619 C CA  . ARG A 1 83  ? -9.559  -9.665  6.166   1.00 26.96 ? 96  ARG A CA  1 
ATOM   620 C C   . ARG A 1 83  ? -10.308 -9.512  7.500   1.00 27.15 ? 96  ARG A C   1 
ATOM   621 O O   . ARG A 1 83  ? -11.533 -9.448  7.512   1.00 27.76 ? 96  ARG A O   1 
ATOM   622 C CB  . ARG A 1 83  ? -9.208  -11.151 5.957   1.00 26.59 ? 96  ARG A CB  1 
ATOM   623 C CG  . ARG A 1 83  ? -10.429 -12.111 5.916   1.00 26.68 ? 96  ARG A CG  1 
ATOM   624 C CD  . ARG A 1 83  ? -10.000 -13.558 6.013   1.00 29.29 ? 96  ARG A CD  1 
ATOM   625 N NE  . ARG A 1 83  ? -9.539  -14.050 4.719   1.00 36.60 ? 96  ARG A NE  1 
ATOM   626 C CZ  . ARG A 1 83  ? -8.273  -14.325 4.405   1.00 38.77 ? 96  ARG A CZ  1 
ATOM   627 N NH1 . ARG A 1 83  ? -7.297  -14.195 5.293   1.00 37.32 ? 96  ARG A NH1 1 
ATOM   628 N NH2 . ARG A 1 83  ? -7.996  -14.766 3.191   1.00 39.54 ? 96  ARG A NH2 1 
ATOM   629 N N   . LYS A 1 84  ? -9.563  -9.454  8.614   1.00 27.13 ? 97  LYS A N   1 
ATOM   630 C CA  . LYS A 1 84  ? -10.175 -9.414  9.945   1.00 28.51 ? 97  LYS A CA  1 
ATOM   631 C C   . LYS A 1 84  ? -10.599 -8.014  10.385  1.00 27.77 ? 97  LYS A C   1 
ATOM   632 O O   . LYS A 1 84  ? -11.221 -7.845  11.443  1.00 28.13 ? 97  LYS A O   1 
ATOM   633 C CB  . LYS A 1 84  ? -9.252  -10.044 11.000  1.00 28.27 ? 97  LYS A CB  1 
ATOM   634 C CG  . LYS A 1 84  ? -8.020  -9.209  11.292  1.00 30.41 ? 97  LYS A CG  1 
ATOM   635 C CD  . LYS A 1 84  ? -7.113  -9.809  12.379  1.00 31.02 ? 97  LYS A CD  1 
ATOM   636 C CE  . LYS A 1 84  ? -7.575  -9.398  13.754  1.00 35.23 ? 97  LYS A CE  1 
ATOM   637 N NZ  . LYS A 1 84  ? -6.553  -9.771  14.769  1.00 36.14 ? 97  LYS A NZ  1 
ATOM   638 N N   . SER A 1 85  ? -10.273 -7.009  9.579   1.00 27.80 ? 98  SER A N   1 
ATOM   639 C CA  . SER A 1 85  ? -10.673 -5.652  9.889   1.00 29.83 ? 98  SER A CA  1 
ATOM   640 C C   . SER A 1 85  ? -12.158 -5.580  9.719   1.00 31.38 ? 98  SER A C   1 
ATOM   641 O O   . SER A 1 85  ? -12.710 -6.249  8.856   1.00 32.60 ? 98  SER A O   1 
ATOM   642 C CB  . SER A 1 85  ? -10.024 -4.667  8.920   1.00 29.39 ? 98  SER A CB  1 
ATOM   643 O OG  . SER A 1 85  ? -8.629  -4.737  9.045   1.00 32.13 ? 98  SER A OG  1 
ATOM   644 N N   . GLY A 1 86  ? -12.812 -4.746  10.515  1.00 33.55 ? 99  GLY A N   1 
ATOM   645 C CA  . GLY A 1 86  ? -14.248 -4.544  10.326  1.00 34.70 ? 99  GLY A CA  1 
ATOM   646 C C   . GLY A 1 86  ? -14.524 -3.545  9.216   1.00 35.36 ? 99  GLY A C   1 
ATOM   647 O O   . GLY A 1 86  ? -13.967 -3.626  8.108   1.00 35.62 ? 99  GLY A O   1 
ATOM   648 N N   . LYS A 1 87  ? -15.394 -2.593  9.521   1.00 35.89 ? 100 LYS A N   1 
ATOM   649 C CA  . LYS A 1 87  ? -15.727 -1.520  8.599   1.00 36.00 ? 100 LYS A CA  1 
ATOM   650 C C   . LYS A 1 87  ? -14.502 -0.681  8.224   1.00 35.81 ? 100 LYS A C   1 
ATOM   651 O O   . LYS A 1 87  ? -14.391 -0.225  7.087   1.00 36.16 ? 100 LYS A O   1 
ATOM   652 C CB  . LYS A 1 87  ? -16.830 -0.625  9.195   1.00 36.15 ? 100 LYS A CB  1 
ATOM   653 C CG  . LYS A 1 87  ? -16.652 -0.246  10.667  1.00 36.59 ? 100 LYS A CG  1 
ATOM   654 C CD  . LYS A 1 87  ? -17.834 0.596   11.186  1.00 37.08 ? 100 LYS A CD  1 
ATOM   655 C CE  . LYS A 1 87  ? -17.924 0.535   12.704  1.00 39.34 ? 100 LYS A CE  1 
ATOM   656 N NZ  . LYS A 1 87  ? -19.080 1.286   13.259  1.00 39.71 ? 100 LYS A NZ  1 
ATOM   657 N N   . ASN A 1 88  ? -13.589 -0.522  9.182   1.00 34.55 ? 101 ASN A N   1 
ATOM   658 C CA  . ASN A 1 88  ? -12.452 0.403   9.089   1.00 34.16 ? 101 ASN A CA  1 
ATOM   659 C C   . ASN A 1 88  ? -11.110 -0.305  9.200   1.00 32.05 ? 101 ASN A C   1 
ATOM   660 O O   . ASN A 1 88  ? -10.986 -1.301  9.912   1.00 33.28 ? 101 ASN A O   1 
ATOM   661 C CB  . ASN A 1 88  ? -12.522 1.422   10.228  1.00 34.62 ? 101 ASN A CB  1 
ATOM   662 C CG  . ASN A 1 88  ? -13.818 2.219   10.233  1.00 38.07 ? 101 ASN A CG  1 
ATOM   663 O OD1 . ASN A 1 88  ? -14.545 2.262   9.243   1.00 41.90 ? 101 ASN A OD1 1 
ATOM   664 N ND2 . ASN A 1 88  ? -14.107 2.857   11.358  1.00 40.59 ? 101 ASN A ND2 1 
ATOM   665 N N   . ALA A 1 89  ? -10.110 0.215   8.498   1.00 28.94 ? 102 ALA A N   1 
ATOM   666 C CA  . ALA A 1 89  ? -8.738  -0.283  8.639   1.00 27.00 ? 102 ALA A CA  1 
ATOM   667 C C   . ALA A 1 89  ? -7.794  0.900   8.706   1.00 26.25 ? 102 ALA A C   1 
ATOM   668 O O   . ALA A 1 89  ? -7.763  1.717   7.798   1.00 26.34 ? 102 ALA A O   1 
ATOM   669 C CB  . ALA A 1 89  ? -8.367  -1.195  7.478   1.00 27.56 ? 102 ALA A CB  1 
ATOM   670 N N   . LYS A 1 90  ? -7.054  1.016   9.803   1.00 24.13 ? 103 LYS A N   1 
ATOM   671 C CA  . LYS A 1 90  ? -6.048  2.075   9.930   1.00 24.31 ? 103 LYS A CA  1 
ATOM   672 C C   . LYS A 1 90  ? -4.775  1.558   9.285   1.00 23.79 ? 103 LYS A C   1 
ATOM   673 O O   . LYS A 1 90  ? -4.286  0.502   9.669   1.00 25.46 ? 103 LYS A O   1 
ATOM   674 C CB  . LYS A 1 90  ? -5.800  2.386   11.398  1.00 25.44 ? 103 LYS A CB  1 
ATOM   675 C CG  . LYS A 1 90  ? -4.923  3.592   11.612  1.00 29.14 ? 103 LYS A CG  1 
ATOM   676 C CD  . LYS A 1 90  ? -4.769  3.917   13.101  1.00 33.41 ? 103 LYS A CD  1 
ATOM   677 C CE  . LYS A 1 90  ? -3.462  4.662   13.385  1.00 36.94 ? 103 LYS A CE  1 
ATOM   678 N NZ  . LYS A 1 90  ? -3.221  4.773   14.856  1.00 41.60 ? 103 LYS A NZ  1 
ATOM   679 N N   . ILE A 1 91  ? -4.228  2.279   8.310   1.00 21.50 ? 104 ILE A N   1 
ATOM   680 C CA  . ILE A 1 91  ? -3.062  1.767   7.584   1.00 21.25 ? 104 ILE A CA  1 
ATOM   681 C C   . ILE A 1 91  ? -2.001  2.868   7.587   1.00 22.20 ? 104 ILE A C   1 
ATOM   682 O O   . ILE A 1 91  ? -2.298  4.018   7.257   1.00 22.66 ? 104 ILE A O   1 
ATOM   683 C CB  . ILE A 1 91  ? -3.421  1.385   6.121   1.00 21.87 ? 104 ILE A CB  1 
ATOM   684 C CG1 . ILE A 1 91  ? -4.570  0.362   6.147   1.00 23.94 ? 104 ILE A CG1 1 
ATOM   685 C CG2 . ILE A 1 91  ? -2.192  0.848   5.371   1.00 23.62 ? 104 ILE A CG2 1 
ATOM   686 C CD1 . ILE A 1 91  ? -5.075  -0.042  4.785   1.00 26.91 ? 104 ILE A CD1 1 
ATOM   687 N N   . THR A 1 92  ? -0.769  2.500   7.919   1.00 20.77 ? 105 THR A N   1 
ATOM   688 C CA  . THR A 1 92  ? 0.352   3.446   7.869   1.00 20.19 ? 105 THR A CA  1 
ATOM   689 C C   . THR A 1 92  ? 1.244   3.015   6.731   1.00 20.69 ? 105 THR A C   1 
ATOM   690 O O   . THR A 1 92  ? 1.652   1.834   6.652   1.00 21.11 ? 105 THR A O   1 
ATOM   691 C CB  . THR A 1 92  ? 1.138   3.440   9.192   1.00 20.81 ? 105 THR A CB  1 
ATOM   692 O OG1 . THR A 1 92  ? 0.257   3.805   10.273  1.00 25.20 ? 105 THR A OG1 1 
ATOM   693 C CG2 . THR A 1 92  ? 2.271   4.445   9.110   1.00 21.21 ? 105 THR A CG2 1 
ATOM   694 N N   . ILE A 1 93  ? 1.524   3.965   5.830   1.00 19.35 ? 106 ILE A N   1 
ATOM   695 C CA  . ILE A 1 93  ? 2.334   3.675   4.653   1.00 19.61 ? 106 ILE A CA  1 
ATOM   696 C C   . ILE A 1 93  ? 3.524   4.611   4.558   1.00 19.64 ? 106 ILE A C   1 
ATOM   697 O O   . ILE A 1 93  ? 3.568   5.639   5.242   1.00 19.57 ? 106 ILE A O   1 
ATOM   698 C CB  . ILE A 1 93  ? 1.525   3.714   3.325   1.00 20.47 ? 106 ILE A CB  1 
ATOM   699 C CG1 . ILE A 1 93  ? 1.001   5.124   2.993   1.00 21.11 ? 106 ILE A CG1 1 
ATOM   700 C CG2 . ILE A 1 93  ? 0.345   2.729   3.413   1.00 22.42 ? 106 ILE A CG2 1 
ATOM   701 C CD1 . ILE A 1 93  ? 2.017   6.034   2.284   1.00 21.60 ? 106 ILE A CD1 1 
ATOM   702 N N   . ARG A 1 94  ? 4.482   4.232   3.724   1.00 19.71 ? 107 ARG A N   1 
ATOM   703 C CA  . ARG A 1 94  ? 5.618   5.126   3.373   1.00 20.30 ? 107 ARG A CA  1 
ATOM   704 C C   . ARG A 1 94  ? 5.589   5.324   1.858   1.00 20.58 ? 107 ARG A C   1 
ATOM   705 O O   . ARG A 1 94  ? 5.434   4.368   1.096   1.00 20.79 ? 107 ARG A O   1 
ATOM   706 C CB  . ARG A 1 94  ? 6.920   4.476   3.820   1.00 20.20 ? 107 ARG A CB  1 
ATOM   707 C CG  . ARG A 1 94  ? 6.987   4.313   5.356   1.00 20.54 ? 107 ARG A CG  1 
ATOM   708 C CD  . ARG A 1 94  ? 8.264   3.638   5.788   1.00 23.09 ? 107 ARG A CD  1 
ATOM   709 N NE  . ARG A 1 94  ? 8.104   3.208   7.185   1.00 20.86 ? 107 ARG A NE  1 
ATOM   710 C CZ  . ARG A 1 94  ? 8.883   2.314   7.773   1.00 21.10 ? 107 ARG A CZ  1 
ATOM   711 N NH1 . ARG A 1 94  ? 9.911   1.791   7.111   1.00 25.57 ? 107 ARG A NH1 1 
ATOM   712 N NH2 . ARG A 1 94  ? 8.632   1.964   9.034   1.00 23.58 ? 107 ARG A NH2 1 
ATOM   713 N N   . ARG A 1 95  ? 5.728   6.575   1.429   1.00 19.62 ? 108 ARG A N   1 
ATOM   714 C CA  . ARG A 1 95  ? 5.563   6.975   0.009   1.00 21.09 ? 108 ARG A CA  1 
ATOM   715 C C   . ARG A 1 95  ? 6.828   7.678   -0.428  1.00 21.58 ? 108 ARG A C   1 
ATOM   716 O O   . ARG A 1 95  ? 7.293   8.560   0.264   1.00 21.47 ? 108 ARG A O   1 
ATOM   717 C CB  . ARG A 1 95  ? 4.359   7.914   -0.082  1.00 20.41 ? 108 ARG A CB  1 
ATOM   718 C CG  . ARG A 1 95  ? 3.991   8.419   -1.478  1.00 21.70 ? 108 ARG A CG  1 
ATOM   719 C CD  . ARG A 1 95  ? 2.644   9.154   -1.443  1.00 21.63 ? 108 ARG A CD  1 
ATOM   720 N NE  . ARG A 1 95  ? 1.552   8.277   -0.992  1.00 22.87 ? 108 ARG A NE  1 
ATOM   721 C CZ  . ARG A 1 95  ? 0.420   8.692   -0.418  1.00 25.65 ? 108 ARG A CZ  1 
ATOM   722 N NH1 . ARG A 1 95  ? 0.198   10.000  -0.225  1.00 26.01 ? 108 ARG A NH1 1 
ATOM   723 N NH2 . ARG A 1 95  ? -0.487  7.790   -0.032  1.00 24.65 ? 108 ARG A NH2 1 
ATOM   724 N N   . LYS A 1 96  ? 7.347   7.326   -1.613  1.00 22.63 ? 109 LYS A N   1 
ATOM   725 C CA  . LYS A 1 96  ? 8.583   7.931   -2.082  1.00 24.70 ? 109 LYS A CA  1 
ATOM   726 C C   . LYS A 1 96  ? 8.362   9.402   -2.313  1.00 25.80 ? 109 LYS A C   1 
ATOM   727 O O   . LYS A 1 96  ? 7.365   9.792   -2.951  1.00 26.23 ? 109 LYS A O   1 
ATOM   728 C CB  . LYS A 1 96  ? 9.050   7.300   -3.381  1.00 26.19 ? 109 LYS A CB  1 
ATOM   729 C CG  . LYS A 1 96  ? 9.751   6.000   -3.202  1.00 29.71 ? 109 LYS A CG  1 
ATOM   730 C CD  . LYS A 1 96  ? 10.011  5.322   -4.548  1.00 34.98 ? 109 LYS A CD  1 
ATOM   731 C CE  . LYS A 1 96  ? 10.817  4.043   -4.344  1.00 38.36 ? 109 LYS A CE  1 
ATOM   732 N NZ  . LYS A 1 96  ? 11.162  3.390   -5.641  1.00 41.06 ? 109 LYS A NZ  1 
ATOM   733 N N   . LYS A 1 97  ? 9.295   10.210  -1.805  1.00 26.85 ? 110 LYS A N   1 
ATOM   734 C CA  . LYS A 1 97  ? 9.182   11.664  -1.888  1.00 29.92 ? 110 LYS A CA  1 
ATOM   735 C C   . LYS A 1 97  ? 9.263   12.146  -3.310  1.00 31.61 ? 110 LYS A C   1 
ATOM   736 O O   . LYS A 1 97  ? 10.045  11.629  -4.129  1.00 31.54 ? 110 LYS A O   1 
ATOM   737 C CB  . LYS A 1 97  ? 10.270  12.347  -1.046  1.00 29.67 ? 110 LYS A CB  1 
ATOM   738 C CG  . LYS A 1 97  ? 10.202  13.893  -0.990  1.00 30.50 ? 110 LYS A CG  1 
ATOM   739 C CD  . LYS A 1 97  ? 11.091  14.446  0.113   1.00 31.56 ? 110 LYS A CD  1 
ATOM   740 C CE  . LYS A 1 97  ? 11.040  15.980  0.183   1.00 31.60 ? 110 LYS A CE  1 
ATOM   741 N NZ  . LYS A 1 97  ? 11.406  16.630  -1.122  1.00 33.66 ? 110 LYS A NZ  1 
ATOM   742 N N   . GLY A 1 98  ? 8.425   13.141  -3.582  1.00 32.71 ? 111 GLY A N   1 
ATOM   743 C CA  . GLY A 1 98  ? 8.537   13.928  -4.781  1.00 34.20 ? 111 GLY A CA  1 
ATOM   744 C C   . GLY A 1 98  ? 7.843   13.188  -5.885  1.00 34.44 ? 111 GLY A C   1 
ATOM   745 O O   . GLY A 1 98  ? 6.726   12.695  -5.704  1.00 35.57 ? 111 GLY A O   1 
ATOM   746 N N   . GLY A 1 99  ? 8.532   13.090  -7.019  1.00 34.84 ? 112 GLY A N   1 
ATOM   747 C CA  . GLY A 1 99  ? 7.963   12.481  -8.215  1.00 33.97 ? 112 GLY A CA  1 
ATOM   748 C C   . GLY A 1 99  ? 7.640   13.538  -9.252  1.00 33.26 ? 112 GLY A C   1 
ATOM   749 O O   . GLY A 1 99  ? 7.615   14.740  -8.956  1.00 34.47 ? 112 GLY A O   1 
ATOM   750 N N   . GLY A 1 100 ? 7.444   13.104  -10.487 1.00 32.23 ? 113 GLY A N   1 
ATOM   751 C CA  . GLY A 1 100 ? 6.931   13.996  -11.517 1.00 29.65 ? 113 GLY A CA  1 
ATOM   752 C C   . GLY A 1 100 ? 7.878   14.992  -12.172 1.00 28.42 ? 113 GLY A C   1 
ATOM   753 O O   . GLY A 1 100 ? 9.091   14.989  -11.933 1.00 27.81 ? 113 GLY A O   1 
ATOM   754 N N   . TRP A 1 101 ? 7.286   15.830  -13.023 1.00 26.39 ? 114 TRP A N   1 
ATOM   755 C CA  . TRP A 1 101 ? 7.987   16.819  -13.833 1.00 25.08 ? 114 TRP A CA  1 
ATOM   756 C C   . TRP A 1 101 ? 7.185   18.113  -13.839 1.00 24.42 ? 114 TRP A C   1 
ATOM   757 O O   . TRP A 1 101 ? 5.963   18.106  -13.553 1.00 24.21 ? 114 TRP A O   1 
ATOM   758 C CB  . TRP A 1 101 ? 8.055   16.359  -15.294 1.00 24.56 ? 114 TRP A CB  1 
ATOM   759 C CG  . TRP A 1 101 ? 8.758   15.059  -15.547 1.00 24.40 ? 114 TRP A CG  1 
ATOM   760 C CD1 . TRP A 1 101 ? 10.035  14.892  -15.981 1.00 22.91 ? 114 TRP A CD1 1 
ATOM   761 C CD2 . TRP A 1 101 ? 8.194   13.745  -15.442 1.00 23.76 ? 114 TRP A CD2 1 
ATOM   762 N NE1 . TRP A 1 101 ? 10.338  13.559  -16.106 1.00 20.95 ? 114 TRP A NE1 1 
ATOM   763 C CE2 . TRP A 1 101 ? 9.216   12.830  -15.783 1.00 22.57 ? 114 TRP A CE2 1 
ATOM   764 C CE3 . TRP A 1 101 ? 6.933   13.255  -15.068 1.00 24.51 ? 114 TRP A CE3 1 
ATOM   765 C CZ2 . TRP A 1 101 ? 9.009   11.453  -15.793 1.00 23.89 ? 114 TRP A CZ2 1 
ATOM   766 C CZ3 . TRP A 1 101 ? 6.721   11.875  -15.072 1.00 24.98 ? 114 TRP A CZ3 1 
ATOM   767 C CH2 . TRP A 1 101 ? 7.751   10.991  -15.430 1.00 24.98 ? 114 TRP A CH2 1 
ATOM   768 N N   . ARG A 1 102 ? 7.867   19.210  -14.186 1.00 24.05 ? 115 ARG A N   1 
ATOM   769 C CA  . ARG A 1 102 ? 7.239   20.511  -14.346 1.00 24.69 ? 115 ARG A CA  1 
ATOM   770 C C   . ARG A 1 102 ? 6.221   20.503  -15.493 1.00 24.20 ? 115 ARG A C   1 
ATOM   771 O O   . ARG A 1 102 ? 5.148   21.090  -15.341 1.00 24.37 ? 115 ARG A O   1 
ATOM   772 C CB  . ARG A 1 102 ? 8.288   21.609  -14.553 1.00 24.10 ? 115 ARG A CB  1 
ATOM   773 C CG  . ARG A 1 102 ? 7.739   23.046  -14.596 1.00 26.20 ? 115 ARG A CG  1 
ATOM   774 C CD  . ARG A 1 102 ? 8.857   24.064  -14.831 1.00 27.09 ? 115 ARG A CD  1 
ATOM   775 N NE  . ARG A 1 102 ? 9.755   23.633  -15.901 1.00 32.11 ? 115 ARG A NE  1 
ATOM   776 C CZ  . ARG A 1 102 ? 9.626   23.967  -17.182 1.00 34.81 ? 115 ARG A CZ  1 
ATOM   777 N NH1 . ARG A 1 102 ? 8.644   24.771  -17.579 1.00 35.24 ? 115 ARG A NH1 1 
ATOM   778 N NH2 . ARG A 1 102 ? 10.487  23.497  -18.071 1.00 36.17 ? 115 ARG A NH2 1 
ATOM   779 N N   . ARG A 1 103 ? 6.557   19.843  -16.607 1.00 23.69 ? 116 ARG A N   1 
ATOM   780 C CA  . ARG A 1 103 ? 5.723   19.876  -17.820 1.00 23.99 ? 116 ARG A CA  1 
ATOM   781 C C   . ARG A 1 103 ? 5.388   18.472  -18.311 1.00 23.09 ? 116 ARG A C   1 
ATOM   782 O O   . ARG A 1 103 ? 6.231   17.577  -18.320 1.00 23.38 ? 116 ARG A O   1 
ATOM   783 C CB  . ARG A 1 103 ? 6.421   20.628  -18.975 1.00 23.74 ? 116 ARG A CB  1 
ATOM   784 C CG  . ARG A 1 103 ? 6.527   22.160  -18.780 1.00 25.74 ? 116 ARG A CG  1 
ATOM   785 C CD  . ARG A 1 103 ? 7.472   22.758  -19.835 1.00 28.69 ? 116 ARG A CD  1 
ATOM   786 N NE  . ARG A 1 103 ? 6.895   22.850  -21.190 1.00 36.00 ? 116 ARG A NE  1 
ATOM   787 C CZ  . ARG A 1 103 ? 7.599   23.152  -22.288 1.00 36.69 ? 116 ARG A CZ  1 
ATOM   788 N NH1 . ARG A 1 103 ? 8.908   23.361  -22.214 1.00 39.79 ? 116 ARG A NH1 1 
ATOM   789 N NH2 . ARG A 1 103 ? 7.005   23.224  -23.471 1.00 39.53 ? 116 ARG A NH2 1 
ATOM   790 N N   . THR A 1 104 ? 4.139   18.304  -18.725 1.00 22.03 ? 117 THR A N   1 
ATOM   791 C CA  . THR A 1 104 ? 3.622   17.064  -19.285 1.00 20.89 ? 117 THR A CA  1 
ATOM   792 C C   . THR A 1 104 ? 2.670   17.426  -20.404 1.00 20.40 ? 117 THR A C   1 
ATOM   793 O O   . THR A 1 104 ? 1.781   18.282  -20.223 1.00 19.92 ? 117 THR A O   1 
ATOM   794 C CB  . THR A 1 104 ? 2.858   16.242  -18.207 1.00 20.57 ? 117 THR A CB  1 
ATOM   795 O OG1 . THR A 1 104 ? 3.783   15.810  -17.186 1.00 22.92 ? 117 THR A OG1 1 
ATOM   796 C CG2 . THR A 1 104 ? 2.137   15.030  -18.789 1.00 22.72 ? 117 THR A CG2 1 
ATOM   797 N N   . THR A 1 105 ? 2.862   16.807  -21.567 1.00 19.55 ? 118 THR A N   1 
ATOM   798 C CA  . THR A 1 105 ? 2.036   17.099  -22.734 1.00 19.45 ? 118 THR A CA  1 
ATOM   799 C C   . THR A 1 105 ? 1.311   15.838  -23.218 1.00 19.76 ? 118 THR A C   1 
ATOM   800 O O   . THR A 1 105 ? 1.936   14.797  -23.421 1.00 19.69 ? 118 THR A O   1 
ATOM   801 C CB  . THR A 1 105 ? 2.916   17.650  -23.871 1.00 19.07 ? 118 THR A CB  1 
ATOM   802 O OG1 . THR A 1 105 ? 3.580   18.835  -23.397 1.00 19.86 ? 118 THR A OG1 1 
ATOM   803 C CG2 . THR A 1 105 ? 2.067   18.010  -25.074 1.00 21.13 ? 118 THR A CG2 1 
ATOM   804 N N   . TYR A 1 106 ? -0.008  15.941  -23.375 1.00 19.11 ? 119 TYR A N   1 
ATOM   805 C CA  . TYR A 1 106 ? -0.843  14.846  -23.913 1.00 20.01 ? 119 TYR A CA  1 
ATOM   806 C C   . TYR A 1 106 ? -1.058  15.037  -25.387 1.00 20.40 ? 119 TYR A C   1 
ATOM   807 O O   . TYR A 1 106 ? -1.393  16.129  -25.842 1.00 21.05 ? 119 TYR A O   1 
ATOM   808 C CB  . TYR A 1 106 ? -2.214  14.822  -23.184 1.00 19.85 ? 119 TYR A CB  1 
ATOM   809 C CG  . TYR A 1 106 ? -2.161  14.158  -21.821 1.00 20.54 ? 119 TYR A CG  1 
ATOM   810 C CD1 . TYR A 1 106 ? -1.634  14.836  -20.706 1.00 21.92 ? 119 TYR A CD1 1 
ATOM   811 C CD2 . TYR A 1 106 ? -2.603  12.834  -21.646 1.00 21.47 ? 119 TYR A CD2 1 
ATOM   812 C CE1 . TYR A 1 106 ? -1.553  14.216  -19.447 1.00 21.56 ? 119 TYR A CE1 1 
ATOM   813 C CE2 . TYR A 1 106 ? -2.518  12.209  -20.390 1.00 19.81 ? 119 TYR A CE2 1 
ATOM   814 C CZ  . TYR A 1 106 ? -1.998  12.901  -19.311 1.00 21.31 ? 119 TYR A CZ  1 
ATOM   815 O OH  . TYR A 1 106 ? -1.906  12.308  -18.083 1.00 22.18 ? 119 TYR A OH  1 
ATOM   816 N N   . LEU A 1 107 ? -0.831  13.987  -26.154 1.00 21.29 ? 120 LEU A N   1 
ATOM   817 C CA  . LEU A 1 107 ? -0.975  14.077  -27.598 1.00 22.62 ? 120 LEU A CA  1 
ATOM   818 C C   . LEU A 1 107 ? -1.306  12.734  -28.237 1.00 23.34 ? 120 LEU A C   1 
ATOM   819 O O   . LEU A 1 107 ? -1.435  12.672  -29.480 1.00 23.35 ? 120 LEU A O   1 
ATOM   820 C CB  . LEU A 1 107 ? 0.277   14.722  -28.214 1.00 23.71 ? 120 LEU A CB  1 
ATOM   821 C CG  . LEU A 1 107 ? 1.644   14.256  -27.714 1.00 25.43 ? 120 LEU A CG  1 
ATOM   822 C CD1 . LEU A 1 107 ? 1.869   12.808  -28.115 1.00 29.20 ? 120 LEU A CD1 1 
ATOM   823 C CD2 . LEU A 1 107 ? 2.709   15.147  -28.314 1.00 24.11 ? 120 LEU A CD2 1 
ATOM   824 O OXT . LEU A 1 107 ? -1.445  11.715  -27.519 1.00 24.34 ? 120 LEU A OXT 1 
HETATM 825 C C   . ACY B 2 .   ? -13.664 3.938   -17.634 0.50 32.52 ? 201 ACY A C   1 
HETATM 826 O O   . ACY B 2 .   ? -14.720 4.491   -17.222 0.50 33.47 ? 201 ACY A O   1 
HETATM 827 O OXT . ACY B 2 .   ? -13.496 3.507   -18.797 0.50 31.08 ? 201 ACY A OXT 1 
HETATM 828 C CH3 . ACY B 2 .   ? -12.530 3.800   -16.672 0.50 32.53 ? 201 ACY A CH3 1 
HETATM 829 O O   . HOH C 3 .   ? 6.071   -3.995  4.510   1.00 22.11 ? 202 HOH A O   1 
HETATM 830 O O   . HOH C 3 .   ? -5.128  7.191   -5.142  1.00 22.66 ? 203 HOH A O   1 
HETATM 831 O O   . HOH C 3 .   ? -10.042 2.187   -4.218  1.00 22.37 ? 204 HOH A O   1 
HETATM 832 O O   . HOH C 3 .   ? 6.004   4.071   8.898   1.00 24.18 ? 205 HOH A O   1 
HETATM 833 O O   . HOH C 3 .   ? 3.361   5.579   -3.963  1.00 23.21 ? 206 HOH A O   1 
HETATM 834 O O   . HOH C 3 .   ? 3.976   -8.322  12.764  1.00 22.50 ? 207 HOH A O   1 
HETATM 835 O O   . HOH C 3 .   ? -13.047 7.022   -5.706  1.00 27.52 ? 208 HOH A O   1 
HETATM 836 O O   . HOH C 3 .   ? 6.778   -8.052  4.572   1.00 26.07 ? 209 HOH A O   1 
HETATM 837 O O   . HOH C 3 .   ? 9.561   -6.368  4.656   1.00 26.20 ? 210 HOH A O   1 
HETATM 838 O O   . HOH C 3 .   ? 7.850   -6.085  -2.309  1.00 26.60 ? 211 HOH A O   1 
HETATM 839 O O   . HOH C 3 .   ? 1.818   -16.265 2.481   1.00 28.77 ? 212 HOH A O   1 
HETATM 840 O O   . HOH C 3 .   ? 10.826  -0.846  7.889   1.00 31.13 ? 213 HOH A O   1 
HETATM 841 O O   . HOH C 3 .   ? 6.125   5.220   -3.274  1.00 28.22 ? 214 HOH A O   1 
HETATM 842 O O   . HOH C 3 .   ? -2.435  4.855   -7.687  1.00 29.75 ? 215 HOH A O   1 
HETATM 843 O O   . HOH C 3 .   ? -8.821  0.938   -11.407 1.00 27.80 ? 216 HOH A O   1 
HETATM 844 O O   . HOH C 3 .   ? 4.441   11.960  0.368   1.00 30.03 ? 217 HOH A O   1 
HETATM 845 O O   . HOH C 3 .   ? -6.576  -5.884  11.586  1.00 26.88 ? 218 HOH A O   1 
HETATM 846 O O   . HOH C 3 .   ? 4.275   -13.582 8.964   1.00 30.58 ? 219 HOH A O   1 
HETATM 847 O O   . HOH C 3 .   ? 11.066  -5.396  12.181  1.00 29.67 ? 220 HOH A O   1 
HETATM 848 O O   . HOH C 3 .   ? 7.193   -12.921 -5.661  1.00 32.22 ? 221 HOH A O   1 
HETATM 849 O O   . HOH C 3 .   ? -4.022  -5.935  12.318  1.00 27.85 ? 222 HOH A O   1 
HETATM 850 O O   . HOH C 3 .   ? 4.854   12.684  6.458   1.00 27.60 ? 223 HOH A O   1 
HETATM 851 O O   . HOH C 3 .   ? -8.066  8.548   5.947   1.00 35.82 ? 224 HOH A O   1 
HETATM 852 O O   . HOH C 3 .   ? 5.904   1.977   11.103  1.00 31.67 ? 225 HOH A O   1 
HETATM 853 O O   . HOH C 3 .   ? -5.132  6.073   -7.660  1.00 29.47 ? 226 HOH A O   1 
HETATM 854 O O   . HOH C 3 .   ? -3.596  11.881  -25.664 1.00 31.03 ? 227 HOH A O   1 
HETATM 855 O O   . HOH C 3 .   ? 0.401   -1.155  17.960  1.00 33.26 ? 228 HOH A O   1 
HETATM 856 O O   . HOH C 3 .   ? -14.564 6.650   -10.882 1.00 28.25 ? 229 HOH A O   1 
HETATM 857 O O   . HOH C 3 .   ? -1.748  1.261   11.503  1.00 28.42 ? 230 HOH A O   1 
HETATM 858 O O   . HOH C 3 .   ? 1.773   9.812   9.603   1.00 37.54 ? 231 HOH A O   1 
HETATM 859 O O   . HOH C 3 .   ? 1.510   12.530  -1.493  1.00 38.86 ? 232 HOH A O   1 
HETATM 860 O O   . HOH C 3 .   ? -12.101 4.813   2.621   1.00 27.04 ? 233 HOH A O   1 
HETATM 861 O O   . HOH C 3 .   ? 3.336   -2.927  16.039  1.00 29.87 ? 234 HOH A O   1 
HETATM 862 O O   . HOH C 3 .   ? -17.394 5.850   -7.617  1.00 36.35 ? 235 HOH A O   1 
HETATM 863 O O   . HOH C 3 .   ? -0.887  11.129  7.303   1.00 35.83 ? 236 HOH A O   1 
HETATM 864 O O   . HOH C 3 .   ? 3.321   20.886  -21.537 1.00 33.82 ? 237 HOH A O   1 
HETATM 865 O O   . HOH C 3 .   ? 6.537   -1.083  10.237  1.00 33.50 ? 238 HOH A O   1 
HETATM 866 O O   . HOH C 3 .   ? 3.910   17.744  -15.311 1.00 28.03 ? 239 HOH A O   1 
HETATM 867 O O   . HOH C 3 .   ? -9.966  10.400  -1.215  1.00 30.20 ? 240 HOH A O   1 
HETATM 868 O O   . HOH C 3 .   ? 13.246  -6.236  1.731   1.00 38.52 ? 241 HOH A O   1 
HETATM 869 O O   . HOH C 3 .   ? -8.151  6.033   -10.541 1.00 33.30 ? 242 HOH A O   1 
HETATM 870 O O   . HOH C 3 .   ? 17.859  4.523   0.288   1.00 32.91 ? 243 HOH A O   1 
HETATM 871 O O   . HOH C 3 .   ? -7.921  5.292   -12.958 1.00 32.06 ? 244 HOH A O   1 
HETATM 872 O O   . HOH C 3 .   ? -10.882 1.878   1.230   1.00 31.08 ? 245 HOH A O   1 
HETATM 873 O O   . HOH C 3 .   ? -1.957  14.674  -31.112 1.00 28.20 ? 246 HOH A O   1 
HETATM 874 O O   . HOH C 3 .   ? 3.895   -12.221 11.307  1.00 38.38 ? 247 HOH A O   1 
HETATM 875 O O   . HOH C 3 .   ? -3.762  -9.253  14.475  1.00 39.09 ? 248 HOH A O   1 
HETATM 876 O O   . HOH C 3 .   ? -6.651  4.574   -8.987  1.00 33.38 ? 249 HOH A O   1 
HETATM 877 O O   . HOH C 3 .   ? -16.259 3.751   -3.591  1.00 42.13 ? 250 HOH A O   1 
HETATM 878 O O   . HOH C 3 .   ? 3.335   8.008   -5.219  1.00 34.59 ? 251 HOH A O   1 
HETATM 879 O O   . HOH C 3 .   ? -5.122  -5.097  15.429  1.00 37.45 ? 252 HOH A O   1 
HETATM 880 O O   . HOH C 3 .   ? 2.702   14.248  -15.076 1.00 32.36 ? 253 HOH A O   1 
HETATM 881 O O   . HOH C 3 .   ? 1.755   5.780   -7.989  1.00 37.31 ? 254 HOH A O   1 
HETATM 882 O O   . HOH C 3 .   ? -10.735 6.908   3.811   1.00 34.27 ? 255 HOH A O   1 
HETATM 883 O O   . HOH C 3 .   ? -4.469  -14.865 4.361   1.00 33.66 ? 256 HOH A O   1 
HETATM 884 O O   . HOH C 3 .   ? 16.020  5.354   2.560   1.00 41.06 ? 257 HOH A O   1 
HETATM 885 O O   . HOH C 3 .   ? -8.548  2.622   -13.611 1.00 30.29 ? 258 HOH A O   1 
HETATM 886 O O   . HOH C 3 .   ? 8.645   -4.134  12.712  1.00 29.63 ? 259 HOH A O   1 
HETATM 887 O O   . HOH C 3 .   ? -7.809  -2.269  -11.678 1.00 34.90 ? 260 HOH A O   1 
HETATM 888 O O   . HOH C 3 .   ? 2.273   -1.788  -8.708  1.00 44.16 ? 261 HOH A O   1 
HETATM 889 O O   . HOH C 3 .   ? -11.552 -8.603  3.498   1.00 33.54 ? 262 HOH A O   1 
HETATM 890 O O   . HOH C 3 .   ? 3.707   20.997  -25.262 1.00 30.48 ? 263 HOH A O   1 
HETATM 891 O O   . HOH C 3 .   ? 18.692  5.984   -3.763  1.00 41.18 ? 264 HOH A O   1 
HETATM 892 O O   . HOH C 3 .   ? 11.278  -3.275  -5.340  1.00 43.60 ? 265 HOH A O   1 
HETATM 893 O O   . HOH C 3 .   ? 5.902   21.949  -26.518 1.00 40.48 ? 266 HOH A O   1 
HETATM 894 O O   . HOH C 3 .   ? 6.918   -1.574  -5.637  1.00 45.38 ? 267 HOH A O   1 
HETATM 895 O O   . HOH C 3 .   ? 4.364   15.289  -13.053 1.00 34.65 ? 268 HOH A O   1 
HETATM 896 O O   . HOH C 3 .   ? -3.320  2.276   -9.083  1.00 31.88 ? 269 HOH A O   1 
HETATM 897 O O   . HOH C 3 .   ? -12.837 0.215   -10.192 1.00 34.11 ? 270 HOH A O   1 
HETATM 898 O O   . HOH C 3 .   ? 8.076   -1.265  7.477   1.00 32.52 ? 271 HOH A O   1 
HETATM 899 O O   . HOH C 3 .   ? -2.435  9.833   1.674   1.00 39.00 ? 272 HOH A O   1 
HETATM 900 O O   . HOH C 3 .   ? 11.306  2.533   4.690   1.00 40.59 ? 273 HOH A O   1 
HETATM 901 O O   . HOH C 3 .   ? 13.213  7.337   -2.904  1.00 38.04 ? 274 HOH A O   1 
HETATM 902 O O   . HOH C 3 .   ? 10.078  2.332   2.475   1.00 43.74 ? 275 HOH A O   1 
HETATM 903 O O   . HOH C 3 .   ? -11.863 -5.936  -5.955  1.00 35.01 ? 276 HOH A O   1 
HETATM 904 O O   . HOH C 3 .   ? 20.686  12.377  -1.096  1.00 42.75 ? 277 HOH A O   1 
HETATM 905 O O   . HOH C 3 .   ? -1.686  12.386  4.409   1.00 59.77 ? 278 HOH A O   1 
HETATM 906 O O   . HOH C 3 .   ? 7.010   5.722   12.357  1.00 35.36 ? 279 HOH A O   1 
HETATM 907 O O   . HOH C 3 .   ? 8.867   -3.314  5.291   1.00 41.59 ? 280 HOH A O   1 
HETATM 908 O O   . HOH C 3 .   ? -6.010  0.757   -11.327 1.00 36.95 ? 281 HOH A O   1 
HETATM 909 O O   . HOH C 3 .   ? 7.301   -0.188  5.228   1.00 43.06 ? 282 HOH A O   1 
HETATM 910 O O   . HOH C 3 .   ? 2.487   -15.743 9.545   1.00 37.57 ? 283 HOH A O   1 
HETATM 911 O O   . HOH C 3 .   ? -2.764  10.021  -1.500  1.00 39.43 ? 284 HOH A O   1 
HETATM 912 O O   . HOH C 3 .   ? -8.311  -6.045  13.636  1.00 44.40 ? 285 HOH A O   1 
HETATM 913 O O   . HOH C 3 .   ? 1.966   0.752   17.367  1.00 50.56 ? 286 HOH A O   1 
HETATM 914 O O   . HOH C 3 .   ? -6.339  7.793   9.988   1.00 45.20 ? 287 HOH A O   1 
HETATM 915 O O   . HOH C 3 .   ? 18.226  11.863  -1.183  1.00 48.99 ? 288 HOH A O   1 
HETATM 916 O O   . HOH C 3 .   ? -8.997  13.088  2.633   1.00 45.83 ? 289 HOH A O   1 
HETATM 917 O O   . HOH C 3 .   ? 6.251   24.611  -26.034 1.00 47.38 ? 290 HOH A O   1 
HETATM 918 O O   . HOH C 3 .   ? 11.826  22.031  -14.989 1.00 44.43 ? 291 HOH A O   1 
HETATM 919 O O   . HOH C 3 .   ? -9.595  -3.803  14.034  1.00 45.25 ? 292 HOH A O   1 
HETATM 920 O O   . HOH C 3 .   ? -4.830  3.264   -11.086 1.00 42.21 ? 293 HOH A O   1 
HETATM 921 O O   . HOH C 3 .   ? -14.804 5.511   2.329   1.00 41.40 ? 294 HOH A O   1 
HETATM 922 O O   . HOH C 3 .   ? 6.873   5.760   -5.918  1.00 48.52 ? 295 HOH A O   1 
HETATM 923 O O   . HOH C 3 .   ? 12.305  -2.289  9.711   1.00 36.12 ? 296 HOH A O   1 
HETATM 924 O O   . HOH C 3 .   ? -10.639 -2.549  12.138  1.00 44.64 ? 297 HOH A O   1 
HETATM 925 O O   . HOH C 3 .   ? -5.643  -13.226 12.667  1.00 50.53 ? 298 HOH A O   1 
HETATM 926 O O   . HOH C 3 .   ? 8.385   2.535   -6.258  1.00 51.64 ? 299 HOH A O   1 
HETATM 927 O O   . HOH C 3 .   ? 22.412  5.392   -4.054  1.00 49.82 ? 300 HOH A O   1 
HETATM 928 O O   . HOH C 3 .   ? 8.571   -17.181 4.472   1.00 53.16 ? 301 HOH A O   1 
HETATM 929 O O   . HOH C 3 .   ? -17.705 -4.119  -8.150  1.00 74.38 ? 302 HOH A O   1 
HETATM 930 O O   . HOH C 3 .   ? -16.190 -6.259  -7.462  1.00 62.41 ? 303 HOH A O   1 
HETATM 931 O O   . HOH C 3 .   ? -9.153  5.812   12.581  1.00 55.32 ? 304 HOH A O   1 
HETATM 932 O O   . HOH C 3 .   ? -13.774 -4.785  -7.404  1.00 50.67 ? 305 HOH A O   1 
HETATM 933 O O   . HOH C 3 .   ? -1.667  -5.091  -8.743  1.00 35.26 ? 306 HOH A O   1 
HETATM 934 O O   . HOH C 3 .   ? -4.269  -3.018  -12.683 1.00 49.26 ? 307 HOH A O   1 
HETATM 935 O O   . HOH C 3 .   ? 13.559  -6.826  9.132   1.00 48.00 ? 308 HOH A O   1 
HETATM 936 O O   . HOH C 3 .   ? -12.122 8.100   -3.006  1.00 52.76 ? 309 HOH A O   1 
HETATM 937 O O   . HOH C 3 .   ? -3.137  -13.033 12.083  1.00 44.28 ? 310 HOH A O   1 
# 
loop_
_pdbx_poly_seq_scheme.asym_id 
_pdbx_poly_seq_scheme.entity_id 
_pdbx_poly_seq_scheme.seq_id 
_pdbx_poly_seq_scheme.mon_id 
_pdbx_poly_seq_scheme.ndb_seq_num 
_pdbx_poly_seq_scheme.pdb_seq_num 
_pdbx_poly_seq_scheme.auth_seq_num 
_pdbx_poly_seq_scheme.pdb_mon_id 
_pdbx_poly_seq_scheme.auth_mon_id 
_pdbx_poly_seq_scheme.pdb_strand_id 
_pdbx_poly_seq_scheme.pdb_ins_code 
_pdbx_poly_seq_scheme.hetero 
A 1 1   GLY 1   14  14  GLY GLY A . n 
A 1 2   SER 2   15  15  SER SER A . n 
A 1 3   HIS 3   16  16  HIS HIS A . n 
A 1 4   MET 4   17  17  MET MET A . n 
A 1 5   ILE 5   18  18  ILE ILE A . n 
A 1 6   TRP 6   19  19  TRP TRP A . n 
A 1 7   GLU 7   20  20  GLU GLU A . n 
A 1 8   GLN 8   21  21  GLN GLN A . n 
A 1 9   HIS 9   22  22  HIS HIS A . n 
A 1 10  THR 10  23  23  THR THR A . n 
A 1 11  VAL 11  24  24  VAL VAL A . n 
A 1 12  THR 12  25  25  THR THR A . n 
A 1 13  LEU 13  26  26  LEU LEU A . n 
A 1 14  HIS 14  27  27  HIS HIS A . n 
A 1 15  ARG 15  28  28  ARG ARG A . n 
A 1 16  ALA 16  29  29  ALA ALA A . n 
A 1 17  PRO 17  30  30  PRO PRO A . n 
A 1 18  GLY 18  31  31  GLY GLY A . n 
A 1 19  PHE 19  32  32  PHE PHE A . n 
A 1 20  GLY 20  33  33  GLY GLY A . n 
A 1 21  PHE 21  34  34  PHE PHE A . n 
A 1 22  GLY 22  35  35  GLY GLY A . n 
A 1 23  ILE 23  36  36  ILE ILE A . n 
A 1 24  ALA 24  37  37  ALA ALA A . n 
A 1 25  ILE 25  38  38  ILE ILE A . n 
A 1 26  SER 26  39  39  SER SER A . n 
A 1 27  GLY 27  40  40  GLY GLY A . n 
A 1 28  GLY 28  41  41  GLY GLY A . n 
A 1 29  ARG 29  42  42  ARG ARG A . n 
A 1 30  ASP 30  43  43  ASP ASP A . n 
A 1 31  ASN 31  44  44  ASN ASN A . n 
A 1 32  PRO 32  45  45  PRO PRO A . n 
A 1 33  HIS 33  46  46  HIS HIS A . n 
A 1 34  PHE 34  47  47  PHE PHE A . n 
A 1 35  GLN 35  48  48  GLN GLN A . n 
A 1 36  SER 36  49  49  SER SER A . n 
A 1 37  GLY 37  50  50  GLY GLY A . n 
A 1 38  GLU 38  51  51  GLU GLU A . n 
A 1 39  THR 39  52  52  THR THR A . n 
A 1 40  SER 40  53  53  SER SER A . n 
A 1 41  ILE 41  54  54  ILE ILE A . n 
A 1 42  VAL 42  55  55  VAL VAL A . n 
A 1 43  ILE 43  56  56  ILE ILE A . n 
A 1 44  SER 44  57  57  SER SER A . n 
A 1 45  ASP 45  58  58  ASP ASP A . n 
A 1 46  VAL 46  59  59  VAL VAL A . n 
A 1 47  LEU 47  60  60  LEU LEU A . n 
A 1 48  LYS 48  61  61  LYS LYS A . n 
A 1 49  GLY 49  62  62  GLY GLY A . n 
A 1 50  GLY 50  63  63  GLY GLY A . n 
A 1 51  PRO 51  64  64  PRO PRO A . n 
A 1 52  ALA 52  65  65  ALA ALA A . n 
A 1 53  GLU 53  66  66  GLU GLU A . n 
A 1 54  GLY 54  67  67  GLY GLY A . n 
A 1 55  GLN 55  68  68  GLN GLN A . n 
A 1 56  LEU 56  69  69  LEU LEU A . n 
A 1 57  GLN 57  70  70  GLN GLN A . n 
A 1 58  GLU 58  71  71  GLU GLU A . n 
A 1 59  ASN 59  72  72  ASN ASN A . n 
A 1 60  ASP 60  73  73  ASP ASP A . n 
A 1 61  ARG 61  74  74  ARG ARG A . n 
A 1 62  VAL 62  75  75  VAL VAL A . n 
A 1 63  ALA 63  76  76  ALA ALA A . n 
A 1 64  MET 64  77  77  MET MET A . n 
A 1 65  VAL 65  78  78  VAL VAL A . n 
A 1 66  ASN 66  79  79  ASN ASN A . n 
A 1 67  GLY 67  80  80  GLY GLY A . n 
A 1 68  VAL 68  81  81  VAL VAL A . n 
A 1 69  SER 69  82  82  SER SER A . n 
A 1 70  MET 70  83  83  MET MET A . n 
A 1 71  ASP 71  84  84  ASP ASP A . n 
A 1 72  ASN 72  85  85  ASN ASN A . n 
A 1 73  VAL 73  86  86  VAL VAL A . n 
A 1 74  GLU 74  87  87  GLU GLU A . n 
A 1 75  HIS 75  88  88  HIS HIS A . n 
A 1 76  ALA 76  89  89  ALA ALA A . n 
A 1 77  PHE 77  90  90  PHE PHE A . n 
A 1 78  ALA 78  91  91  ALA ALA A . n 
A 1 79  VAL 79  92  92  VAL VAL A . n 
A 1 80  GLN 80  93  93  GLN GLN A . n 
A 1 81  GLN 81  94  94  GLN GLN A . n 
A 1 82  LEU 82  95  95  LEU LEU A . n 
A 1 83  ARG 83  96  96  ARG ARG A . n 
A 1 84  LYS 84  97  97  LYS LYS A . n 
A 1 85  SER 85  98  98  SER SER A . n 
A 1 86  GLY 86  99  99  GLY GLY A . n 
A 1 87  LYS 87  100 100 LYS LYS A . n 
A 1 88  ASN 88  101 101 ASN ASN A . n 
A 1 89  ALA 89  102 102 ALA ALA A . n 
A 1 90  LYS 90  103 103 LYS LYS A . n 
A 1 91  ILE 91  104 104 ILE ILE A . n 
A 1 92  THR 92  105 105 THR THR A . n 
A 1 93  ILE 93  106 106 ILE ILE A . n 
A 1 94  ARG 94  107 107 ARG ARG A . n 
A 1 95  ARG 95  108 108 ARG ARG A . n 
A 1 96  LYS 96  109 109 LYS LYS A . n 
A 1 97  LYS 97  110 110 LYS LYS A . n 
A 1 98  GLY 98  111 111 GLY GLY A . n 
A 1 99  GLY 99  112 112 GLY GLY A . n 
A 1 100 GLY 100 113 113 GLY GLY A . n 
A 1 101 TRP 101 114 114 TRP TRP A . n 
A 1 102 ARG 102 115 115 ARG ARG A . n 
A 1 103 ARG 103 116 116 ARG ARG A . n 
A 1 104 THR 104 117 117 THR THR A . n 
A 1 105 THR 105 118 118 THR THR A . n 
A 1 106 TYR 106 119 119 TYR TYR A . n 
A 1 107 LEU 107 120 120 LEU LEU A . n 
# 
loop_
_pdbx_nonpoly_scheme.asym_id 
_pdbx_nonpoly_scheme.entity_id 
_pdbx_nonpoly_scheme.mon_id 
_pdbx_nonpoly_scheme.ndb_seq_num 
_pdbx_nonpoly_scheme.pdb_seq_num 
_pdbx_nonpoly_scheme.auth_seq_num 
_pdbx_nonpoly_scheme.pdb_mon_id 
_pdbx_nonpoly_scheme.auth_mon_id 
_pdbx_nonpoly_scheme.pdb_strand_id 
_pdbx_nonpoly_scheme.pdb_ins_code 
B 2 ACY 1   201 201 ACY ACY A . 
C 3 HOH 1   202 1   HOH HOH A . 
C 3 HOH 2   203 2   HOH HOH A . 
C 3 HOH 3   204 3   HOH HOH A . 
C 3 HOH 4   205 4   HOH HOH A . 
C 3 HOH 5   206 5   HOH HOH A . 
C 3 HOH 6   207 6   HOH HOH A . 
C 3 HOH 7   208 7   HOH HOH A . 
C 3 HOH 8   209 8   HOH HOH A . 
C 3 HOH 9   210 9   HOH HOH A . 
C 3 HOH 10  211 10  HOH HOH A . 
C 3 HOH 11  212 11  HOH HOH A . 
C 3 HOH 12  213 12  HOH HOH A . 
C 3 HOH 13  214 13  HOH HOH A . 
C 3 HOH 14  215 14  HOH HOH A . 
C 3 HOH 15  216 15  HOH HOH A . 
C 3 HOH 16  217 16  HOH HOH A . 
C 3 HOH 17  218 17  HOH HOH A . 
C 3 HOH 18  219 18  HOH HOH A . 
C 3 HOH 19  220 19  HOH HOH A . 
C 3 HOH 20  221 20  HOH HOH A . 
C 3 HOH 21  222 21  HOH HOH A . 
C 3 HOH 22  223 22  HOH HOH A . 
C 3 HOH 23  224 23  HOH HOH A . 
C 3 HOH 24  225 24  HOH HOH A . 
C 3 HOH 25  226 25  HOH HOH A . 
C 3 HOH 26  227 26  HOH HOH A . 
C 3 HOH 27  228 27  HOH HOH A . 
C 3 HOH 28  229 28  HOH HOH A . 
C 3 HOH 29  230 29  HOH HOH A . 
C 3 HOH 30  231 30  HOH HOH A . 
C 3 HOH 31  232 31  HOH HOH A . 
C 3 HOH 32  233 32  HOH HOH A . 
C 3 HOH 33  234 33  HOH HOH A . 
C 3 HOH 34  235 34  HOH HOH A . 
C 3 HOH 35  236 35  HOH HOH A . 
C 3 HOH 36  237 36  HOH HOH A . 
C 3 HOH 37  238 37  HOH HOH A . 
C 3 HOH 38  239 38  HOH HOH A . 
C 3 HOH 39  240 39  HOH HOH A . 
C 3 HOH 40  241 40  HOH HOH A . 
C 3 HOH 41  242 41  HOH HOH A . 
C 3 HOH 42  243 42  HOH HOH A . 
C 3 HOH 43  244 43  HOH HOH A . 
C 3 HOH 44  245 44  HOH HOH A . 
C 3 HOH 45  246 45  HOH HOH A . 
C 3 HOH 46  247 46  HOH HOH A . 
C 3 HOH 47  248 47  HOH HOH A . 
C 3 HOH 48  249 48  HOH HOH A . 
C 3 HOH 49  250 49  HOH HOH A . 
C 3 HOH 50  251 50  HOH HOH A . 
C 3 HOH 51  252 51  HOH HOH A . 
C 3 HOH 52  253 52  HOH HOH A . 
C 3 HOH 53  254 53  HOH HOH A . 
C 3 HOH 54  255 54  HOH HOH A . 
C 3 HOH 55  256 55  HOH HOH A . 
C 3 HOH 56  257 56  HOH HOH A . 
C 3 HOH 57  258 57  HOH HOH A . 
C 3 HOH 58  259 58  HOH HOH A . 
C 3 HOH 59  260 59  HOH HOH A . 
C 3 HOH 60  261 60  HOH HOH A . 
C 3 HOH 61  262 61  HOH HOH A . 
C 3 HOH 62  263 62  HOH HOH A . 
C 3 HOH 63  264 63  HOH HOH A . 
C 3 HOH 64  265 64  HOH HOH A . 
C 3 HOH 65  266 65  HOH HOH A . 
C 3 HOH 66  267 66  HOH HOH A . 
C 3 HOH 67  268 67  HOH HOH A . 
C 3 HOH 68  269 68  HOH HOH A . 
C 3 HOH 69  270 69  HOH HOH A . 
C 3 HOH 70  271 70  HOH HOH A . 
C 3 HOH 71  272 71  HOH HOH A . 
C 3 HOH 72  273 72  HOH HOH A . 
C 3 HOH 73  274 73  HOH HOH A . 
C 3 HOH 74  275 74  HOH HOH A . 
C 3 HOH 75  276 75  HOH HOH A . 
C 3 HOH 76  277 76  HOH HOH A . 
C 3 HOH 77  278 77  HOH HOH A . 
C 3 HOH 78  279 78  HOH HOH A . 
C 3 HOH 79  280 79  HOH HOH A . 
C 3 HOH 80  281 80  HOH HOH A . 
C 3 HOH 81  282 81  HOH HOH A . 
C 3 HOH 82  283 82  HOH HOH A . 
C 3 HOH 83  284 83  HOH HOH A . 
C 3 HOH 84  285 84  HOH HOH A . 
C 3 HOH 85  286 85  HOH HOH A . 
C 3 HOH 86  287 86  HOH HOH A . 
C 3 HOH 87  288 87  HOH HOH A . 
C 3 HOH 88  289 88  HOH HOH A . 
C 3 HOH 89  290 89  HOH HOH A . 
C 3 HOH 90  291 90  HOH HOH A . 
C 3 HOH 91  292 91  HOH HOH A . 
C 3 HOH 92  293 92  HOH HOH A . 
C 3 HOH 93  294 93  HOH HOH A . 
C 3 HOH 94  295 94  HOH HOH A . 
C 3 HOH 95  296 95  HOH HOH A . 
C 3 HOH 96  297 96  HOH HOH A . 
C 3 HOH 97  298 97  HOH HOH A . 
C 3 HOH 98  299 98  HOH HOH A . 
C 3 HOH 99  300 99  HOH HOH A . 
C 3 HOH 100 301 100 HOH HOH A . 
C 3 HOH 101 302 101 HOH HOH A . 
C 3 HOH 102 303 102 HOH HOH A . 
C 3 HOH 103 304 103 HOH HOH A . 
C 3 HOH 104 305 104 HOH HOH A . 
C 3 HOH 105 306 105 HOH HOH A . 
C 3 HOH 106 307 106 HOH HOH A . 
C 3 HOH 107 308 107 HOH HOH A . 
C 3 HOH 108 309 109 HOH HOH A . 
C 3 HOH 109 310 110 HOH HOH A . 
# 
_pdbx_struct_assembly.id                   1 
_pdbx_struct_assembly.details              author_and_software_defined_assembly 
_pdbx_struct_assembly.method_details       PISA,PQS 
_pdbx_struct_assembly.oligomeric_details   dimeric 
_pdbx_struct_assembly.oligomeric_count     2 
# 
_pdbx_struct_assembly_gen.assembly_id       1 
_pdbx_struct_assembly_gen.oper_expression   1,2 
_pdbx_struct_assembly_gen.asym_id_list      A,B,C 
# 
loop_
_pdbx_struct_assembly_prop.biol_id 
_pdbx_struct_assembly_prop.type 
_pdbx_struct_assembly_prop.value 
_pdbx_struct_assembly_prop.details 
1 'ABSA (A^2)' 3170  ? 
1 MORE         -12   ? 
1 'SSA (A^2)'  12130 ? 
# 
loop_
_pdbx_struct_oper_list.id 
_pdbx_struct_oper_list.type 
_pdbx_struct_oper_list.name 
_pdbx_struct_oper_list.symmetry_operation 
_pdbx_struct_oper_list.matrix[1][1] 
_pdbx_struct_oper_list.matrix[1][2] 
_pdbx_struct_oper_list.matrix[1][3] 
_pdbx_struct_oper_list.vector[1] 
_pdbx_struct_oper_list.matrix[2][1] 
_pdbx_struct_oper_list.matrix[2][2] 
_pdbx_struct_oper_list.matrix[2][3] 
_pdbx_struct_oper_list.vector[2] 
_pdbx_struct_oper_list.matrix[3][1] 
_pdbx_struct_oper_list.matrix[3][2] 
_pdbx_struct_oper_list.matrix[3][3] 
_pdbx_struct_oper_list.vector[3] 
1 'identity operation'         1_555 x,y,z  1.0000000000 0.0000000000  0.0000000000 0.0000000000 0.0000000000  1.0000000000  0.0000000000  0.0000000000 0.0000000000 0.0000000000  1.0000000000  0.0000000000   
2 'crystal symmetry operation' 7_555 y,x,-z 0.8330411114 -0.0466838108 0.5512378149 7.2563273212 -0.0466838108 -0.9988110587 -0.0140389005 6.7566934860 0.5512378149 -0.0140389005 -0.8342300526 -23.5573789485 
# 
_pdbx_struct_special_symmetry.id              1 
_pdbx_struct_special_symmetry.PDB_model_num   1 
_pdbx_struct_special_symmetry.auth_asym_id    A 
_pdbx_struct_special_symmetry.auth_comp_id    ACY 
_pdbx_struct_special_symmetry.auth_seq_id     201 
_pdbx_struct_special_symmetry.PDB_ins_code    ? 
_pdbx_struct_special_symmetry.label_asym_id   B 
_pdbx_struct_special_symmetry.label_comp_id   ACY 
_pdbx_struct_special_symmetry.label_seq_id    . 
# 
loop_
_pdbx_audit_revision_history.ordinal 
_pdbx_audit_revision_history.data_content_type 
_pdbx_audit_revision_history.major_revision 
_pdbx_audit_revision_history.minor_revision 
_pdbx_audit_revision_history.revision_date 
1 'Structure model' 1 0 2006-06-13 
2 'Structure model' 1 1 2008-05-01 
3 'Structure model' 1 2 2011-07-13 
4 'Structure model' 1 3 2017-10-18 
5 'Structure model' 1 4 2018-01-24 
6 'Structure model' 1 5 2023-08-30 
# 
_pdbx_audit_revision_details.ordinal             1 
_pdbx_audit_revision_details.revision_ordinal    1 
_pdbx_audit_revision_details.data_content_type   'Structure model' 
_pdbx_audit_revision_details.provider            repository 
_pdbx_audit_revision_details.type                'Initial release' 
_pdbx_audit_revision_details.description         ? 
_pdbx_audit_revision_details.details             ? 
# 
loop_
_pdbx_audit_revision_group.ordinal 
_pdbx_audit_revision_group.revision_ordinal 
_pdbx_audit_revision_group.data_content_type 
_pdbx_audit_revision_group.group 
1  2 'Structure model' 'Version format compliance' 
2  3 'Structure model' Advisory                    
3  3 'Structure model' 'Derived calculations'      
4  3 'Structure model' 'Version format compliance' 
5  4 'Structure model' 'Refinement description'    
6  5 'Structure model' 'Database references'       
7  6 'Structure model' 'Data collection'           
8  6 'Structure model' 'Database references'       
9  6 'Structure model' 'Derived calculations'      
10 6 'Structure model' 'Refinement description'    
# 
loop_
_pdbx_audit_revision_category.ordinal 
_pdbx_audit_revision_category.revision_ordinal 
_pdbx_audit_revision_category.data_content_type 
_pdbx_audit_revision_category.category 
1 4 'Structure model' software                      
2 5 'Structure model' citation_author               
3 6 'Structure model' chem_comp_atom                
4 6 'Structure model' chem_comp_bond                
5 6 'Structure model' database_2                    
6 6 'Structure model' pdbx_initial_refinement_model 
7 6 'Structure model' struct_ref_seq_dif            
8 6 'Structure model' struct_site                   
# 
loop_
_pdbx_audit_revision_item.ordinal 
_pdbx_audit_revision_item.revision_ordinal 
_pdbx_audit_revision_item.data_content_type 
_pdbx_audit_revision_item.item 
1 5 'Structure model' '_citation_author.name'               
2 6 'Structure model' '_database_2.pdbx_DOI'                
3 6 'Structure model' '_database_2.pdbx_database_accession' 
4 6 'Structure model' '_struct_ref_seq_dif.details'         
5 6 'Structure model' '_struct_site.pdbx_auth_asym_id'      
6 6 'Structure model' '_struct_site.pdbx_auth_comp_id'      
7 6 'Structure model' '_struct_site.pdbx_auth_seq_id'       
# 
loop_
_pdbx_refine_tls.id 
_pdbx_refine_tls.details 
_pdbx_refine_tls.method 
_pdbx_refine_tls.origin_x 
_pdbx_refine_tls.origin_y 
_pdbx_refine_tls.origin_z 
_pdbx_refine_tls.T[1][1] 
_pdbx_refine_tls.T[2][2] 
_pdbx_refine_tls.T[3][3] 
_pdbx_refine_tls.T[1][2] 
_pdbx_refine_tls.T[1][3] 
_pdbx_refine_tls.T[2][3] 
_pdbx_refine_tls.L[1][1] 
_pdbx_refine_tls.L[2][2] 
_pdbx_refine_tls.L[3][3] 
_pdbx_refine_tls.L[1][2] 
_pdbx_refine_tls.L[1][3] 
_pdbx_refine_tls.L[2][3] 
_pdbx_refine_tls.S[1][1] 
_pdbx_refine_tls.S[2][2] 
_pdbx_refine_tls.S[3][3] 
_pdbx_refine_tls.S[1][2] 
_pdbx_refine_tls.S[1][3] 
_pdbx_refine_tls.S[2][3] 
_pdbx_refine_tls.S[2][1] 
_pdbx_refine_tls.S[3][1] 
_pdbx_refine_tls.S[3][2] 
_pdbx_refine_tls.pdbx_refine_id 
1 ? refined -0.0474 -1.3391 1.6836   -0.0288 -0.0421 -0.0496 -0.0102 -0.0202 0.0101  1.2591 0.8967 1.9620 0.0124 0.9801 0.1837 0.0253 0.0071 -0.0324 0.0002  0.0230 0.0764 -0.0019 0.0447  0.1178 'X-RAY DIFFRACTION' 
2 ? refined 4.3637  16.9183 -19.4254 -0.0095 0.0011  0.0121  -0.0074 0.0405  -0.0273 7.2293 3.0112 4.4365 1.7332 2.0667 1.3303 0.0351 0.0483 -0.0834 -0.3709 0.4373 0.1495 0.0315  -0.3282 0.1445 'X-RAY DIFFRACTION' 
# 
loop_
_pdbx_refine_tls_group.id 
_pdbx_refine_tls_group.refine_tls_id 
_pdbx_refine_tls_group.beg_label_asym_id 
_pdbx_refine_tls_group.beg_label_seq_id 
_pdbx_refine_tls_group.end_label_asym_id 
_pdbx_refine_tls_group.end_label_seq_id 
_pdbx_refine_tls_group.selection 
_pdbx_refine_tls_group.beg_auth_asym_id 
_pdbx_refine_tls_group.beg_auth_seq_id 
_pdbx_refine_tls_group.end_auth_asym_id 
_pdbx_refine_tls_group.end_auth_seq_id 
_pdbx_refine_tls_group.pdbx_refine_id 
_pdbx_refine_tls_group.selection_details 
1 1 A 1   A 99  ALL A 14  A 112 'X-RAY DIFFRACTION' ? 
2 2 A 100 A 107 ALL A 113 A 120 'X-RAY DIFFRACTION' ? 
# 
loop_
_software.name 
_software.version 
_software.date 
_software.type 
_software.contact_author 
_software.contact_author_email 
_software.classification 
_software.location 
_software.language 
_software.citation_id 
_software.pdbx_ordinal 
DENZO       .     ?                package 'Zbyszek Otwinowski' zbyszek@mix.swmed.edu       'data reduction'  
http://www.lnls.br/infra/linhasluz/denzo-hkl.htm ?          ? 1 
SCALEPACK   .     ?                package 'Zbyszek Otwinowski' zbyszek@mix.swmed.edu       'data scaling'    
http://www.lnls.br/infra/linhasluz/denzo-hkl.htm ?          ? 2 
PHASER      .     ?                other   'R. J. Read'         cimr-phaser@lists.cam.ac.uk phasing           
http://www-structmed.cimr.cam.ac.uk/phaser/      ?          ? 3 
REFMAC      .     ?                program 'Murshudov, G.N.'    ccp4@dl.ac.uk               refinement        
http://www.ccp4.ac.uk/main.html                  Fortran_77 ? 4 
PDB_EXTRACT 2.000 'April. 3, 2006' package PDB                  sw-help@rcsb.rutgers.edu    'data extraction' 
http://pdb.rutgers.edu/software/                 C++        ? 5 
# 
loop_
_pdbx_validate_torsion.id 
_pdbx_validate_torsion.PDB_model_num 
_pdbx_validate_torsion.auth_comp_id 
_pdbx_validate_torsion.auth_asym_id 
_pdbx_validate_torsion.auth_seq_id 
_pdbx_validate_torsion.PDB_ins_code 
_pdbx_validate_torsion.label_alt_id 
_pdbx_validate_torsion.phi 
_pdbx_validate_torsion.psi 
1 1 ASN A 44 ? ? -146.71 56.65 
2 1 ASN A 72 ? ? 84.13   1.91  
# 
loop_
_chem_comp_atom.comp_id 
_chem_comp_atom.atom_id 
_chem_comp_atom.type_symbol 
_chem_comp_atom.pdbx_aromatic_flag 
_chem_comp_atom.pdbx_stereo_config 
_chem_comp_atom.pdbx_ordinal 
ACY C    C N N 1   
ACY O    O N N 2   
ACY OXT  O N N 3   
ACY CH3  C N N 4   
ACY HXT  H N N 5   
ACY H1   H N N 6   
ACY H2   H N N 7   
ACY H3   H N N 8   
ALA N    N N N 9   
ALA CA   C N S 10  
ALA C    C N N 11  
ALA O    O N N 12  
ALA CB   C N N 13  
ALA OXT  O N N 14  
ALA H    H N N 15  
ALA H2   H N N 16  
ALA HA   H N N 17  
ALA HB1  H N N 18  
ALA HB2  H N N 19  
ALA HB3  H N N 20  
ALA HXT  H N N 21  
ARG N    N N N 22  
ARG CA   C N S 23  
ARG C    C N N 24  
ARG O    O N N 25  
ARG CB   C N N 26  
ARG CG   C N N 27  
ARG CD   C N N 28  
ARG NE   N N N 29  
ARG CZ   C N N 30  
ARG NH1  N N N 31  
ARG NH2  N N N 32  
ARG OXT  O N N 33  
ARG H    H N N 34  
ARG H2   H N N 35  
ARG HA   H N N 36  
ARG HB2  H N N 37  
ARG HB3  H N N 38  
ARG HG2  H N N 39  
ARG HG3  H N N 40  
ARG HD2  H N N 41  
ARG HD3  H N N 42  
ARG HE   H N N 43  
ARG HH11 H N N 44  
ARG HH12 H N N 45  
ARG HH21 H N N 46  
ARG HH22 H N N 47  
ARG HXT  H N N 48  
ASN N    N N N 49  
ASN CA   C N S 50  
ASN C    C N N 51  
ASN O    O N N 52  
ASN CB   C N N 53  
ASN CG   C N N 54  
ASN OD1  O N N 55  
ASN ND2  N N N 56  
ASN OXT  O N N 57  
ASN H    H N N 58  
ASN H2   H N N 59  
ASN HA   H N N 60  
ASN HB2  H N N 61  
ASN HB3  H N N 62  
ASN HD21 H N N 63  
ASN HD22 H N N 64  
ASN HXT  H N N 65  
ASP N    N N N 66  
ASP CA   C N S 67  
ASP C    C N N 68  
ASP O    O N N 69  
ASP CB   C N N 70  
ASP CG   C N N 71  
ASP OD1  O N N 72  
ASP OD2  O N N 73  
ASP OXT  O N N 74  
ASP H    H N N 75  
ASP H2   H N N 76  
ASP HA   H N N 77  
ASP HB2  H N N 78  
ASP HB3  H N N 79  
ASP HD2  H N N 80  
ASP HXT  H N N 81  
GLN N    N N N 82  
GLN CA   C N S 83  
GLN C    C N N 84  
GLN O    O N N 85  
GLN CB   C N N 86  
GLN CG   C N N 87  
GLN CD   C N N 88  
GLN OE1  O N N 89  
GLN NE2  N N N 90  
GLN OXT  O N N 91  
GLN H    H N N 92  
GLN H2   H N N 93  
GLN HA   H N N 94  
GLN HB2  H N N 95  
GLN HB3  H N N 96  
GLN HG2  H N N 97  
GLN HG3  H N N 98  
GLN HE21 H N N 99  
GLN HE22 H N N 100 
GLN HXT  H N N 101 
GLU N    N N N 102 
GLU CA   C N S 103 
GLU C    C N N 104 
GLU O    O N N 105 
GLU CB   C N N 106 
GLU CG   C N N 107 
GLU CD   C N N 108 
GLU OE1  O N N 109 
GLU OE2  O N N 110 
GLU OXT  O N N 111 
GLU H    H N N 112 
GLU H2   H N N 113 
GLU HA   H N N 114 
GLU HB2  H N N 115 
GLU HB3  H N N 116 
GLU HG2  H N N 117 
GLU HG3  H N N 118 
GLU HE2  H N N 119 
GLU HXT  H N N 120 
GLY N    N N N 121 
GLY CA   C N N 122 
GLY C    C N N 123 
GLY O    O N N 124 
GLY OXT  O N N 125 
GLY H    H N N 126 
GLY H2   H N N 127 
GLY HA2  H N N 128 
GLY HA3  H N N 129 
GLY HXT  H N N 130 
HIS N    N N N 131 
HIS CA   C N S 132 
HIS C    C N N 133 
HIS O    O N N 134 
HIS CB   C N N 135 
HIS CG   C Y N 136 
HIS ND1  N Y N 137 
HIS CD2  C Y N 138 
HIS CE1  C Y N 139 
HIS NE2  N Y N 140 
HIS OXT  O N N 141 
HIS H    H N N 142 
HIS H2   H N N 143 
HIS HA   H N N 144 
HIS HB2  H N N 145 
HIS HB3  H N N 146 
HIS HD1  H N N 147 
HIS HD2  H N N 148 
HIS HE1  H N N 149 
HIS HE2  H N N 150 
HIS HXT  H N N 151 
HOH O    O N N 152 
HOH H1   H N N 153 
HOH H2   H N N 154 
ILE N    N N N 155 
ILE CA   C N S 156 
ILE C    C N N 157 
ILE O    O N N 158 
ILE CB   C N S 159 
ILE CG1  C N N 160 
ILE CG2  C N N 161 
ILE CD1  C N N 162 
ILE OXT  O N N 163 
ILE H    H N N 164 
ILE H2   H N N 165 
ILE HA   H N N 166 
ILE HB   H N N 167 
ILE HG12 H N N 168 
ILE HG13 H N N 169 
ILE HG21 H N N 170 
ILE HG22 H N N 171 
ILE HG23 H N N 172 
ILE HD11 H N N 173 
ILE HD12 H N N 174 
ILE HD13 H N N 175 
ILE HXT  H N N 176 
LEU N    N N N 177 
LEU CA   C N S 178 
LEU C    C N N 179 
LEU O    O N N 180 
LEU CB   C N N 181 
LEU CG   C N N 182 
LEU CD1  C N N 183 
LEU CD2  C N N 184 
LEU OXT  O N N 185 
LEU H    H N N 186 
LEU H2   H N N 187 
LEU HA   H N N 188 
LEU HB2  H N N 189 
LEU HB3  H N N 190 
LEU HG   H N N 191 
LEU HD11 H N N 192 
LEU HD12 H N N 193 
LEU HD13 H N N 194 
LEU HD21 H N N 195 
LEU HD22 H N N 196 
LEU HD23 H N N 197 
LEU HXT  H N N 198 
LYS N    N N N 199 
LYS CA   C N S 200 
LYS C    C N N 201 
LYS O    O N N 202 
LYS CB   C N N 203 
LYS CG   C N N 204 
LYS CD   C N N 205 
LYS CE   C N N 206 
LYS NZ   N N N 207 
LYS OXT  O N N 208 
LYS H    H N N 209 
LYS H2   H N N 210 
LYS HA   H N N 211 
LYS HB2  H N N 212 
LYS HB3  H N N 213 
LYS HG2  H N N 214 
LYS HG3  H N N 215 
LYS HD2  H N N 216 
LYS HD3  H N N 217 
LYS HE2  H N N 218 
LYS HE3  H N N 219 
LYS HZ1  H N N 220 
LYS HZ2  H N N 221 
LYS HZ3  H N N 222 
LYS HXT  H N N 223 
MET N    N N N 224 
MET CA   C N S 225 
MET C    C N N 226 
MET O    O N N 227 
MET CB   C N N 228 
MET CG   C N N 229 
MET SD   S N N 230 
MET CE   C N N 231 
MET OXT  O N N 232 
MET H    H N N 233 
MET H2   H N N 234 
MET HA   H N N 235 
MET HB2  H N N 236 
MET HB3  H N N 237 
MET HG2  H N N 238 
MET HG3  H N N 239 
MET HE1  H N N 240 
MET HE2  H N N 241 
MET HE3  H N N 242 
MET HXT  H N N 243 
PHE N    N N N 244 
PHE CA   C N S 245 
PHE C    C N N 246 
PHE O    O N N 247 
PHE CB   C N N 248 
PHE CG   C Y N 249 
PHE CD1  C Y N 250 
PHE CD2  C Y N 251 
PHE CE1  C Y N 252 
PHE CE2  C Y N 253 
PHE CZ   C Y N 254 
PHE OXT  O N N 255 
PHE H    H N N 256 
PHE H2   H N N 257 
PHE HA   H N N 258 
PHE HB2  H N N 259 
PHE HB3  H N N 260 
PHE HD1  H N N 261 
PHE HD2  H N N 262 
PHE HE1  H N N 263 
PHE HE2  H N N 264 
PHE HZ   H N N 265 
PHE HXT  H N N 266 
PRO N    N N N 267 
PRO CA   C N S 268 
PRO C    C N N 269 
PRO O    O N N 270 
PRO CB   C N N 271 
PRO CG   C N N 272 
PRO CD   C N N 273 
PRO OXT  O N N 274 
PRO H    H N N 275 
PRO HA   H N N 276 
PRO HB2  H N N 277 
PRO HB3  H N N 278 
PRO HG2  H N N 279 
PRO HG3  H N N 280 
PRO HD2  H N N 281 
PRO HD3  H N N 282 
PRO HXT  H N N 283 
SER N    N N N 284 
SER CA   C N S 285 
SER C    C N N 286 
SER O    O N N 287 
SER CB   C N N 288 
SER OG   O N N 289 
SER OXT  O N N 290 
SER H    H N N 291 
SER H2   H N N 292 
SER HA   H N N 293 
SER HB2  H N N 294 
SER HB3  H N N 295 
SER HG   H N N 296 
SER HXT  H N N 297 
THR N    N N N 298 
THR CA   C N S 299 
THR C    C N N 300 
THR O    O N N 301 
THR CB   C N R 302 
THR OG1  O N N 303 
THR CG2  C N N 304 
THR OXT  O N N 305 
THR H    H N N 306 
THR H2   H N N 307 
THR HA   H N N 308 
THR HB   H N N 309 
THR HG1  H N N 310 
THR HG21 H N N 311 
THR HG22 H N N 312 
THR HG23 H N N 313 
THR HXT  H N N 314 
TRP N    N N N 315 
TRP CA   C N S 316 
TRP C    C N N 317 
TRP O    O N N 318 
TRP CB   C N N 319 
TRP CG   C Y N 320 
TRP CD1  C Y N 321 
TRP CD2  C Y N 322 
TRP NE1  N Y N 323 
TRP CE2  C Y N 324 
TRP CE3  C Y N 325 
TRP CZ2  C Y N 326 
TRP CZ3  C Y N 327 
TRP CH2  C Y N 328 
TRP OXT  O N N 329 
TRP H    H N N 330 
TRP H2   H N N 331 
TRP HA   H N N 332 
TRP HB2  H N N 333 
TRP HB3  H N N 334 
TRP HD1  H N N 335 
TRP HE1  H N N 336 
TRP HE3  H N N 337 
TRP HZ2  H N N 338 
TRP HZ3  H N N 339 
TRP HH2  H N N 340 
TRP HXT  H N N 341 
TYR N    N N N 342 
TYR CA   C N S 343 
TYR C    C N N 344 
TYR O    O N N 345 
TYR CB   C N N 346 
TYR CG   C Y N 347 
TYR CD1  C Y N 348 
TYR CD2  C Y N 349 
TYR CE1  C Y N 350 
TYR CE2  C Y N 351 
TYR CZ   C Y N 352 
TYR OH   O N N 353 
TYR OXT  O N N 354 
TYR H    H N N 355 
TYR H2   H N N 356 
TYR HA   H N N 357 
TYR HB2  H N N 358 
TYR HB3  H N N 359 
TYR HD1  H N N 360 
TYR HD2  H N N 361 
TYR HE1  H N N 362 
TYR HE2  H N N 363 
TYR HH   H N N 364 
TYR HXT  H N N 365 
VAL N    N N N 366 
VAL CA   C N S 367 
VAL C    C N N 368 
VAL O    O N N 369 
VAL CB   C N N 370 
VAL CG1  C N N 371 
VAL CG2  C N N 372 
VAL OXT  O N N 373 
VAL H    H N N 374 
VAL H2   H N N 375 
VAL HA   H N N 376 
VAL HB   H N N 377 
VAL HG11 H N N 378 
VAL HG12 H N N 379 
VAL HG13 H N N 380 
VAL HG21 H N N 381 
VAL HG22 H N N 382 
VAL HG23 H N N 383 
VAL HXT  H N N 384 
# 
loop_
_chem_comp_bond.comp_id 
_chem_comp_bond.atom_id_1 
_chem_comp_bond.atom_id_2 
_chem_comp_bond.value_order 
_chem_comp_bond.pdbx_aromatic_flag 
_chem_comp_bond.pdbx_stereo_config 
_chem_comp_bond.pdbx_ordinal 
ACY C   O    doub N N 1   
ACY C   OXT  sing N N 2   
ACY C   CH3  sing N N 3   
ACY OXT HXT  sing N N 4   
ACY CH3 H1   sing N N 5   
ACY CH3 H2   sing N N 6   
ACY CH3 H3   sing N N 7   
ALA N   CA   sing N N 8   
ALA N   H    sing N N 9   
ALA N   H2   sing N N 10  
ALA CA  C    sing N N 11  
ALA CA  CB   sing N N 12  
ALA CA  HA   sing N N 13  
ALA C   O    doub N N 14  
ALA C   OXT  sing N N 15  
ALA CB  HB1  sing N N 16  
ALA CB  HB2  sing N N 17  
ALA CB  HB3  sing N N 18  
ALA OXT HXT  sing N N 19  
ARG N   CA   sing N N 20  
ARG N   H    sing N N 21  
ARG N   H2   sing N N 22  
ARG CA  C    sing N N 23  
ARG CA  CB   sing N N 24  
ARG CA  HA   sing N N 25  
ARG C   O    doub N N 26  
ARG C   OXT  sing N N 27  
ARG CB  CG   sing N N 28  
ARG CB  HB2  sing N N 29  
ARG CB  HB3  sing N N 30  
ARG CG  CD   sing N N 31  
ARG CG  HG2  sing N N 32  
ARG CG  HG3  sing N N 33  
ARG CD  NE   sing N N 34  
ARG CD  HD2  sing N N 35  
ARG CD  HD3  sing N N 36  
ARG NE  CZ   sing N N 37  
ARG NE  HE   sing N N 38  
ARG CZ  NH1  sing N N 39  
ARG CZ  NH2  doub N N 40  
ARG NH1 HH11 sing N N 41  
ARG NH1 HH12 sing N N 42  
ARG NH2 HH21 sing N N 43  
ARG NH2 HH22 sing N N 44  
ARG OXT HXT  sing N N 45  
ASN N   CA   sing N N 46  
ASN N   H    sing N N 47  
ASN N   H2   sing N N 48  
ASN CA  C    sing N N 49  
ASN CA  CB   sing N N 50  
ASN CA  HA   sing N N 51  
ASN C   O    doub N N 52  
ASN C   OXT  sing N N 53  
ASN CB  CG   sing N N 54  
ASN CB  HB2  sing N N 55  
ASN CB  HB3  sing N N 56  
ASN CG  OD1  doub N N 57  
ASN CG  ND2  sing N N 58  
ASN ND2 HD21 sing N N 59  
ASN ND2 HD22 sing N N 60  
ASN OXT HXT  sing N N 61  
ASP N   CA   sing N N 62  
ASP N   H    sing N N 63  
ASP N   H2   sing N N 64  
ASP CA  C    sing N N 65  
ASP CA  CB   sing N N 66  
ASP CA  HA   sing N N 67  
ASP C   O    doub N N 68  
ASP C   OXT  sing N N 69  
ASP CB  CG   sing N N 70  
ASP CB  HB2  sing N N 71  
ASP CB  HB3  sing N N 72  
ASP CG  OD1  doub N N 73  
ASP CG  OD2  sing N N 74  
ASP OD2 HD2  sing N N 75  
ASP OXT HXT  sing N N 76  
GLN N   CA   sing N N 77  
GLN N   H    sing N N 78  
GLN N   H2   sing N N 79  
GLN CA  C    sing N N 80  
GLN CA  CB   sing N N 81  
GLN CA  HA   sing N N 82  
GLN C   O    doub N N 83  
GLN C   OXT  sing N N 84  
GLN CB  CG   sing N N 85  
GLN CB  HB2  sing N N 86  
GLN CB  HB3  sing N N 87  
GLN CG  CD   sing N N 88  
GLN CG  HG2  sing N N 89  
GLN CG  HG3  sing N N 90  
GLN CD  OE1  doub N N 91  
GLN CD  NE2  sing N N 92  
GLN NE2 HE21 sing N N 93  
GLN NE2 HE22 sing N N 94  
GLN OXT HXT  sing N N 95  
GLU N   CA   sing N N 96  
GLU N   H    sing N N 97  
GLU N   H2   sing N N 98  
GLU CA  C    sing N N 99  
GLU CA  CB   sing N N 100 
GLU CA  HA   sing N N 101 
GLU C   O    doub N N 102 
GLU C   OXT  sing N N 103 
GLU CB  CG   sing N N 104 
GLU CB  HB2  sing N N 105 
GLU CB  HB3  sing N N 106 
GLU CG  CD   sing N N 107 
GLU CG  HG2  sing N N 108 
GLU CG  HG3  sing N N 109 
GLU CD  OE1  doub N N 110 
GLU CD  OE2  sing N N 111 
GLU OE2 HE2  sing N N 112 
GLU OXT HXT  sing N N 113 
GLY N   CA   sing N N 114 
GLY N   H    sing N N 115 
GLY N   H2   sing N N 116 
GLY CA  C    sing N N 117 
GLY CA  HA2  sing N N 118 
GLY CA  HA3  sing N N 119 
GLY C   O    doub N N 120 
GLY C   OXT  sing N N 121 
GLY OXT HXT  sing N N 122 
HIS N   CA   sing N N 123 
HIS N   H    sing N N 124 
HIS N   H2   sing N N 125 
HIS CA  C    sing N N 126 
HIS CA  CB   sing N N 127 
HIS CA  HA   sing N N 128 
HIS C   O    doub N N 129 
HIS C   OXT  sing N N 130 
HIS CB  CG   sing N N 131 
HIS CB  HB2  sing N N 132 
HIS CB  HB3  sing N N 133 
HIS CG  ND1  sing Y N 134 
HIS CG  CD2  doub Y N 135 
HIS ND1 CE1  doub Y N 136 
HIS ND1 HD1  sing N N 137 
HIS CD2 NE2  sing Y N 138 
HIS CD2 HD2  sing N N 139 
HIS CE1 NE2  sing Y N 140 
HIS CE1 HE1  sing N N 141 
HIS NE2 HE2  sing N N 142 
HIS OXT HXT  sing N N 143 
HOH O   H1   sing N N 144 
HOH O   H2   sing N N 145 
ILE N   CA   sing N N 146 
ILE N   H    sing N N 147 
ILE N   H2   sing N N 148 
ILE CA  C    sing N N 149 
ILE CA  CB   sing N N 150 
ILE CA  HA   sing N N 151 
ILE C   O    doub N N 152 
ILE C   OXT  sing N N 153 
ILE CB  CG1  sing N N 154 
ILE CB  CG2  sing N N 155 
ILE CB  HB   sing N N 156 
ILE CG1 CD1  sing N N 157 
ILE CG1 HG12 sing N N 158 
ILE CG1 HG13 sing N N 159 
ILE CG2 HG21 sing N N 160 
ILE CG2 HG22 sing N N 161 
ILE CG2 HG23 sing N N 162 
ILE CD1 HD11 sing N N 163 
ILE CD1 HD12 sing N N 164 
ILE CD1 HD13 sing N N 165 
ILE OXT HXT  sing N N 166 
LEU N   CA   sing N N 167 
LEU N   H    sing N N 168 
LEU N   H2   sing N N 169 
LEU CA  C    sing N N 170 
LEU CA  CB   sing N N 171 
LEU CA  HA   sing N N 172 
LEU C   O    doub N N 173 
LEU C   OXT  sing N N 174 
LEU CB  CG   sing N N 175 
LEU CB  HB2  sing N N 176 
LEU CB  HB3  sing N N 177 
LEU CG  CD1  sing N N 178 
LEU CG  CD2  sing N N 179 
LEU CG  HG   sing N N 180 
LEU CD1 HD11 sing N N 181 
LEU CD1 HD12 sing N N 182 
LEU CD1 HD13 sing N N 183 
LEU CD2 HD21 sing N N 184 
LEU CD2 HD22 sing N N 185 
LEU CD2 HD23 sing N N 186 
LEU OXT HXT  sing N N 187 
LYS N   CA   sing N N 188 
LYS N   H    sing N N 189 
LYS N   H2   sing N N 190 
LYS CA  C    sing N N 191 
LYS CA  CB   sing N N 192 
LYS CA  HA   sing N N 193 
LYS C   O    doub N N 194 
LYS C   OXT  sing N N 195 
LYS CB  CG   sing N N 196 
LYS CB  HB2  sing N N 197 
LYS CB  HB3  sing N N 198 
LYS CG  CD   sing N N 199 
LYS CG  HG2  sing N N 200 
LYS CG  HG3  sing N N 201 
LYS CD  CE   sing N N 202 
LYS CD  HD2  sing N N 203 
LYS CD  HD3  sing N N 204 
LYS CE  NZ   sing N N 205 
LYS CE  HE2  sing N N 206 
LYS CE  HE3  sing N N 207 
LYS NZ  HZ1  sing N N 208 
LYS NZ  HZ2  sing N N 209 
LYS NZ  HZ3  sing N N 210 
LYS OXT HXT  sing N N 211 
MET N   CA   sing N N 212 
MET N   H    sing N N 213 
MET N   H2   sing N N 214 
MET CA  C    sing N N 215 
MET CA  CB   sing N N 216 
MET CA  HA   sing N N 217 
MET C   O    doub N N 218 
MET C   OXT  sing N N 219 
MET CB  CG   sing N N 220 
MET CB  HB2  sing N N 221 
MET CB  HB3  sing N N 222 
MET CG  SD   sing N N 223 
MET CG  HG2  sing N N 224 
MET CG  HG3  sing N N 225 
MET SD  CE   sing N N 226 
MET CE  HE1  sing N N 227 
MET CE  HE2  sing N N 228 
MET CE  HE3  sing N N 229 
MET OXT HXT  sing N N 230 
PHE N   CA   sing N N 231 
PHE N   H    sing N N 232 
PHE N   H2   sing N N 233 
PHE CA  C    sing N N 234 
PHE CA  CB   sing N N 235 
PHE CA  HA   sing N N 236 
PHE C   O    doub N N 237 
PHE C   OXT  sing N N 238 
PHE CB  CG   sing N N 239 
PHE CB  HB2  sing N N 240 
PHE CB  HB3  sing N N 241 
PHE CG  CD1  doub Y N 242 
PHE CG  CD2  sing Y N 243 
PHE CD1 CE1  sing Y N 244 
PHE CD1 HD1  sing N N 245 
PHE CD2 CE2  doub Y N 246 
PHE CD2 HD2  sing N N 247 
PHE CE1 CZ   doub Y N 248 
PHE CE1 HE1  sing N N 249 
PHE CE2 CZ   sing Y N 250 
PHE CE2 HE2  sing N N 251 
PHE CZ  HZ   sing N N 252 
PHE OXT HXT  sing N N 253 
PRO N   CA   sing N N 254 
PRO N   CD   sing N N 255 
PRO N   H    sing N N 256 
PRO CA  C    sing N N 257 
PRO CA  CB   sing N N 258 
PRO CA  HA   sing N N 259 
PRO C   O    doub N N 260 
PRO C   OXT  sing N N 261 
PRO CB  CG   sing N N 262 
PRO CB  HB2  sing N N 263 
PRO CB  HB3  sing N N 264 
PRO CG  CD   sing N N 265 
PRO CG  HG2  sing N N 266 
PRO CG  HG3  sing N N 267 
PRO CD  HD2  sing N N 268 
PRO CD  HD3  sing N N 269 
PRO OXT HXT  sing N N 270 
SER N   CA   sing N N 271 
SER N   H    sing N N 272 
SER N   H2   sing N N 273 
SER CA  C    sing N N 274 
SER CA  CB   sing N N 275 
SER CA  HA   sing N N 276 
SER C   O    doub N N 277 
SER C   OXT  sing N N 278 
SER CB  OG   sing N N 279 
SER CB  HB2  sing N N 280 
SER CB  HB3  sing N N 281 
SER OG  HG   sing N N 282 
SER OXT HXT  sing N N 283 
THR N   CA   sing N N 284 
THR N   H    sing N N 285 
THR N   H2   sing N N 286 
THR CA  C    sing N N 287 
THR CA  CB   sing N N 288 
THR CA  HA   sing N N 289 
THR C   O    doub N N 290 
THR C   OXT  sing N N 291 
THR CB  OG1  sing N N 292 
THR CB  CG2  sing N N 293 
THR CB  HB   sing N N 294 
THR OG1 HG1  sing N N 295 
THR CG2 HG21 sing N N 296 
THR CG2 HG22 sing N N 297 
THR CG2 HG23 sing N N 298 
THR OXT HXT  sing N N 299 
TRP N   CA   sing N N 300 
TRP N   H    sing N N 301 
TRP N   H2   sing N N 302 
TRP CA  C    sing N N 303 
TRP CA  CB   sing N N 304 
TRP CA  HA   sing N N 305 
TRP C   O    doub N N 306 
TRP C   OXT  sing N N 307 
TRP CB  CG   sing N N 308 
TRP CB  HB2  sing N N 309 
TRP CB  HB3  sing N N 310 
TRP CG  CD1  doub Y N 311 
TRP CG  CD2  sing Y N 312 
TRP CD1 NE1  sing Y N 313 
TRP CD1 HD1  sing N N 314 
TRP CD2 CE2  doub Y N 315 
TRP CD2 CE3  sing Y N 316 
TRP NE1 CE2  sing Y N 317 
TRP NE1 HE1  sing N N 318 
TRP CE2 CZ2  sing Y N 319 
TRP CE3 CZ3  doub Y N 320 
TRP CE3 HE3  sing N N 321 
TRP CZ2 CH2  doub Y N 322 
TRP CZ2 HZ2  sing N N 323 
TRP CZ3 CH2  sing Y N 324 
TRP CZ3 HZ3  sing N N 325 
TRP CH2 HH2  sing N N 326 
TRP OXT HXT  sing N N 327 
TYR N   CA   sing N N 328 
TYR N   H    sing N N 329 
TYR N   H2   sing N N 330 
TYR CA  C    sing N N 331 
TYR CA  CB   sing N N 332 
TYR CA  HA   sing N N 333 
TYR C   O    doub N N 334 
TYR C   OXT  sing N N 335 
TYR CB  CG   sing N N 336 
TYR CB  HB2  sing N N 337 
TYR CB  HB3  sing N N 338 
TYR CG  CD1  doub Y N 339 
TYR CG  CD2  sing Y N 340 
TYR CD1 CE1  sing Y N 341 
TYR CD1 HD1  sing N N 342 
TYR CD2 CE2  doub Y N 343 
TYR CD2 HD2  sing N N 344 
TYR CE1 CZ   doub Y N 345 
TYR CE1 HE1  sing N N 346 
TYR CE2 CZ   sing Y N 347 
TYR CE2 HE2  sing N N 348 
TYR CZ  OH   sing N N 349 
TYR OH  HH   sing N N 350 
TYR OXT HXT  sing N N 351 
VAL N   CA   sing N N 352 
VAL N   H    sing N N 353 
VAL N   H2   sing N N 354 
VAL CA  C    sing N N 355 
VAL CA  CB   sing N N 356 
VAL CA  HA   sing N N 357 
VAL C   O    doub N N 358 
VAL C   OXT  sing N N 359 
VAL CB  CG1  sing N N 360 
VAL CB  CG2  sing N N 361 
VAL CB  HB   sing N N 362 
VAL CG1 HG11 sing N N 363 
VAL CG1 HG12 sing N N 364 
VAL CG1 HG13 sing N N 365 
VAL CG2 HG21 sing N N 366 
VAL CG2 HG22 sing N N 367 
VAL CG2 HG23 sing N N 368 
VAL OXT HXT  sing N N 369 
# 
loop_
_pdbx_entity_nonpoly.entity_id 
_pdbx_entity_nonpoly.name 
_pdbx_entity_nonpoly.comp_id 
2 'ACETIC ACID' ACY 
3 water         HOH 
# 
_pdbx_initial_refinement_model.id               1 
_pdbx_initial_refinement_model.entity_id_list   ? 
_pdbx_initial_refinement_model.type             'experimental model' 
_pdbx_initial_refinement_model.source_name      PDB 
_pdbx_initial_refinement_model.accession_code   2H3M 
_pdbx_initial_refinement_model.details          'PDB Entry: 2H3M' 
# 
